data_9JOP
#
_entry.id   9JOP
#
_cell.length_a   123.640
_cell.length_b   123.640
_cell.length_c   107.070
_cell.angle_alpha   90.00
_cell.angle_beta   90.00
_cell.angle_gamma   90.00
#
_symmetry.space_group_name_H-M   'P 42'
#
loop_
_entity.id
_entity.type
_entity.pdbx_description
1 polymer 'ATP-dependent Clp protease proteolytic subunit'
2 non-polymer DI(HYDROXYETHYL)ETHER
3 non-polymer (12~{R})-7-[(4-chlorophenyl)methyl]-12-(ethoxymethyl)-11-[(3-fluorophenyl)methyl]-2,5,7,11-tetrazatricyclo[7.4.0.0^{2,6}]trideca-1(9),5-dien-8-one
4 water water
#
_entity_poly.entity_id   1
_entity_poly.type   'polypeptide(L)'
_entity_poly.pdbx_seq_one_letter_code
;SMNLIPTVIETTNRGERAYDIYSRLLKDRIIMLGSQIDDNVANSIVSQLLFLQAQDSEKDIYLYINSPGGSVTAGFAIYD
TIQHIKPDVQTICIGMAASMGSFLLAAGAKGKRFALPNAEVMIHQPLGGAQGQATEIEIAANHILKTREKLNRILSERTG
QSIEKIQKDTDRDNFLTAEEAKEYGLIDEVMVPETK
;
_entity_poly.pdbx_strand_id   H,I,J,K,L,M,N
#
# COMPACT_ATOMS: atom_id res chain seq x y z
N LEU A 4 3.51 -3.64 13.89
CA LEU A 4 4.53 -3.50 12.86
C LEU A 4 5.86 -4.05 13.35
N ILE A 5 6.84 -4.12 12.45
CA ILE A 5 8.18 -4.57 12.82
C ILE A 5 8.84 -3.45 13.62
N PRO A 6 9.18 -3.68 14.89
CA PRO A 6 9.77 -2.62 15.70
C PRO A 6 11.19 -2.29 15.25
N THR A 7 11.63 -1.10 15.62
CA THR A 7 12.99 -0.64 15.36
C THR A 7 13.78 -0.67 16.67
N VAL A 8 14.98 -1.23 16.63
CA VAL A 8 15.84 -1.38 17.80
C VAL A 8 17.08 -0.51 17.61
N ILE A 9 17.54 0.10 18.71
CA ILE A 9 18.77 0.88 18.71
C ILE A 9 19.85 0.07 19.40
N GLU A 10 21.01 -0.07 18.73
CA GLU A 10 22.13 -0.88 19.23
C GLU A 10 21.83 -2.38 19.05
N ARG A 14 26.28 -1.34 21.34
CA ARG A 14 27.42 -0.54 20.88
C ARG A 14 27.03 0.92 20.67
N GLY A 15 27.41 1.48 19.52
CA GLY A 15 27.05 2.84 19.17
C GLY A 15 25.57 2.97 18.88
N GLU A 16 25.17 4.20 18.55
CA GLU A 16 23.75 4.47 18.27
C GLU A 16 23.47 4.12 16.82
N ARG A 17 22.86 2.96 16.61
CA ARG A 17 22.45 2.48 15.30
C ARG A 17 21.03 1.95 15.41
N ALA A 18 20.25 2.13 14.34
CA ALA A 18 18.85 1.71 14.33
C ALA A 18 18.61 0.71 13.20
N TYR A 19 18.00 -0.42 13.55
CA TYR A 19 17.66 -1.48 12.62
C TYR A 19 16.22 -1.91 12.86
N ASP A 20 15.58 -2.43 11.83
CA ASP A 20 14.38 -3.23 12.06
C ASP A 20 14.77 -4.52 12.77
N ILE A 21 13.82 -5.09 13.53
CA ILE A 21 14.19 -6.15 14.45
C ILE A 21 14.80 -7.34 13.71
N TYR A 22 14.32 -7.63 12.50
CA TYR A 22 14.81 -8.80 11.79
C TYR A 22 16.19 -8.56 11.17
N SER A 23 16.46 -7.36 10.66
CA SER A 23 17.81 -7.07 10.23
C SER A 23 18.78 -7.15 11.40
N ARG A 24 18.32 -6.78 12.60
CA ARG A 24 19.17 -6.94 13.78
C ARG A 24 19.45 -8.41 14.05
N LEU A 25 18.45 -9.28 13.85
CA LEU A 25 18.68 -10.71 14.01
C LEU A 25 19.76 -11.20 13.07
N LEU A 26 19.71 -10.78 11.80
CA LEU A 26 20.68 -11.23 10.82
C LEU A 26 22.10 -10.80 11.20
N LYS A 27 22.23 -9.64 11.85
CA LYS A 27 23.55 -9.20 12.30
C LYS A 27 24.17 -10.17 13.27
N ASP A 28 23.35 -10.95 14.00
CA ASP A 28 23.82 -12.02 14.86
C ASP A 28 23.79 -13.39 14.18
N ARG A 29 23.70 -13.42 12.85
CA ARG A 29 23.71 -14.65 12.07
C ARG A 29 22.49 -15.52 12.35
N ILE A 30 21.36 -14.90 12.68
CA ILE A 30 20.10 -15.58 12.92
C ILE A 30 19.18 -15.29 11.75
N ILE A 31 18.61 -16.35 11.16
CA ILE A 31 17.66 -16.24 10.05
C ILE A 31 16.31 -16.73 10.54
N MET A 32 15.26 -15.97 10.27
CA MET A 32 13.93 -16.29 10.76
C MET A 32 13.13 -16.92 9.64
N LEU A 33 12.79 -18.20 9.81
CA LEU A 33 11.84 -18.89 8.92
C LEU A 33 10.52 -18.96 9.67
N GLY A 34 9.76 -17.87 9.57
CA GLY A 34 8.59 -17.73 10.41
C GLY A 34 7.29 -17.55 9.67
N SER A 35 7.17 -18.15 8.49
CA SER A 35 5.95 -18.04 7.71
C SER A 35 5.81 -19.26 6.82
N GLN A 36 4.68 -19.32 6.12
CA GLN A 36 4.49 -20.34 5.11
C GLN A 36 5.58 -20.23 4.06
N ILE A 37 6.04 -21.37 3.58
CA ILE A 37 7.20 -21.43 2.68
C ILE A 37 6.70 -21.39 1.24
N ASP A 38 6.89 -20.26 0.58
CA ASP A 38 6.70 -20.16 -0.87
C ASP A 38 8.03 -19.83 -1.53
N ASP A 39 7.98 -19.61 -2.85
CA ASP A 39 9.22 -19.35 -3.57
C ASP A 39 9.88 -18.07 -3.05
N ASN A 40 9.09 -17.03 -2.77
CA ASN A 40 9.65 -15.77 -2.31
C ASN A 40 10.35 -15.93 -0.96
N VAL A 41 9.75 -16.69 -0.04
CA VAL A 41 10.37 -16.94 1.26
C VAL A 41 11.66 -17.72 1.08
N ALA A 42 11.64 -18.75 0.24
CA ALA A 42 12.82 -19.57 0.04
C ALA A 42 13.94 -18.77 -0.60
N ASN A 43 13.62 -17.95 -1.60
CA ASN A 43 14.66 -17.17 -2.25
C ASN A 43 15.32 -16.21 -1.27
N SER A 44 14.53 -15.61 -0.38
CA SER A 44 15.12 -14.73 0.62
C SER A 44 16.04 -15.49 1.58
N ILE A 45 15.61 -16.68 2.03
CA ILE A 45 16.42 -17.43 2.99
C ILE A 45 17.69 -17.97 2.34
N VAL A 46 17.59 -18.42 1.09
CA VAL A 46 18.79 -18.83 0.36
C VAL A 46 19.77 -17.68 0.29
N SER A 47 19.28 -16.47 -0.02
CA SER A 47 20.17 -15.32 -0.12
C SER A 47 20.79 -14.96 1.23
N GLN A 48 20.01 -15.05 2.30
CA GLN A 48 20.57 -14.76 3.61
C GLN A 48 21.67 -15.76 3.97
N LEU A 49 21.45 -17.04 3.66
CA LEU A 49 22.45 -18.05 3.97
C LEU A 49 23.75 -17.80 3.21
N LEU A 50 23.64 -17.46 1.94
CA LEU A 50 24.84 -17.19 1.15
C LEU A 50 25.52 -15.92 1.63
N PHE A 51 24.74 -14.91 2.01
CA PHE A 51 25.33 -13.67 2.51
C PHE A 51 26.08 -13.92 3.81
N LEU A 52 25.52 -14.72 4.72
CA LEU A 52 26.18 -15.00 5.98
C LEU A 52 27.46 -15.78 5.76
N GLN A 53 27.44 -16.73 4.81
CA GLN A 53 28.67 -17.47 4.53
C GLN A 53 29.74 -16.54 3.97
N ALA A 54 29.36 -15.56 3.15
CA ALA A 54 30.33 -14.62 2.62
C ALA A 54 30.90 -13.74 3.72
N GLN A 55 30.11 -13.44 4.75
CA GLN A 55 30.64 -12.62 5.84
C GLN A 55 31.66 -13.40 6.66
N ASP A 56 31.40 -14.69 6.89
CA ASP A 56 32.27 -15.54 7.70
C ASP A 56 31.92 -16.98 7.37
N SER A 57 32.88 -17.72 6.82
CA SER A 57 32.62 -19.09 6.37
C SER A 57 32.79 -20.13 7.48
N GLU A 58 33.14 -19.72 8.70
CA GLU A 58 33.33 -20.67 9.78
C GLU A 58 32.39 -20.50 10.96
N LYS A 59 31.76 -19.34 11.13
CA LYS A 59 30.85 -19.13 12.25
C LYS A 59 29.52 -19.81 11.99
N ASP A 60 28.97 -20.41 13.04
CA ASP A 60 27.71 -21.10 12.91
C ASP A 60 26.64 -20.11 12.44
N ILE A 61 25.61 -20.65 11.81
CA ILE A 61 24.41 -19.91 11.44
C ILE A 61 23.25 -20.52 12.23
N TYR A 62 22.26 -19.69 12.55
CA TYR A 62 21.13 -20.09 13.40
C TYR A 62 19.83 -19.87 12.65
N LEU A 63 19.07 -20.94 12.44
CA LEU A 63 17.82 -20.89 11.68
C LEU A 63 16.65 -21.11 12.63
N TYR A 64 15.87 -20.05 12.85
CA TYR A 64 14.67 -20.11 13.70
C TYR A 64 13.46 -20.52 12.87
N ILE A 65 12.74 -21.55 13.32
CA ILE A 65 11.65 -22.13 12.52
C ILE A 65 10.36 -22.05 13.32
N ASN A 66 9.41 -21.28 12.81
CA ASN A 66 8.04 -21.25 13.29
C ASN A 66 7.16 -21.15 12.02
N SER A 67 6.92 -22.30 11.39
CA SER A 67 6.34 -22.32 10.06
C SER A 67 5.45 -23.52 9.83
N PRO A 68 4.31 -23.37 9.16
CA PRO A 68 3.47 -24.52 8.82
C PRO A 68 3.96 -25.28 7.60
N GLY A 69 5.08 -24.86 7.00
CA GLY A 69 5.55 -25.52 5.80
C GLY A 69 5.09 -24.80 4.56
N GLY A 70 4.96 -25.53 3.46
CA GLY A 70 4.54 -24.96 2.20
C GLY A 70 5.07 -25.79 1.04
N SER A 71 5.53 -25.07 0.00
CA SER A 71 5.95 -25.72 -1.24
C SER A 71 7.15 -26.63 -1.02
N VAL A 72 7.07 -27.83 -1.60
CA VAL A 72 8.17 -28.76 -1.42
C VAL A 72 9.41 -28.30 -2.18
N THR A 73 9.26 -27.80 -3.41
CA THR A 73 10.44 -27.36 -4.15
C THR A 73 11.10 -26.15 -3.48
N ALA A 74 10.31 -25.23 -2.93
CA ALA A 74 10.88 -24.11 -2.19
C ALA A 74 11.62 -24.58 -0.96
N GLY A 75 11.08 -25.60 -0.28
CA GLY A 75 11.77 -26.14 0.88
C GLY A 75 13.11 -26.78 0.51
N PHE A 76 13.17 -27.44 -0.65
CA PHE A 76 14.43 -28.05 -1.08
C PHE A 76 15.44 -27.00 -1.51
N ALA A 77 14.98 -25.84 -2.01
CA ALA A 77 15.91 -24.75 -2.27
C ALA A 77 16.65 -24.34 -1.01
N ILE A 78 15.94 -24.26 0.12
CA ILE A 78 16.58 -23.96 1.39
C ILE A 78 17.43 -25.14 1.84
N TYR A 79 16.89 -26.36 1.72
CA TYR A 79 17.62 -27.54 2.16
C TYR A 79 18.95 -27.65 1.44
N ASP A 80 18.96 -27.49 0.11
CA ASP A 80 20.20 -27.67 -0.65
C ASP A 80 21.21 -26.58 -0.34
N THR A 81 20.75 -25.36 -0.03
CA THR A 81 21.68 -24.30 0.31
C THR A 81 22.33 -24.56 1.67
N ILE A 82 21.54 -25.08 2.62
CA ILE A 82 22.10 -25.45 3.92
C ILE A 82 23.21 -26.47 3.75
N GLN A 83 22.96 -27.52 2.96
CA GLN A 83 23.98 -28.55 2.79
C GLN A 83 25.16 -28.05 1.97
N HIS A 84 24.95 -27.04 1.12
CA HIS A 84 26.03 -26.59 0.26
C HIS A 84 27.04 -25.72 0.98
N ILE A 85 26.58 -24.83 1.87
CA ILE A 85 27.50 -23.88 2.51
C ILE A 85 28.35 -24.59 3.56
N LYS A 86 29.48 -23.96 3.89
CA LYS A 86 30.46 -24.53 4.82
C LYS A 86 30.01 -24.43 6.27
N PRO A 87 29.51 -23.28 6.73
CA PRO A 87 29.16 -23.15 8.15
C PRO A 87 28.09 -24.13 8.55
N ASP A 88 28.15 -24.57 9.81
CA ASP A 88 27.06 -25.32 10.40
C ASP A 88 25.83 -24.42 10.51
N VAL A 89 24.66 -24.99 10.20
CA VAL A 89 23.39 -24.28 10.33
C VAL A 89 22.62 -24.96 11.46
N GLN A 90 22.47 -24.25 12.56
CA GLN A 90 21.71 -24.77 13.65
C GLN A 90 20.22 -24.50 13.40
N THR A 91 19.38 -25.35 13.91
CA THR A 91 17.94 -25.17 13.77
C THR A 91 17.28 -25.32 15.15
N ILE A 92 16.20 -24.56 15.35
CA ILE A 92 15.39 -24.67 16.56
C ILE A 92 13.94 -24.45 16.17
N CYS A 93 13.06 -25.31 16.67
CA CYS A 93 11.64 -25.14 16.46
C CYS A 93 11.08 -24.31 17.61
N ILE A 94 10.52 -23.16 17.27
CA ILE A 94 9.80 -22.32 18.24
C ILE A 94 8.34 -22.31 17.83
N GLY A 95 7.45 -22.65 18.75
CA GLY A 95 6.04 -22.70 18.40
C GLY A 95 5.60 -23.94 17.64
N MET A 96 5.80 -23.97 16.33
N MET A 96 5.82 -23.97 16.33
CA MET A 96 5.39 -25.12 15.53
CA MET A 96 5.39 -25.10 15.52
C MET A 96 6.23 -25.22 14.27
C MET A 96 6.26 -25.22 14.28
N ALA A 97 6.48 -26.46 13.84
CA ALA A 97 7.15 -26.74 12.58
C ALA A 97 6.42 -27.90 11.91
N ALA A 98 5.78 -27.63 10.77
CA ALA A 98 5.04 -28.64 10.05
C ALA A 98 5.50 -28.69 8.60
N SER A 99 5.22 -29.83 7.96
CA SER A 99 5.44 -30.00 6.52
C SER A 99 6.94 -29.74 6.26
N MET A 100 7.29 -28.94 5.24
CA MET A 100 8.70 -28.68 4.98
C MET A 100 9.37 -27.96 6.14
N GLY A 101 8.59 -27.33 7.03
CA GLY A 101 9.19 -26.71 8.19
C GLY A 101 9.85 -27.73 9.09
N SER A 102 9.18 -28.87 9.30
CA SER A 102 9.79 -29.92 10.12
C SER A 102 10.87 -30.66 9.36
N PHE A 103 10.75 -30.73 8.03
CA PHE A 103 11.81 -31.29 7.21
C PHE A 103 13.10 -30.48 7.33
N LEU A 104 12.98 -29.15 7.33
CA LEU A 104 14.16 -28.29 7.47
C LEU A 104 14.72 -28.30 8.89
N LEU A 105 13.85 -28.43 9.89
CA LEU A 105 14.33 -28.57 11.26
C LEU A 105 15.24 -29.78 11.39
N ALA A 106 14.82 -30.91 10.82
CA ALA A 106 15.62 -32.11 10.86
C ALA A 106 16.89 -32.02 10.02
N ALA A 107 17.00 -31.00 9.16
CA ALA A 107 18.13 -30.87 8.26
C ALA A 107 19.28 -30.06 8.85
N GLY A 108 19.13 -29.59 10.09
CA GLY A 108 20.19 -28.81 10.71
C GLY A 108 21.43 -29.63 10.99
N ALA A 109 22.49 -28.94 11.40
CA ALA A 109 23.75 -29.59 11.71
C ALA A 109 23.57 -30.63 12.81
N LYS A 110 24.19 -31.78 12.63
CA LYS A 110 24.07 -32.86 13.60
C LYS A 110 24.52 -32.40 14.98
N GLY A 111 23.68 -32.62 15.99
CA GLY A 111 23.95 -32.16 17.32
C GLY A 111 23.52 -30.73 17.61
N LYS A 112 23.03 -30.00 16.59
CA LYS A 112 22.63 -28.60 16.72
C LYS A 112 21.21 -28.36 16.23
N ARG A 113 20.33 -29.35 16.40
CA ARG A 113 18.90 -29.23 16.08
C ARG A 113 18.12 -29.26 17.39
N PHE A 114 17.35 -28.21 17.65
CA PHE A 114 16.70 -28.01 18.94
C PHE A 114 15.21 -27.75 18.78
N ALA A 115 14.51 -27.78 19.93
CA ALA A 115 13.13 -27.34 20.01
C ALA A 115 12.90 -26.83 21.42
N LEU A 116 12.13 -25.74 21.52
CA LEU A 116 11.74 -25.25 22.83
C LEU A 116 10.77 -26.26 23.45
N PRO A 117 10.64 -26.26 24.79
CA PRO A 117 9.92 -27.37 25.45
C PRO A 117 8.50 -27.59 24.97
N ASN A 118 7.76 -26.53 24.70
CA ASN A 118 6.35 -26.63 24.34
C ASN A 118 6.11 -26.48 22.84
N ALA A 119 7.16 -26.54 22.03
CA ALA A 119 7.06 -26.48 20.58
C ALA A 119 6.45 -27.77 20.04
N GLU A 120 5.82 -27.67 18.86
CA GLU A 120 5.16 -28.80 18.23
C GLU A 120 5.80 -29.10 16.88
N VAL A 121 5.96 -30.38 16.57
CA VAL A 121 6.48 -30.82 15.29
C VAL A 121 5.44 -31.73 14.66
N MET A 122 5.14 -31.50 13.39
CA MET A 122 4.21 -32.35 12.66
C MET A 122 4.91 -32.87 11.41
N ILE A 123 4.68 -34.14 11.10
CA ILE A 123 5.18 -34.76 9.89
C ILE A 123 4.01 -35.40 9.17
N HIS A 124 4.08 -35.41 7.84
CA HIS A 124 3.02 -35.98 7.02
C HIS A 124 3.56 -36.12 5.59
N GLN A 125 2.78 -36.75 4.74
CA GLN A 125 3.19 -36.90 3.35
C GLN A 125 2.79 -35.68 2.53
N PRO A 126 3.43 -35.44 1.39
CA PRO A 126 3.13 -34.23 0.61
C PRO A 126 1.71 -34.24 0.05
N LEU A 127 1.24 -33.03 -0.28
CA LEU A 127 -0.07 -32.80 -0.84
C LEU A 127 0.05 -32.23 -2.23
N GLY A 128 -1.00 -32.45 -3.02
CA GLY A 128 -1.00 -31.95 -4.37
C GLY A 128 -2.36 -32.12 -4.99
N GLY A 129 -2.40 -31.95 -6.30
CA GLY A 129 -3.63 -32.10 -7.03
C GLY A 129 -3.41 -32.48 -8.47
N ALA A 130 -4.48 -32.80 -9.17
CA ALA A 130 -4.39 -33.19 -10.54
C ALA A 130 -5.76 -33.26 -11.18
N GLN A 131 -5.90 -32.60 -12.33
CA GLN A 131 -7.20 -32.61 -13.06
C GLN A 131 -6.94 -32.68 -14.57
N GLY A 132 -7.56 -33.63 -15.27
CA GLY A 132 -7.40 -33.72 -16.73
C GLY A 132 -7.51 -35.15 -17.25
N GLN A 133 -6.86 -35.46 -18.37
CA GLN A 133 -6.95 -36.81 -18.99
C GLN A 133 -6.30 -37.85 -18.06
N ALA A 134 -6.62 -39.13 -18.27
CA ALA A 134 -6.08 -40.16 -17.39
C ALA A 134 -4.56 -40.11 -17.37
N THR A 135 -3.95 -39.86 -18.53
CA THR A 135 -2.48 -39.81 -18.62
C THR A 135 -1.90 -38.60 -17.89
N GLU A 136 -2.62 -37.49 -17.82
CA GLU A 136 -2.16 -36.35 -17.02
C GLU A 136 -2.26 -36.67 -15.52
N ILE A 137 -3.33 -37.34 -15.11
CA ILE A 137 -3.44 -37.76 -13.72
C ILE A 137 -2.30 -38.71 -13.35
N GLU A 138 -1.93 -39.59 -14.28
CA GLU A 138 -0.85 -40.54 -14.01
C GLU A 138 0.48 -39.81 -13.86
N ILE A 139 0.75 -38.84 -14.72
CA ILE A 139 1.98 -38.08 -14.62
C ILE A 139 2.04 -37.35 -13.28
N ALA A 140 0.93 -36.73 -12.88
CA ALA A 140 0.91 -36.00 -11.61
C ALA A 140 1.10 -36.96 -10.43
N ALA A 141 0.46 -38.12 -10.48
CA ALA A 141 0.62 -39.10 -9.40
C ALA A 141 2.03 -39.64 -9.33
N ASN A 142 2.61 -39.98 -10.49
CA ASN A 142 3.98 -40.48 -10.48
C ASN A 142 4.94 -39.46 -9.90
N HIS A 143 4.74 -38.18 -10.22
CA HIS A 143 5.64 -37.14 -9.72
C HIS A 143 5.52 -36.99 -8.21
N ILE A 144 4.29 -36.91 -7.69
CA ILE A 144 4.13 -36.71 -6.25
C ILE A 144 4.60 -37.95 -5.49
N LEU A 145 4.48 -39.15 -6.07
CA LEU A 145 5.00 -40.33 -5.39
C LEU A 145 6.52 -40.33 -5.39
N LYS A 146 7.15 -39.92 -6.49
CA LYS A 146 8.60 -39.77 -6.49
C LYS A 146 9.04 -38.73 -5.47
N THR A 147 8.30 -37.61 -5.39
CA THR A 147 8.64 -36.57 -4.42
C THR A 147 8.55 -37.09 -2.99
N ARG A 148 7.47 -37.82 -2.68
CA ARG A 148 7.33 -38.40 -1.35
C ARG A 148 8.48 -39.36 -1.05
N GLU A 149 8.86 -40.17 -2.03
CA GLU A 149 9.99 -41.09 -1.85
C GLU A 149 11.28 -40.33 -1.61
N LYS A 150 11.50 -39.23 -2.34
CA LYS A 150 12.70 -38.42 -2.13
C LYS A 150 12.73 -37.87 -0.72
N LEU A 151 11.63 -37.27 -0.27
CA LEU A 151 11.55 -36.72 1.08
C LEU A 151 11.76 -37.81 2.12
N ASN A 152 11.14 -38.98 1.93
CA ASN A 152 11.23 -40.03 2.94
C ASN A 152 12.65 -40.57 3.07
N ARG A 153 13.39 -40.67 1.95
CA ARG A 153 14.76 -41.15 2.02
C ARG A 153 15.62 -40.21 2.86
N ILE A 154 15.49 -38.90 2.66
CA ILE A 154 16.31 -37.97 3.41
C ILE A 154 15.91 -37.98 4.88
N LEU A 155 14.59 -38.01 5.17
CA LEU A 155 14.15 -38.06 6.55
C LEU A 155 14.70 -39.31 7.25
N SER A 156 14.76 -40.43 6.53
CA SER A 156 15.36 -41.63 7.10
C SER A 156 16.82 -41.39 7.45
N GLU A 157 17.56 -40.74 6.56
CA GLU A 157 18.98 -40.47 6.82
C GLU A 157 19.15 -39.51 7.98
N ARG A 158 18.28 -38.51 8.08
CA ARG A 158 18.45 -37.46 9.08
C ARG A 158 18.00 -37.88 10.46
N THR A 159 17.04 -38.80 10.57
CA THR A 159 16.52 -39.22 11.86
C THR A 159 17.10 -40.54 12.36
N GLY A 160 17.61 -41.38 11.45
CA GLY A 160 18.03 -42.71 11.83
C GLY A 160 16.94 -43.74 11.80
N GLN A 161 15.69 -43.35 11.51
CA GLN A 161 14.62 -44.31 11.39
C GLN A 161 14.62 -44.96 10.02
N SER A 162 14.08 -46.17 9.94
CA SER A 162 13.99 -46.88 8.68
C SER A 162 12.99 -46.21 7.74
N ILE A 163 13.16 -46.46 6.44
CA ILE A 163 12.22 -45.90 5.48
C ILE A 163 10.82 -46.42 5.74
N GLU A 164 10.71 -47.67 6.20
CA GLU A 164 9.39 -48.25 6.48
C GLU A 164 8.69 -47.47 7.57
N LYS A 165 9.40 -47.13 8.65
CA LYS A 165 8.77 -46.37 9.72
C LYS A 165 8.42 -44.96 9.26
N ILE A 166 9.28 -44.32 8.47
CA ILE A 166 8.95 -42.98 7.99
C ILE A 166 7.67 -43.02 7.15
N GLN A 167 7.51 -44.04 6.32
CA GLN A 167 6.33 -44.13 5.47
C GLN A 167 5.07 -44.30 6.32
N LYS A 168 5.14 -45.17 7.32
CA LYS A 168 3.97 -45.40 8.16
C LYS A 168 3.65 -44.16 8.99
N ASP A 169 4.67 -43.50 9.55
CA ASP A 169 4.44 -42.37 10.45
C ASP A 169 4.02 -41.10 9.72
N THR A 170 4.22 -41.02 8.41
CA THR A 170 3.79 -39.85 7.65
C THR A 170 2.56 -40.12 6.80
N ASP A 171 1.99 -41.32 6.86
CA ASP A 171 0.80 -41.63 6.07
C ASP A 171 -0.36 -40.71 6.44
N ARG A 172 -0.50 -40.39 7.73
CA ARG A 172 -1.47 -39.44 8.24
C ARG A 172 -0.73 -38.36 9.01
N ASP A 173 -1.45 -37.28 9.30
CA ASP A 173 -0.91 -36.19 10.11
C ASP A 173 -0.46 -36.72 11.45
N ASN A 174 0.80 -36.47 11.79
CA ASN A 174 1.39 -36.95 13.03
C ASN A 174 1.93 -35.76 13.81
N PHE A 175 1.35 -35.49 14.98
CA PHE A 175 1.81 -34.42 15.85
C PHE A 175 2.76 -34.97 16.90
N LEU A 176 3.90 -34.30 17.09
CA LEU A 176 4.89 -34.74 18.05
C LEU A 176 5.21 -33.61 19.01
N THR A 177 5.40 -33.95 20.28
CA THR A 177 5.92 -33.00 21.24
C THR A 177 7.43 -32.82 21.02
N ALA A 178 8.00 -31.82 21.69
CA ALA A 178 9.44 -31.60 21.57
C ALA A 178 10.20 -32.83 22.04
N GLU A 179 9.82 -33.36 23.20
CA GLU A 179 10.47 -34.56 23.70
C GLU A 179 10.32 -35.70 22.71
N GLU A 180 9.13 -35.87 22.16
CA GLU A 180 8.92 -36.93 21.19
C GLU A 180 9.75 -36.69 19.93
N ALA A 181 9.96 -35.43 19.55
CA ALA A 181 10.78 -35.17 18.37
C ALA A 181 12.23 -35.57 18.60
N LYS A 182 12.76 -35.39 19.83
CA LYS A 182 14.13 -35.82 20.08
C LYS A 182 14.25 -37.35 20.04
N GLU A 183 13.32 -38.04 20.69
CA GLU A 183 13.36 -39.50 20.67
C GLU A 183 13.23 -40.01 19.24
N TYR A 184 12.47 -39.31 18.40
CA TYR A 184 12.30 -39.74 17.03
C TYR A 184 13.57 -39.51 16.21
N GLY A 185 14.41 -38.56 16.60
CA GLY A 185 15.60 -38.22 15.86
C GLY A 185 15.46 -37.01 14.95
N LEU A 186 14.35 -36.26 15.03
CA LEU A 186 14.19 -35.06 14.24
C LEU A 186 14.99 -33.89 14.80
N ILE A 187 15.21 -33.86 16.11
CA ILE A 187 16.05 -32.88 16.79
C ILE A 187 17.00 -33.63 17.70
N ASP A 188 18.02 -32.92 18.19
CA ASP A 188 19.01 -33.53 19.06
C ASP A 188 18.79 -33.21 20.52
N GLU A 189 18.24 -32.05 20.84
CA GLU A 189 18.08 -31.66 22.23
C GLU A 189 16.87 -30.75 22.39
N VAL A 190 16.19 -30.91 23.53
CA VAL A 190 15.14 -30.00 23.95
C VAL A 190 15.82 -28.90 24.76
N MET A 191 15.75 -27.67 24.28
CA MET A 191 16.42 -26.56 24.95
C MET A 191 15.73 -26.20 26.24
N VAL A 192 16.46 -26.35 27.33
CA VAL A 192 15.88 -26.13 28.63
C VAL A 192 16.19 -24.78 29.16
N PRO A 193 15.33 -24.32 30.05
CA PRO A 193 15.53 -22.96 30.52
C PRO A 193 16.82 -22.79 31.30
N GLU A 194 17.64 -21.82 30.92
CA GLU A 194 18.89 -21.56 31.61
C GLU A 194 18.80 -20.83 32.95
N THR A 195 19.94 -20.44 33.50
CA THR A 195 19.99 -19.73 34.81
C THR A 195 18.68 -19.36 35.47
N LEU B 4 9.35 -11.24 4.43
CA LEU B 4 9.65 -9.83 4.22
C LEU B 4 11.12 -9.63 3.88
N ILE B 5 11.39 -8.97 2.75
CA ILE B 5 12.75 -8.75 2.26
C ILE B 5 13.61 -8.13 3.36
N PRO B 6 14.62 -8.83 3.87
CA PRO B 6 15.41 -8.29 4.97
C PRO B 6 16.46 -7.30 4.49
N THR B 7 16.84 -6.41 5.40
CA THR B 7 17.88 -5.44 5.14
C THR B 7 19.20 -5.97 5.68
N VAL B 8 20.25 -5.85 4.88
CA VAL B 8 21.55 -6.45 5.17
C VAL B 8 22.54 -5.36 5.48
N ILE B 9 23.34 -5.58 6.52
CA ILE B 9 24.34 -4.62 7.00
C ILE B 9 25.72 -5.23 6.78
N GLU B 10 26.54 -4.57 5.96
CA GLU B 10 27.89 -5.03 5.69
C GLU B 10 28.85 -4.42 6.71
N THR B 11 29.52 -5.28 7.47
CA THR B 11 30.44 -4.85 8.52
C THR B 11 29.68 -4.12 9.64
N GLY B 15 24.62 0.14 11.80
CA GLY B 15 25.76 -0.49 11.16
C GLY B 15 26.59 0.43 10.29
N GLU B 16 27.21 -0.14 9.25
CA GLU B 16 28.05 0.63 8.35
C GLU B 16 27.33 0.93 7.03
N ARG B 17 27.08 -0.11 6.23
CA ARG B 17 26.34 0.03 4.98
C ARG B 17 25.16 -0.95 4.98
N ALA B 18 24.02 -0.50 4.46
CA ALA B 18 22.79 -1.28 4.47
C ALA B 18 22.16 -1.33 3.09
N TYR B 19 21.70 -2.51 2.69
CA TYR B 19 20.97 -2.70 1.44
C TYR B 19 19.92 -3.79 1.65
N ASP B 20 18.95 -3.85 0.73
CA ASP B 20 18.07 -4.99 0.72
C ASP B 20 18.81 -6.19 0.14
N ILE B 21 18.36 -7.38 0.50
CA ILE B 21 19.17 -8.57 0.25
C ILE B 21 19.45 -8.73 -1.25
N TYR B 22 18.45 -8.41 -2.08
CA TYR B 22 18.61 -8.65 -3.52
C TYR B 22 19.53 -7.62 -4.17
N SER B 23 19.50 -6.36 -3.70
CA SER B 23 20.49 -5.40 -4.19
C SER B 23 21.89 -5.78 -3.76
N ARG B 24 22.03 -6.41 -2.58
CA ARG B 24 23.36 -6.86 -2.18
C ARG B 24 23.84 -8.01 -3.06
N LEU B 25 22.94 -8.90 -3.45
CA LEU B 25 23.28 -9.95 -4.40
C LEU B 25 23.79 -9.35 -5.70
N LEU B 26 23.04 -8.38 -6.26
CA LEU B 26 23.46 -7.75 -7.51
C LEU B 26 24.88 -7.19 -7.42
N LYS B 27 25.26 -6.66 -6.26
CA LYS B 27 26.63 -6.22 -6.04
C LYS B 27 27.64 -7.31 -6.37
N ASP B 28 27.31 -8.58 -6.12
CA ASP B 28 28.17 -9.69 -6.49
C ASP B 28 27.85 -10.25 -7.87
N ARG B 29 27.13 -9.49 -8.69
CA ARG B 29 26.80 -9.90 -10.06
C ARG B 29 25.87 -11.11 -10.08
N ILE B 30 24.98 -11.18 -9.10
CA ILE B 30 23.99 -12.25 -9.00
C ILE B 30 22.61 -11.65 -9.25
N ILE B 31 21.86 -12.27 -10.17
CA ILE B 31 20.50 -11.85 -10.51
C ILE B 31 19.56 -12.96 -10.08
N MET B 32 18.47 -12.60 -9.39
CA MET B 32 17.49 -13.55 -8.87
C MET B 32 16.32 -13.62 -9.85
N LEU B 33 16.16 -14.75 -10.52
CA LEU B 33 14.96 -15.06 -11.29
C LEU B 33 14.14 -16.03 -10.44
N GLY B 34 13.37 -15.47 -9.52
CA GLY B 34 12.73 -16.28 -8.50
C GLY B 34 11.23 -16.09 -8.45
N SER B 35 10.64 -15.81 -9.61
CA SER B 35 9.20 -15.60 -9.66
C SER B 35 8.69 -16.05 -11.02
N GLN B 36 7.37 -15.99 -11.17
CA GLN B 36 6.76 -16.18 -12.47
C GLN B 36 7.26 -15.11 -13.42
N ILE B 37 7.50 -15.49 -14.67
CA ILE B 37 8.10 -14.58 -15.64
C ILE B 37 6.97 -13.84 -16.37
N ASP B 38 6.85 -12.54 -16.09
CA ASP B 38 5.99 -11.66 -16.86
C ASP B 38 6.87 -10.55 -17.44
N ASP B 39 6.24 -9.55 -18.06
CA ASP B 39 6.99 -8.50 -18.73
C ASP B 39 7.82 -7.70 -17.74
N ASN B 40 7.23 -7.35 -16.59
CA ASN B 40 7.94 -6.59 -15.58
C ASN B 40 9.17 -7.36 -15.09
N VAL B 41 9.02 -8.66 -14.86
CA VAL B 41 10.17 -9.43 -14.39
C VAL B 41 11.25 -9.44 -15.47
N ALA B 42 10.87 -9.66 -16.73
CA ALA B 42 11.86 -9.68 -17.81
C ALA B 42 12.54 -8.33 -17.95
N ASN B 43 11.79 -7.23 -17.91
CA ASN B 43 12.42 -5.91 -18.12
C ASN B 43 13.44 -5.62 -17.03
N SER B 44 13.10 -6.00 -15.79
CA SER B 44 14.04 -5.85 -14.69
C SER B 44 15.32 -6.64 -14.95
N ILE B 45 15.18 -7.91 -15.32
CA ILE B 45 16.35 -8.75 -15.53
C ILE B 45 17.18 -8.23 -16.72
N VAL B 46 16.51 -7.80 -17.79
CA VAL B 46 17.24 -7.24 -18.93
C VAL B 46 18.07 -6.04 -18.48
N SER B 47 17.46 -5.13 -17.73
CA SER B 47 18.18 -3.97 -17.21
C SER B 47 19.35 -4.39 -16.33
N GLN B 48 19.15 -5.37 -15.45
CA GLN B 48 20.23 -5.81 -14.58
C GLN B 48 21.40 -6.37 -15.39
N LEU B 49 21.10 -7.20 -16.39
CA LEU B 49 22.15 -7.77 -17.24
C LEU B 49 22.96 -6.67 -17.92
N LEU B 50 22.27 -5.68 -18.49
CA LEU B 50 22.97 -4.58 -19.16
C LEU B 50 23.75 -3.74 -18.15
N PHE B 51 23.23 -3.58 -16.94
CA PHE B 51 23.96 -2.84 -15.93
C PHE B 51 25.25 -3.56 -15.56
N LEU B 52 25.19 -4.88 -15.35
CA LEU B 52 26.39 -5.61 -14.99
C LEU B 52 27.42 -5.57 -16.12
N GLN B 53 26.99 -5.71 -17.38
CA GLN B 53 27.96 -5.63 -18.46
C GLN B 53 28.64 -4.26 -18.50
N ALA B 54 27.88 -3.20 -18.19
CA ALA B 54 28.46 -1.86 -18.18
C ALA B 54 29.50 -1.69 -17.07
N GLN B 55 29.26 -2.34 -15.92
CA GLN B 55 30.26 -2.30 -14.86
C GLN B 55 31.51 -3.09 -15.24
N ASP B 56 31.32 -4.23 -15.90
CA ASP B 56 32.46 -5.05 -16.33
C ASP B 56 31.99 -5.98 -17.44
N SER B 57 32.50 -5.78 -18.65
CA SER B 57 32.06 -6.53 -19.81
C SER B 57 32.74 -7.89 -19.94
N GLU B 58 33.63 -8.25 -19.02
CA GLU B 58 34.30 -9.54 -19.10
C GLU B 58 34.02 -10.47 -17.92
N LYS B 59 33.66 -9.94 -16.76
CA LYS B 59 33.40 -10.76 -15.58
C LYS B 59 32.11 -11.56 -15.76
N ASP B 60 32.15 -12.82 -15.32
CA ASP B 60 30.96 -13.68 -15.35
C ASP B 60 29.81 -13.02 -14.60
N ILE B 61 28.59 -13.36 -15.02
CA ILE B 61 27.35 -13.00 -14.33
C ILE B 61 26.68 -14.30 -13.90
N TYR B 62 25.94 -14.24 -12.79
CA TYR B 62 25.32 -15.43 -12.18
C TYR B 62 23.82 -15.26 -12.11
N LEU B 63 23.08 -16.17 -12.77
CA LEU B 63 21.61 -16.09 -12.82
C LEU B 63 21.02 -17.25 -12.01
N TYR B 64 20.41 -16.91 -10.87
CA TYR B 64 19.75 -17.87 -9.99
C TYR B 64 18.30 -18.07 -10.43
N ILE B 65 17.91 -19.31 -10.70
CA ILE B 65 16.59 -19.62 -11.26
C ILE B 65 15.82 -20.51 -10.27
N ASN B 66 14.69 -20.01 -9.80
CA ASN B 66 13.70 -20.78 -9.04
C ASN B 66 12.34 -20.21 -9.46
N SER B 67 11.82 -20.72 -10.57
CA SER B 67 10.69 -20.10 -11.25
C SER B 67 9.90 -21.14 -12.01
N PRO B 68 8.51 -21.03 -11.98
CA PRO B 68 7.70 -21.91 -12.79
C PRO B 68 7.56 -21.51 -14.24
N GLY B 69 8.29 -20.48 -14.69
CA GLY B 69 8.15 -20.02 -16.05
C GLY B 69 7.12 -18.91 -16.18
N GLY B 70 6.52 -18.79 -17.35
CA GLY B 70 5.58 -17.73 -17.61
C GLY B 70 5.60 -17.36 -19.10
N SER B 71 5.49 -16.06 -19.36
CA SER B 71 5.33 -15.59 -20.73
C SER B 71 6.54 -15.93 -21.59
N VAL B 72 6.27 -16.52 -22.76
CA VAL B 72 7.32 -16.92 -23.69
C VAL B 72 8.06 -15.70 -24.26
N THR B 73 7.33 -14.64 -24.61
CA THR B 73 8.01 -13.46 -25.15
C THR B 73 8.85 -12.79 -24.07
N ALA B 74 8.35 -12.75 -22.84
CA ALA B 74 9.15 -12.22 -21.74
C ALA B 74 10.40 -13.08 -21.52
N GLY B 75 10.27 -14.40 -21.62
CA GLY B 75 11.42 -15.26 -21.50
C GLY B 75 12.44 -15.04 -22.61
N PHE B 76 11.98 -14.69 -23.81
CA PHE B 76 12.92 -14.46 -24.91
C PHE B 76 13.57 -13.09 -24.79
N ALA B 77 12.91 -12.12 -24.18
CA ALA B 77 13.60 -10.87 -23.85
C ALA B 77 14.85 -11.16 -23.04
N ILE B 78 14.74 -12.00 -22.01
CA ILE B 78 15.90 -12.37 -21.19
C ILE B 78 16.88 -13.20 -21.99
N TYR B 79 16.38 -14.21 -22.71
CA TYR B 79 17.26 -15.08 -23.50
C TYR B 79 18.12 -14.26 -24.46
N ASP B 80 17.49 -13.40 -25.26
CA ASP B 80 18.25 -12.63 -26.25
C ASP B 80 19.25 -11.69 -25.57
N THR B 81 18.88 -11.12 -24.41
CA THR B 81 19.84 -10.25 -23.73
C THR B 81 21.04 -11.06 -23.24
N ILE B 82 20.80 -12.26 -22.72
CA ILE B 82 21.91 -13.11 -22.31
C ILE B 82 22.86 -13.35 -23.48
N GLN B 83 22.31 -13.71 -24.64
CA GLN B 83 23.17 -14.02 -25.78
C GLN B 83 23.82 -12.78 -26.38
N HIS B 84 23.24 -11.59 -26.18
CA HIS B 84 23.81 -10.39 -26.77
C HIS B 84 25.02 -9.88 -25.99
N ILE B 85 24.99 -9.97 -24.67
CA ILE B 85 26.07 -9.36 -23.90
C ILE B 85 27.33 -10.20 -24.01
N LYS B 86 28.46 -9.59 -23.63
CA LYS B 86 29.77 -10.23 -23.73
C LYS B 86 30.02 -11.21 -22.58
N PRO B 87 29.73 -10.83 -21.33
CA PRO B 87 30.02 -11.74 -20.20
C PRO B 87 29.31 -13.08 -20.32
N ASP B 88 30.01 -14.14 -19.88
CA ASP B 88 29.35 -15.41 -19.64
C ASP B 88 28.28 -15.25 -18.57
N VAL B 89 27.13 -15.89 -18.78
CA VAL B 89 26.04 -15.90 -17.79
C VAL B 89 25.90 -17.33 -17.30
N GLN B 90 26.30 -17.58 -16.07
CA GLN B 90 26.11 -18.87 -15.50
C GLN B 90 24.66 -19.03 -15.01
N THR B 91 24.16 -20.24 -15.00
CA THR B 91 22.81 -20.49 -14.51
C THR B 91 22.82 -21.63 -13.50
N ILE B 92 21.90 -21.57 -12.55
CA ILE B 92 21.75 -22.65 -11.58
C ILE B 92 20.28 -22.79 -11.24
N CYS B 93 19.77 -24.02 -11.32
CA CYS B 93 18.41 -24.28 -10.86
C CYS B 93 18.43 -24.46 -9.34
N ILE B 94 17.68 -23.62 -8.65
CA ILE B 94 17.48 -23.68 -7.20
C ILE B 94 16.02 -24.04 -6.99
N GLY B 95 15.78 -25.20 -6.40
CA GLY B 95 14.41 -25.64 -6.15
C GLY B 95 13.67 -26.18 -7.36
N MET B 96 13.29 -25.30 -8.28
N MET B 96 13.25 -25.29 -8.26
CA MET B 96 12.46 -25.72 -9.40
CA MET B 96 12.49 -25.74 -9.42
C MET B 96 12.67 -24.76 -10.58
C MET B 96 12.71 -24.77 -10.58
N ALA B 97 12.72 -25.31 -11.79
CA ALA B 97 12.66 -24.51 -13.01
C ALA B 97 11.76 -25.23 -14.00
N ALA B 98 10.68 -24.57 -14.43
CA ALA B 98 9.75 -25.12 -15.40
C ALA B 98 9.43 -24.08 -16.46
N SER B 99 8.86 -24.55 -17.57
CA SER B 99 8.41 -23.64 -18.63
C SER B 99 9.61 -22.81 -19.06
N MET B 100 9.46 -21.50 -19.25
CA MET B 100 10.58 -20.68 -19.69
C MET B 100 11.71 -20.68 -18.66
N GLY B 101 11.41 -21.02 -17.40
CA GLY B 101 12.48 -21.07 -16.40
C GLY B 101 13.54 -22.10 -16.77
N SER B 102 13.11 -23.29 -17.17
CA SER B 102 14.06 -24.31 -17.58
C SER B 102 14.68 -24.01 -18.94
N PHE B 103 13.94 -23.37 -19.83
CA PHE B 103 14.52 -22.92 -21.09
C PHE B 103 15.69 -21.97 -20.85
N LEU B 104 15.52 -21.03 -19.91
CA LEU B 104 16.61 -20.11 -19.58
C LEU B 104 17.75 -20.82 -18.86
N LEU B 105 17.43 -21.75 -17.96
CA LEU B 105 18.48 -22.55 -17.34
C LEU B 105 19.39 -23.18 -18.39
N ALA B 106 18.79 -23.75 -19.44
CA ALA B 106 19.56 -24.39 -20.50
C ALA B 106 20.32 -23.41 -21.37
N ALA B 107 20.00 -22.11 -21.30
CA ALA B 107 20.62 -21.09 -22.13
C ALA B 107 21.85 -20.46 -21.49
N GLY B 108 22.25 -20.91 -20.30
CA GLY B 108 23.44 -20.38 -19.67
C GLY B 108 24.71 -20.77 -20.43
N ALA B 109 25.78 -20.04 -20.13
CA ALA B 109 27.07 -20.30 -20.75
C ALA B 109 27.40 -21.78 -20.69
N LYS B 110 27.86 -22.32 -21.82
CA LYS B 110 28.10 -23.76 -21.92
C LYS B 110 29.20 -24.19 -20.94
N GLY B 111 28.91 -25.23 -20.16
CA GLY B 111 29.81 -25.64 -19.10
C GLY B 111 29.56 -24.97 -17.77
N LYS B 112 28.73 -23.93 -17.72
CA LYS B 112 28.40 -23.25 -16.47
C LYS B 112 26.90 -23.27 -16.17
N ARG B 113 26.23 -24.36 -16.53
CA ARG B 113 24.82 -24.54 -16.21
C ARG B 113 24.72 -25.59 -15.11
N PHE B 114 24.12 -25.22 -13.99
CA PHE B 114 24.15 -26.03 -12.78
C PHE B 114 22.75 -26.32 -12.24
N ALA B 115 22.67 -27.32 -11.37
CA ALA B 115 21.48 -27.53 -10.54
C ALA B 115 21.93 -28.05 -9.18
N LEU B 116 21.28 -27.57 -8.12
CA LEU B 116 21.50 -28.15 -6.81
C LEU B 116 20.97 -29.58 -6.79
N PRO B 117 21.48 -30.42 -5.88
CA PRO B 117 21.21 -31.86 -5.98
C PRO B 117 19.72 -32.23 -5.96
N ASN B 118 18.91 -31.53 -5.17
CA ASN B 118 17.49 -31.87 -5.05
C ASN B 118 16.59 -30.96 -5.87
N ALA B 119 17.16 -30.12 -6.74
CA ALA B 119 16.36 -29.26 -7.60
C ALA B 119 15.65 -30.10 -8.66
N GLU B 120 14.53 -29.58 -9.17
CA GLU B 120 13.71 -30.25 -10.18
C GLU B 120 13.66 -29.41 -11.44
N VAL B 121 13.75 -30.09 -12.59
CA VAL B 121 13.62 -29.43 -13.89
C VAL B 121 12.41 -30.03 -14.60
N MET B 122 11.57 -29.16 -15.16
N MET B 122 11.59 -29.17 -15.19
CA MET B 122 10.40 -29.60 -15.91
CA MET B 122 10.40 -29.61 -15.91
C MET B 122 10.44 -28.95 -17.29
C MET B 122 10.36 -28.95 -17.28
N ILE B 123 10.18 -29.76 -18.32
CA ILE B 123 10.03 -29.26 -19.69
C ILE B 123 8.66 -29.69 -20.20
N HIS B 124 8.13 -28.92 -21.14
CA HIS B 124 6.78 -29.14 -21.65
C HIS B 124 6.59 -28.29 -22.89
N GLN B 125 5.44 -28.44 -23.54
CA GLN B 125 5.18 -27.57 -24.67
C GLN B 125 4.47 -26.29 -24.22
N PRO B 126 4.48 -25.24 -25.04
CA PRO B 126 3.84 -23.98 -24.64
C PRO B 126 2.32 -24.07 -24.57
N LEU B 127 1.74 -23.16 -23.77
CA LEU B 127 0.30 -23.10 -23.49
C LEU B 127 -0.26 -21.74 -23.94
N GLY B 128 -1.50 -21.71 -24.34
CA GLY B 128 -2.02 -20.51 -24.97
C GLY B 128 -3.51 -20.43 -24.86
N GLY B 129 -4.15 -19.98 -25.95
CA GLY B 129 -5.59 -19.77 -25.92
C GLY B 129 -6.16 -18.93 -27.05
N ALA B 130 -7.42 -19.23 -27.37
CA ALA B 130 -8.01 -18.58 -28.51
C ALA B 130 -9.52 -18.75 -28.41
N GLN B 131 -10.22 -17.68 -28.76
CA GLN B 131 -11.66 -17.67 -28.74
C GLN B 131 -12.12 -16.72 -29.83
N GLY B 132 -13.15 -17.11 -30.56
CA GLY B 132 -13.66 -16.26 -31.62
C GLY B 132 -13.99 -17.01 -32.90
N GLN B 133 -13.88 -16.32 -34.02
CA GLN B 133 -14.16 -16.92 -35.32
C GLN B 133 -13.11 -17.97 -35.67
N ALA B 134 -13.46 -18.84 -36.63
CA ALA B 134 -12.53 -19.87 -37.06
C ALA B 134 -11.22 -19.27 -37.57
N THR B 135 -11.28 -18.14 -38.26
CA THR B 135 -10.05 -17.54 -38.78
C THR B 135 -9.14 -17.09 -37.63
N GLU B 136 -9.74 -16.59 -36.54
CA GLU B 136 -8.93 -16.19 -35.38
C GLU B 136 -8.36 -17.37 -34.63
N ILE B 137 -9.11 -18.49 -34.55
CA ILE B 137 -8.53 -19.67 -33.93
C ILE B 137 -7.37 -20.19 -34.75
N GLU B 138 -7.49 -20.15 -36.08
CA GLU B 138 -6.39 -20.59 -36.93
C GLU B 138 -5.17 -19.71 -36.71
N ILE B 139 -5.38 -18.40 -36.56
CA ILE B 139 -4.24 -17.50 -36.38
C ILE B 139 -3.50 -17.84 -35.09
N ALA B 140 -4.25 -18.03 -33.99
CA ALA B 140 -3.60 -18.36 -32.72
C ALA B 140 -2.90 -19.71 -32.79
N ALA B 141 -3.53 -20.70 -33.44
CA ALA B 141 -2.92 -22.02 -33.58
C ALA B 141 -1.61 -21.93 -34.35
N ASN B 142 -1.64 -21.27 -35.51
CA ASN B 142 -0.41 -21.15 -36.29
C ASN B 142 0.67 -20.44 -35.48
N HIS B 143 0.29 -19.44 -34.70
CA HIS B 143 1.27 -18.71 -33.91
C HIS B 143 1.87 -19.58 -32.81
N ILE B 144 1.04 -20.28 -32.04
CA ILE B 144 1.60 -21.08 -30.95
C ILE B 144 2.41 -22.25 -31.50
N LEU B 145 2.01 -22.82 -32.64
CA LEU B 145 2.83 -23.88 -33.24
C LEU B 145 4.17 -23.36 -33.71
N LYS B 146 4.18 -22.17 -34.32
CA LYS B 146 5.45 -21.58 -34.71
C LYS B 146 6.32 -21.31 -33.50
N THR B 147 5.71 -20.85 -32.40
CA THR B 147 6.45 -20.60 -31.17
C THR B 147 7.06 -21.88 -30.62
N ARG B 148 6.34 -23.00 -30.74
N ARG B 148 6.34 -23.00 -30.74
CA ARG B 148 6.90 -24.26 -30.26
CA ARG B 148 6.88 -24.27 -30.26
C ARG B 148 8.09 -24.69 -31.10
C ARG B 148 8.08 -24.70 -31.10
N GLU B 149 8.01 -24.51 -32.42
CA GLU B 149 9.14 -24.86 -33.28
C GLU B 149 10.37 -24.04 -32.94
N LYS B 150 10.19 -22.75 -32.69
CA LYS B 150 11.31 -21.92 -32.28
C LYS B 150 11.90 -22.38 -30.95
N LEU B 151 11.04 -22.74 -29.98
CA LEU B 151 11.56 -23.21 -28.69
C LEU B 151 12.31 -24.53 -28.85
N ASN B 152 11.77 -25.46 -29.64
CA ASN B 152 12.38 -26.77 -29.78
C ASN B 152 13.71 -26.69 -30.51
N ARG B 153 13.82 -25.81 -31.51
CA ARG B 153 15.08 -25.70 -32.25
C ARG B 153 16.22 -25.25 -31.33
N ILE B 154 15.97 -24.21 -30.53
CA ILE B 154 17.01 -23.71 -29.63
C ILE B 154 17.33 -24.74 -28.56
N LEU B 155 16.31 -25.39 -28.01
CA LEU B 155 16.53 -26.45 -27.02
C LEU B 155 17.37 -27.57 -27.60
N SER B 156 17.16 -27.89 -28.87
CA SER B 156 17.95 -28.91 -29.54
C SER B 156 19.40 -28.46 -29.67
N GLU B 157 19.61 -27.17 -29.97
CA GLU B 157 20.97 -26.65 -30.13
C GLU B 157 21.72 -26.62 -28.81
N ARG B 158 21.03 -26.39 -27.68
CA ARG B 158 21.71 -26.20 -26.40
C ARG B 158 21.84 -27.48 -25.59
N THR B 159 21.09 -28.53 -25.94
CA THR B 159 21.18 -29.82 -25.27
C THR B 159 21.91 -30.88 -26.09
N GLY B 160 21.98 -30.73 -27.42
CA GLY B 160 22.51 -31.77 -28.26
C GLY B 160 21.50 -32.82 -28.69
N GLN B 161 20.27 -32.78 -28.19
CA GLN B 161 19.26 -33.74 -28.63
C GLN B 161 18.65 -33.27 -29.95
N SER B 162 18.11 -34.22 -30.69
CA SER B 162 17.41 -33.89 -31.92
C SER B 162 16.09 -33.17 -31.62
N ILE B 163 15.64 -32.39 -32.59
CA ILE B 163 14.36 -31.72 -32.47
C ILE B 163 13.24 -32.74 -32.31
N GLU B 164 13.33 -33.86 -33.02
CA GLU B 164 12.30 -34.89 -32.92
C GLU B 164 12.20 -35.42 -31.50
N LYS B 165 13.34 -35.65 -30.84
CA LYS B 165 13.34 -36.10 -29.45
C LYS B 165 12.79 -35.03 -28.51
N ILE B 166 13.18 -33.77 -28.73
CA ILE B 166 12.62 -32.69 -27.92
C ILE B 166 11.10 -32.65 -28.08
N GLN B 167 10.62 -32.77 -29.32
CA GLN B 167 9.17 -32.74 -29.55
C GLN B 167 8.48 -33.88 -28.81
N LYS B 168 9.07 -35.08 -28.85
CA LYS B 168 8.48 -36.23 -28.17
C LYS B 168 8.48 -36.05 -26.66
N ASP B 169 9.60 -35.57 -26.10
CA ASP B 169 9.80 -35.49 -24.66
C ASP B 169 9.06 -34.33 -24.00
N THR B 170 8.58 -33.36 -24.77
CA THR B 170 7.83 -32.24 -24.24
C THR B 170 6.35 -32.30 -24.56
N ASP B 171 5.89 -33.35 -25.24
CA ASP B 171 4.47 -33.45 -25.58
C ASP B 171 3.61 -33.38 -24.32
N ARG B 172 4.08 -33.97 -23.23
CA ARG B 172 3.43 -33.96 -21.92
C ARG B 172 4.39 -33.40 -20.88
N ASP B 173 3.84 -33.01 -19.74
CA ASP B 173 4.69 -32.55 -18.66
C ASP B 173 5.75 -33.60 -18.36
N ASN B 174 7.01 -33.16 -18.30
CA ASN B 174 8.15 -34.06 -18.12
C ASN B 174 9.01 -33.53 -16.98
N PHE B 175 9.09 -34.28 -15.89
CA PHE B 175 9.82 -33.87 -14.69
C PHE B 175 11.17 -34.58 -14.66
N LEU B 176 12.25 -33.82 -14.49
CA LEU B 176 13.60 -34.39 -14.46
C LEU B 176 14.25 -34.07 -13.12
N THR B 177 15.00 -35.04 -12.60
CA THR B 177 15.90 -34.77 -11.49
C THR B 177 17.13 -34.02 -12.00
N ALA B 178 17.92 -33.48 -11.07
CA ALA B 178 19.12 -32.75 -11.45
C ALA B 178 20.04 -33.63 -12.29
N GLU B 179 20.26 -34.87 -11.85
CA GLU B 179 21.11 -35.78 -12.60
C GLU B 179 20.51 -36.11 -13.96
N GLU B 180 19.18 -36.26 -14.02
CA GLU B 180 18.51 -36.49 -15.29
C GLU B 180 18.65 -35.28 -16.21
N ALA B 181 18.57 -34.07 -15.65
CA ALA B 181 18.75 -32.88 -16.48
C ALA B 181 20.16 -32.82 -17.06
N LYS B 182 21.15 -33.30 -16.31
CA LYS B 182 22.52 -33.35 -16.82
C LYS B 182 22.66 -34.39 -17.92
N GLU B 183 22.13 -35.60 -17.71
CA GLU B 183 22.12 -36.60 -18.77
C GLU B 183 21.43 -36.07 -20.02
N TYR B 184 20.35 -35.30 -19.84
CA TYR B 184 19.62 -34.77 -20.99
C TYR B 184 20.38 -33.67 -21.72
N GLY B 185 21.35 -33.02 -21.08
CA GLY B 185 22.03 -31.87 -21.68
C GLY B 185 21.47 -30.50 -21.33
N LEU B 186 20.49 -30.43 -20.41
CA LEU B 186 19.94 -29.13 -20.01
C LEU B 186 20.88 -28.38 -19.08
N ILE B 187 21.70 -29.10 -18.32
CA ILE B 187 22.70 -28.53 -17.45
C ILE B 187 24.01 -29.28 -17.64
N ASP B 188 25.09 -28.73 -17.10
CA ASP B 188 26.40 -29.34 -17.24
C ASP B 188 26.89 -30.04 -15.98
N GLU B 189 26.51 -29.58 -14.80
CA GLU B 189 27.02 -30.13 -13.55
C GLU B 189 25.94 -30.10 -12.48
N VAL B 190 25.96 -31.10 -11.62
CA VAL B 190 25.16 -31.08 -10.40
C VAL B 190 26.06 -30.52 -9.31
N MET B 191 25.70 -29.35 -8.79
CA MET B 191 26.54 -28.69 -7.80
C MET B 191 26.57 -29.51 -6.53
N VAL B 192 27.74 -30.03 -6.19
CA VAL B 192 27.96 -30.82 -4.99
C VAL B 192 28.38 -29.88 -3.86
N PRO B 193 28.09 -30.21 -2.62
CA PRO B 193 28.47 -29.33 -1.51
C PRO B 193 29.97 -29.10 -1.45
N GLU B 194 30.35 -27.85 -1.17
CA GLU B 194 31.75 -27.53 -0.93
C GLU B 194 32.10 -27.89 0.51
N THR B 195 33.09 -28.78 0.68
CA THR B 195 33.40 -29.31 2.01
C THR B 195 32.11 -29.75 2.69
N LYS B 196 31.76 -29.10 3.79
CA LYS B 196 30.50 -29.37 4.49
C LYS B 196 29.34 -28.61 3.84
N LEU C 4 10.17 -6.37 -6.21
CA LEU C 4 10.73 -5.05 -5.95
C LEU C 4 11.75 -4.64 -7.02
N ILE C 5 11.73 -3.37 -7.40
CA ILE C 5 12.68 -2.82 -8.35
C ILE C 5 14.02 -2.75 -7.64
N PRO C 6 15.05 -3.46 -8.12
CA PRO C 6 16.32 -3.48 -7.39
C PRO C 6 17.06 -2.16 -7.47
N THR C 7 17.94 -1.97 -6.49
CA THR C 7 18.79 -0.80 -6.40
C THR C 7 20.20 -1.20 -6.77
N VAL C 8 20.86 -0.36 -7.58
CA VAL C 8 22.18 -0.65 -8.10
C VAL C 8 23.18 0.29 -7.44
N ILE C 9 24.32 -0.27 -7.04
CA ILE C 9 25.41 0.49 -6.44
C ILE C 9 26.54 0.58 -7.45
N GLU C 10 27.03 1.79 -7.70
CA GLU C 10 28.08 2.03 -8.69
C GLU C 10 29.36 2.42 -7.96
N THR C 11 30.29 1.47 -7.86
CA THR C 11 31.59 1.73 -7.26
C THR C 11 32.44 2.54 -8.24
N THR C 12 32.72 3.79 -7.89
CA THR C 12 33.44 4.72 -8.76
C THR C 12 34.75 5.14 -8.09
N ASN C 13 35.44 6.11 -8.70
CA ASN C 13 36.68 6.65 -8.15
C ASN C 13 36.47 7.43 -6.86
N ARG C 14 35.21 7.70 -6.48
CA ARG C 14 34.90 8.35 -5.22
C ARG C 14 34.17 7.45 -4.23
N GLY C 15 33.55 6.37 -4.70
CA GLY C 15 32.89 5.45 -3.80
C GLY C 15 31.65 4.77 -4.36
N GLU C 16 30.55 4.87 -3.63
CA GLU C 16 29.33 4.10 -3.88
C GLU C 16 28.15 5.03 -4.08
N ARG C 17 27.46 4.87 -5.21
CA ARG C 17 26.26 5.64 -5.54
C ARG C 17 25.12 4.66 -5.79
N ALA C 18 23.92 5.03 -5.38
CA ALA C 18 22.76 4.16 -5.47
C ALA C 18 21.62 4.79 -6.25
N TYR C 19 21.09 4.03 -7.22
CA TYR C 19 19.94 4.40 -8.02
C TYR C 19 19.02 3.19 -8.11
N ASP C 20 17.72 3.44 -8.27
CA ASP C 20 16.87 2.35 -8.74
C ASP C 20 17.21 2.06 -10.20
N ILE C 21 16.98 0.81 -10.61
CA ILE C 21 17.57 0.34 -11.87
C ILE C 21 17.09 1.18 -13.06
N TYR C 22 15.84 1.65 -13.02
CA TYR C 22 15.35 2.41 -14.16
C TYR C 22 15.89 3.82 -14.17
N SER C 23 16.07 4.43 -13.01
CA SER C 23 16.75 5.72 -12.96
C SER C 23 18.18 5.60 -13.45
N ARG C 24 18.81 4.45 -13.21
CA ARG C 24 20.14 4.22 -13.77
C ARG C 24 20.10 4.16 -15.29
N LEU C 25 19.08 3.49 -15.84
CA LEU C 25 18.91 3.45 -17.30
C LEU C 25 18.78 4.85 -17.86
N LEU C 26 17.96 5.70 -17.22
CA LEU C 26 17.76 7.06 -17.73
C LEU C 26 19.07 7.84 -17.76
N LYS C 27 19.98 7.60 -16.82
CA LYS C 27 21.27 8.28 -16.84
C LYS C 27 22.05 8.00 -18.11
N ASP C 28 21.81 6.84 -18.74
CA ASP C 28 22.40 6.54 -20.04
C ASP C 28 21.46 6.88 -21.18
N ARG C 29 20.45 7.70 -20.94
CA ARG C 29 19.52 8.13 -21.98
C ARG C 29 18.71 6.96 -22.54
N ILE C 30 18.44 5.97 -21.70
CA ILE C 30 17.61 4.83 -22.06
C ILE C 30 16.25 4.98 -21.36
N ILE C 31 15.18 4.86 -22.14
CA ILE C 31 13.81 4.92 -21.64
C ILE C 31 13.18 3.55 -21.85
N MET C 32 12.50 3.05 -20.82
CA MET C 32 11.89 1.72 -20.83
C MET C 32 10.39 1.87 -21.12
N LEU C 33 9.95 1.39 -22.28
CA LEU C 33 8.54 1.25 -22.60
C LEU C 33 8.20 -0.23 -22.47
N GLY C 34 7.95 -0.64 -21.23
CA GLY C 34 7.82 -2.06 -20.94
C GLY C 34 6.52 -2.44 -20.29
N SER C 35 5.43 -1.76 -20.63
CA SER C 35 4.14 -2.12 -20.08
C SER C 35 3.05 -1.71 -21.06
N GLN C 36 1.82 -2.07 -20.71
CA GLN C 36 0.65 -1.62 -21.44
C GLN C 36 0.62 -0.11 -21.44
N ILE C 37 0.22 0.47 -22.57
CA ILE C 37 0.29 1.92 -22.76
C ILE C 37 -1.05 2.55 -22.36
N ASP C 38 -1.06 3.23 -21.22
CA ASP C 38 -2.16 4.08 -20.81
C ASP C 38 -1.65 5.52 -20.72
N ASP C 39 -2.53 6.42 -20.29
CA ASP C 39 -2.17 7.83 -20.24
C ASP C 39 -1.00 8.08 -19.28
N ASN C 40 -0.99 7.42 -18.12
CA ASN C 40 0.08 7.62 -17.16
C ASN C 40 1.43 7.21 -17.75
N VAL C 41 1.47 6.08 -18.45
CA VAL C 41 2.72 5.61 -19.06
C VAL C 41 3.20 6.63 -20.09
N ALA C 42 2.28 7.12 -20.92
CA ALA C 42 2.65 8.08 -21.96
C ALA C 42 3.16 9.39 -21.37
N ASN C 43 2.47 9.91 -20.35
CA ASN C 43 2.89 11.18 -19.75
C ASN C 43 4.28 11.06 -19.15
N SER C 44 4.58 9.92 -18.52
CA SER C 44 5.92 9.72 -17.98
C SER C 44 6.96 9.66 -19.09
N ILE C 45 6.67 8.95 -20.18
CA ILE C 45 7.65 8.83 -21.26
C ILE C 45 7.81 10.17 -21.98
N VAL C 46 6.73 10.90 -22.18
CA VAL C 46 6.85 12.23 -22.76
C VAL C 46 7.75 13.10 -21.87
N SER C 47 7.57 13.02 -20.54
CA SER C 47 8.38 13.82 -19.64
C SER C 47 9.85 13.41 -19.71
N GLN C 48 10.12 12.11 -19.82
CA GLN C 48 11.50 11.64 -19.90
C GLN C 48 12.16 12.11 -21.20
N LEU C 49 11.43 12.11 -22.31
CA LEU C 49 11.99 12.56 -23.58
C LEU C 49 12.37 14.03 -23.51
N LEU C 50 11.49 14.85 -22.93
CA LEU C 50 11.75 16.28 -22.81
C LEU C 50 12.90 16.54 -21.84
N PHE C 51 12.99 15.73 -20.77
CA PHE C 51 14.08 15.89 -19.83
C PHE C 51 15.42 15.56 -20.48
N LEU C 52 15.47 14.48 -21.26
CA LEU C 52 16.73 14.09 -21.89
C LEU C 52 17.18 15.13 -22.90
N GLN C 53 16.24 15.71 -23.65
CA GLN C 53 16.61 16.76 -24.60
C GLN C 53 17.13 18.00 -23.89
N ALA C 54 16.56 18.33 -22.72
CA ALA C 54 17.06 19.47 -21.95
C ALA C 54 18.48 19.22 -21.43
N GLN C 55 18.80 17.97 -21.11
CA GLN C 55 20.15 17.66 -20.64
C GLN C 55 21.16 17.72 -21.77
N ASP C 56 20.76 17.31 -22.97
CA ASP C 56 21.65 17.34 -24.14
C ASP C 56 20.78 17.25 -25.37
N SER C 57 20.81 18.28 -26.21
CA SER C 57 19.92 18.31 -27.37
C SER C 57 20.48 17.54 -28.56
N GLU C 58 21.69 16.98 -28.48
CA GLU C 58 22.26 16.29 -29.63
C GLU C 58 22.55 14.82 -29.43
N LYS C 59 22.64 14.34 -28.20
CA LYS C 59 22.94 12.92 -27.98
C LYS C 59 21.70 12.08 -28.29
N ASP C 60 21.94 10.91 -28.90
CA ASP C 60 20.85 10.00 -29.23
C ASP C 60 20.13 9.57 -27.95
N ILE C 61 18.86 9.21 -28.10
CA ILE C 61 18.05 8.63 -27.04
C ILE C 61 17.68 7.21 -27.46
N TYR C 62 17.53 6.33 -26.48
CA TYR C 62 17.28 4.92 -26.74
C TYR C 62 15.97 4.49 -26.09
N LEU C 63 15.02 4.02 -26.89
CA LEU C 63 13.70 3.64 -26.41
C LEU C 63 13.57 2.12 -26.51
N TYR C 64 13.56 1.46 -25.35
CA TYR C 64 13.37 0.02 -25.26
C TYR C 64 11.88 -0.30 -25.22
N ILE C 65 11.44 -1.21 -26.10
CA ILE C 65 10.02 -1.52 -26.26
C ILE C 65 9.80 -3.00 -25.99
N ASN C 66 9.05 -3.31 -24.93
CA ASN C 66 8.52 -4.65 -24.64
C ASN C 66 7.11 -4.40 -24.12
N SER C 67 6.16 -4.23 -25.04
CA SER C 67 4.84 -3.74 -24.68
C SER C 67 3.78 -4.34 -25.58
N PRO C 68 2.61 -4.68 -25.04
CA PRO C 68 1.50 -5.14 -25.89
C PRO C 68 0.69 -4.01 -26.53
N GLY C 69 1.06 -2.77 -26.29
CA GLY C 69 0.32 -1.64 -26.82
C GLY C 69 -0.66 -1.03 -25.87
N GLY C 70 -1.75 -0.54 -26.40
CA GLY C 70 -2.75 0.11 -25.59
C GLY C 70 -3.43 1.30 -26.22
N SER C 71 -3.67 2.35 -25.44
CA SER C 71 -4.37 3.52 -25.93
C SER C 71 -3.70 4.13 -27.15
N VAL C 72 -4.52 4.40 -28.14
CA VAL C 72 -3.97 4.99 -29.36
C VAL C 72 -3.57 6.45 -29.11
N THR C 73 -4.41 7.21 -28.40
CA THR C 73 -4.06 8.60 -28.15
C THR C 73 -2.85 8.70 -27.23
N ALA C 74 -2.72 7.78 -26.26
CA ALA C 74 -1.52 7.78 -25.42
C ALA C 74 -0.29 7.50 -26.27
N GLY C 75 -0.39 6.56 -27.21
CA GLY C 75 0.74 6.27 -28.08
C GLY C 75 1.11 7.46 -28.94
N PHE C 76 0.11 8.24 -29.40
CA PHE C 76 0.41 9.41 -30.22
C PHE C 76 1.03 10.53 -29.39
N ALA C 77 0.72 10.60 -28.10
CA ALA C 77 1.47 11.54 -27.26
C ALA C 77 2.96 11.23 -27.32
N ILE C 78 3.32 9.94 -27.27
CA ILE C 78 4.73 9.56 -27.36
C ILE C 78 5.27 9.80 -28.75
N TYR C 79 4.51 9.41 -29.78
CA TYR C 79 4.95 9.57 -31.17
C TYR C 79 5.25 11.03 -31.47
N ASP C 80 4.32 11.92 -31.12
CA ASP C 80 4.48 13.34 -31.45
C ASP C 80 5.68 13.96 -30.71
N THR C 81 5.96 13.50 -29.49
CA THR C 81 7.11 14.01 -28.75
C THR C 81 8.42 13.54 -29.35
N ILE C 82 8.47 12.29 -29.82
CA ILE C 82 9.66 11.79 -30.50
C ILE C 82 9.97 12.65 -31.72
N GLN C 83 8.96 12.90 -32.55
CA GLN C 83 9.19 13.68 -33.75
C GLN C 83 9.51 15.13 -33.42
N HIS C 84 9.04 15.63 -32.29
CA HIS C 84 9.23 17.05 -31.99
C HIS C 84 10.65 17.35 -31.51
N ILE C 85 11.21 16.49 -30.66
CA ILE C 85 12.53 16.78 -30.09
C ILE C 85 13.61 16.61 -31.15
N LYS C 86 14.76 17.25 -30.89
CA LYS C 86 15.91 17.30 -31.79
C LYS C 86 16.70 16.00 -31.83
N PRO C 87 17.01 15.37 -30.70
CA PRO C 87 17.82 14.15 -30.74
C PRO C 87 17.13 13.04 -31.52
N ASP C 88 17.94 12.21 -32.18
CA ASP C 88 17.41 10.98 -32.75
C ASP C 88 16.97 10.06 -31.63
N VAL C 89 15.86 9.36 -31.85
CA VAL C 89 15.36 8.40 -30.88
C VAL C 89 15.47 7.00 -31.51
N GLN C 90 16.39 6.22 -31.02
CA GLN C 90 16.52 4.86 -31.46
C GLN C 90 15.46 3.99 -30.78
N THR C 91 15.02 2.94 -31.44
CA THR C 91 14.04 2.00 -30.88
C THR C 91 14.56 0.59 -31.04
N ILE C 92 14.22 -0.27 -30.08
CA ILE C 92 14.55 -1.69 -30.18
C ILE C 92 13.40 -2.49 -29.60
N CYS C 93 13.00 -3.55 -30.30
CA CYS C 93 11.97 -4.44 -29.79
C CYS C 93 12.67 -5.53 -28.98
N ILE C 94 12.34 -5.61 -27.70
CA ILE C 94 12.79 -6.67 -26.81
C ILE C 94 11.56 -7.48 -26.41
N GLY C 95 11.60 -8.79 -26.64
CA GLY C 95 10.46 -9.61 -26.31
C GLY C 95 9.30 -9.48 -27.28
N MET C 96 8.49 -8.43 -27.14
CA MET C 96 7.31 -8.27 -27.98
C MET C 96 6.95 -6.80 -28.14
N ALA C 97 6.57 -6.42 -29.37
CA ALA C 97 5.97 -5.10 -29.61
C ALA C 97 4.69 -5.29 -30.41
N ALA C 98 3.55 -4.97 -29.79
CA ALA C 98 2.24 -5.11 -30.43
C ALA C 98 1.47 -3.80 -30.33
N SER C 99 0.47 -3.65 -31.20
CA SER C 99 -0.47 -2.51 -31.19
C SER C 99 0.36 -1.23 -31.27
N MET C 100 0.09 -0.22 -30.43
CA MET C 100 0.90 1.00 -30.47
C MET C 100 2.35 0.73 -30.15
N GLY C 101 2.65 -0.43 -29.56
CA GLY C 101 4.04 -0.78 -29.31
C GLY C 101 4.83 -0.94 -30.59
N SER C 102 4.26 -1.64 -31.58
CA SER C 102 4.95 -1.80 -32.85
C SER C 102 4.88 -0.52 -33.69
N PHE C 103 3.83 0.27 -33.51
CA PHE C 103 3.77 1.58 -34.16
C PHE C 103 4.91 2.48 -33.66
N LEU C 104 5.17 2.47 -32.35
CA LEU C 104 6.26 3.31 -31.85
C LEU C 104 7.63 2.74 -32.24
N LEU C 105 7.74 1.41 -32.33
CA LEU C 105 8.98 0.83 -32.83
C LEU C 105 9.29 1.33 -34.23
N ALA C 106 8.27 1.34 -35.11
CA ALA C 106 8.47 1.83 -36.47
C ALA C 106 8.72 3.33 -36.54
N ALA C 107 8.46 4.06 -35.45
CA ALA C 107 8.60 5.50 -35.42
C ALA C 107 9.98 5.99 -35.00
N GLY C 108 10.91 5.07 -34.70
CA GLY C 108 12.26 5.48 -34.33
C GLY C 108 13.00 6.11 -35.50
N ALA C 109 14.16 6.69 -35.19
CA ALA C 109 14.97 7.34 -36.22
C ALA C 109 15.35 6.36 -37.32
N LYS C 110 15.20 6.78 -38.57
CA LYS C 110 15.47 5.91 -39.70
C LYS C 110 16.92 5.40 -39.64
N GLY C 111 17.09 4.09 -39.81
CA GLY C 111 18.38 3.45 -39.68
C GLY C 111 18.75 3.05 -38.26
N LYS C 112 17.94 3.42 -37.27
CA LYS C 112 18.23 3.12 -35.87
C LYS C 112 17.04 2.44 -35.21
N ARG C 113 16.32 1.60 -35.96
CA ARG C 113 15.23 0.79 -35.43
C ARG C 113 15.64 -0.67 -35.48
N PHE C 114 15.66 -1.32 -34.31
CA PHE C 114 16.23 -2.65 -34.17
C PHE C 114 15.24 -3.61 -33.53
N ALA C 115 15.60 -4.89 -33.54
CA ALA C 115 14.89 -5.91 -32.79
C ALA C 115 15.88 -7.01 -32.45
N LEU C 116 15.75 -7.57 -31.26
CA LEU C 116 16.55 -8.73 -30.90
C LEU C 116 16.11 -9.94 -31.74
N PRO C 117 17.00 -10.92 -31.91
CA PRO C 117 16.73 -11.96 -32.91
C PRO C 117 15.43 -12.72 -32.68
N ASN C 118 15.08 -13.00 -31.43
CA ASN C 118 13.88 -13.78 -31.15
C ASN C 118 12.70 -12.92 -30.74
N ALA C 119 12.78 -11.60 -30.92
CA ALA C 119 11.68 -10.72 -30.60
C ALA C 119 10.56 -10.88 -31.64
N GLU C 120 9.33 -10.59 -31.22
CA GLU C 120 8.16 -10.71 -32.05
C GLU C 120 7.49 -9.34 -32.20
N VAL C 121 7.00 -9.07 -33.40
CA VAL C 121 6.29 -7.82 -33.69
C VAL C 121 4.89 -8.18 -34.20
N MET C 122 3.88 -7.50 -33.67
CA MET C 122 2.52 -7.74 -34.13
C MET C 122 1.89 -6.43 -34.58
N ILE C 123 1.18 -6.49 -35.71
CA ILE C 123 0.43 -5.35 -36.21
C ILE C 123 -1.03 -5.76 -36.38
N HIS C 124 -1.92 -4.79 -36.20
CA HIS C 124 -3.35 -5.06 -36.28
C HIS C 124 -4.08 -3.73 -36.38
N GLN C 125 -5.39 -3.80 -36.60
CA GLN C 125 -6.19 -2.58 -36.62
C GLN C 125 -6.64 -2.21 -35.22
N PRO C 126 -6.98 -0.94 -35.00
CA PRO C 126 -7.38 -0.52 -33.65
C PRO C 126 -8.65 -1.21 -33.19
N LEU C 127 -8.84 -1.20 -31.86
CA LEU C 127 -9.98 -1.80 -31.20
C LEU C 127 -10.77 -0.74 -30.45
N GLY C 128 -12.06 -0.99 -30.26
CA GLY C 128 -12.90 -0.05 -29.54
C GLY C 128 -14.26 -0.62 -29.22
N GLY C 129 -15.13 0.23 -28.74
CA GLY C 129 -16.47 -0.19 -28.40
C GLY C 129 -17.45 0.93 -28.52
N ALA C 130 -18.73 0.61 -28.43
CA ALA C 130 -19.77 1.60 -28.58
C ALA C 130 -21.11 1.03 -28.16
N GLN C 131 -21.82 1.75 -27.32
CA GLN C 131 -23.09 1.28 -26.83
C GLN C 131 -24.06 2.41 -26.61
N GLY C 132 -25.18 2.38 -27.31
CA GLY C 132 -26.19 3.38 -27.14
C GLY C 132 -27.03 3.59 -28.37
N GLN C 133 -27.38 4.84 -28.62
CA GLN C 133 -28.21 5.15 -29.76
C GLN C 133 -27.49 4.98 -31.07
N ALA C 134 -28.27 4.73 -32.08
CA ALA C 134 -27.72 4.50 -33.41
C ALA C 134 -26.81 5.65 -33.85
N THR C 135 -27.22 6.91 -33.63
CA THR C 135 -26.35 8.00 -34.03
C THR C 135 -25.09 8.04 -33.17
N GLU C 136 -25.17 7.58 -31.93
CA GLU C 136 -23.97 7.48 -31.10
C GLU C 136 -23.04 6.38 -31.64
N ILE C 137 -23.60 5.23 -32.02
CA ILE C 137 -22.79 4.18 -32.63
C ILE C 137 -22.10 4.69 -33.88
N GLU C 138 -22.82 5.48 -34.70
CA GLU C 138 -22.23 6.00 -35.92
C GLU C 138 -21.04 6.91 -35.62
N ILE C 139 -21.17 7.76 -34.60
CA ILE C 139 -20.08 8.66 -34.24
C ILE C 139 -18.86 7.87 -33.81
N ALA C 140 -19.06 6.84 -32.98
CA ALA C 140 -17.92 6.03 -32.53
C ALA C 140 -17.28 5.28 -33.69
N ALA C 141 -18.10 4.77 -34.61
CA ALA C 141 -17.56 4.04 -35.75
C ALA C 141 -16.76 4.97 -36.65
N ASN C 142 -17.29 6.18 -36.91
CA ASN C 142 -16.58 7.14 -37.74
C ASN C 142 -15.26 7.52 -37.12
N HIS C 143 -15.22 7.67 -35.79
CA HIS C 143 -13.99 8.07 -35.11
C HIS C 143 -12.93 6.98 -35.16
N ILE C 144 -13.30 5.74 -34.84
CA ILE C 144 -12.31 4.66 -34.84
C ILE C 144 -11.81 4.40 -36.27
N LEU C 145 -12.65 4.55 -37.27
CA LEU C 145 -12.19 4.38 -38.64
C LEU C 145 -11.23 5.48 -39.10
N LYS C 146 -11.43 6.69 -38.62
CA LYS C 146 -10.52 7.77 -38.96
C LYS C 146 -9.17 7.54 -38.30
N THR C 147 -9.17 6.99 -37.11
CA THR C 147 -7.95 6.68 -36.40
C THR C 147 -7.12 5.65 -37.13
N ARG C 148 -7.78 4.68 -37.76
N ARG C 148 -7.78 4.68 -37.76
CA ARG C 148 -7.06 3.67 -38.50
CA ARG C 148 -7.06 3.66 -38.51
C ARG C 148 -6.45 4.24 -39.77
C ARG C 148 -6.45 4.25 -39.77
N GLU C 149 -7.14 5.20 -40.38
CA GLU C 149 -6.60 5.85 -41.57
C GLU C 149 -5.37 6.64 -41.17
N LYS C 150 -5.46 7.31 -40.03
CA LYS C 150 -4.30 8.05 -39.53
C LYS C 150 -3.13 7.12 -39.26
N LEU C 151 -3.37 6.04 -38.52
CA LEU C 151 -2.32 5.07 -38.23
C LEU C 151 -1.76 4.46 -39.51
N ASN C 152 -2.64 4.10 -40.45
CA ASN C 152 -2.18 3.48 -41.69
C ASN C 152 -1.37 4.47 -42.53
N ARG C 153 -1.73 5.75 -42.50
N ARG C 153 -1.72 5.75 -42.49
CA ARG C 153 -0.99 6.75 -43.27
CA ARG C 153 -0.98 6.74 -43.28
C ARG C 153 0.43 6.89 -42.75
C ARG C 153 0.44 6.89 -42.75
N ILE C 154 0.59 7.05 -41.44
CA ILE C 154 1.92 7.18 -40.86
C ILE C 154 2.71 5.88 -41.01
N LEU C 155 2.06 4.74 -40.77
CA LEU C 155 2.73 3.46 -40.92
C LEU C 155 3.25 3.28 -42.35
N SER C 156 2.47 3.73 -43.33
CA SER C 156 2.92 3.68 -44.72
C SER C 156 4.16 4.53 -44.92
N GLU C 157 4.18 5.74 -44.35
CA GLU C 157 5.34 6.62 -44.49
C GLU C 157 6.57 6.04 -43.81
N ARG C 158 6.40 5.36 -42.67
CA ARG C 158 7.56 4.87 -41.93
C ARG C 158 8.11 3.57 -42.51
N THR C 159 7.27 2.76 -43.15
CA THR C 159 7.72 1.46 -43.67
C THR C 159 8.03 1.48 -45.15
N GLY C 160 7.46 2.40 -45.92
CA GLY C 160 7.56 2.39 -47.35
C GLY C 160 6.50 1.55 -48.06
N GLN C 161 5.67 0.81 -47.31
CA GLN C 161 4.59 0.05 -47.92
C GLN C 161 3.41 0.97 -48.22
N SER C 162 2.61 0.57 -49.21
CA SER C 162 1.43 1.36 -49.56
C SER C 162 0.38 1.27 -48.47
N ILE C 163 -0.51 2.28 -48.44
CA ILE C 163 -1.61 2.26 -47.48
C ILE C 163 -2.52 1.07 -47.72
N GLU C 164 -2.72 0.68 -48.98
CA GLU C 164 -3.59 -0.45 -49.30
C GLU C 164 -3.02 -1.75 -48.74
N LYS C 165 -1.72 -1.97 -48.88
CA LYS C 165 -1.12 -3.18 -48.34
C LYS C 165 -1.18 -3.19 -46.81
N ILE C 166 -0.94 -2.04 -46.18
CA ILE C 166 -1.00 -1.97 -44.73
C ILE C 166 -2.41 -2.30 -44.25
N GLN C 167 -3.42 -1.84 -44.98
CA GLN C 167 -4.81 -2.11 -44.58
C GLN C 167 -5.11 -3.60 -44.65
N LYS C 168 -4.65 -4.26 -45.72
CA LYS C 168 -4.89 -5.69 -45.84
C LYS C 168 -4.10 -6.47 -44.80
N ASP C 169 -2.86 -6.06 -44.52
CA ASP C 169 -1.99 -6.81 -43.62
C ASP C 169 -2.34 -6.63 -42.15
N THR C 170 -3.13 -5.61 -41.81
CA THR C 170 -3.58 -5.40 -40.44
C THR C 170 -5.04 -5.75 -40.24
N ASP C 171 -5.72 -6.29 -41.26
CA ASP C 171 -7.13 -6.63 -41.09
C ASP C 171 -7.32 -7.62 -39.95
N ARG C 172 -6.39 -8.56 -39.82
CA ARG C 172 -6.35 -9.52 -38.72
C ARG C 172 -5.01 -9.43 -38.01
N ASP C 173 -4.95 -10.03 -36.83
CA ASP C 173 -3.69 -10.08 -36.09
C ASP C 173 -2.61 -10.72 -36.93
N ASN C 174 -1.50 -10.01 -37.10
CA ASN C 174 -0.41 -10.45 -37.96
C ASN C 174 0.88 -10.49 -37.16
N PHE C 175 1.42 -11.69 -36.95
CA PHE C 175 2.65 -11.88 -36.18
C PHE C 175 3.85 -11.95 -37.11
N LEU C 176 4.89 -11.20 -36.79
CA LEU C 176 6.08 -11.15 -37.61
C LEU C 176 7.30 -11.46 -36.75
N THR C 177 8.24 -12.21 -37.32
CA THR C 177 9.54 -12.39 -36.70
C THR C 177 10.37 -11.12 -36.90
N ALA C 178 11.53 -11.07 -36.24
CA ALA C 178 12.41 -9.93 -36.38
C ALA C 178 12.84 -9.72 -37.83
N GLU C 179 13.28 -10.80 -38.49
CA GLU C 179 13.68 -10.68 -39.89
C GLU C 179 12.50 -10.22 -40.75
N GLU C 180 11.30 -10.75 -40.48
CA GLU C 180 10.13 -10.33 -41.22
C GLU C 180 9.80 -8.86 -40.96
N ALA C 181 10.05 -8.39 -39.73
CA ALA C 181 9.80 -6.98 -39.46
C ALA C 181 10.79 -6.10 -40.22
N LYS C 182 12.03 -6.58 -40.39
CA LYS C 182 13.01 -5.85 -41.20
C LYS C 182 12.62 -5.86 -42.67
N GLU C 183 12.24 -7.02 -43.20
CA GLU C 183 11.79 -7.08 -44.59
C GLU C 183 10.55 -6.24 -44.81
N TYR C 184 9.67 -6.16 -43.80
CA TYR C 184 8.47 -5.35 -43.95
C TYR C 184 8.76 -3.85 -43.90
N GLY C 185 9.87 -3.45 -43.30
CA GLY C 185 10.20 -2.05 -43.13
C GLY C 185 9.85 -1.47 -41.77
N LEU C 186 9.41 -2.29 -40.81
CA LEU C 186 9.12 -1.79 -39.48
C LEU C 186 10.39 -1.50 -38.68
N ILE C 187 11.46 -2.25 -38.95
CA ILE C 187 12.75 -2.06 -38.33
C ILE C 187 13.80 -2.01 -39.43
N ASP C 188 14.98 -1.52 -39.07
CA ASP C 188 16.08 -1.41 -40.03
C ASP C 188 17.09 -2.53 -39.90
N GLU C 189 17.24 -3.10 -38.70
CA GLU C 189 18.25 -4.13 -38.49
C GLU C 189 17.84 -5.09 -37.37
N VAL C 190 18.20 -6.36 -37.56
CA VAL C 190 18.11 -7.35 -36.50
C VAL C 190 19.45 -7.33 -35.76
N MET C 191 19.44 -6.83 -34.52
CA MET C 191 20.67 -6.74 -33.74
C MET C 191 21.18 -8.14 -33.41
N VAL C 192 22.29 -8.53 -33.99
CA VAL C 192 22.76 -9.90 -33.82
C VAL C 192 23.75 -9.99 -32.66
N PRO C 193 23.85 -11.14 -32.01
CA PRO C 193 24.88 -11.42 -31.01
C PRO C 193 26.23 -11.56 -31.70
N GLU C 194 27.22 -10.82 -31.20
CA GLU C 194 28.64 -11.12 -31.43
C GLU C 194 29.18 -12.26 -30.60
N THR C 195 29.02 -13.49 -31.08
CA THR C 195 29.60 -14.69 -30.43
C THR C 195 29.04 -15.11 -29.10
N LYS C 196 27.72 -15.06 -28.92
CA LYS C 196 27.14 -15.59 -27.68
C LYS C 196 25.68 -15.87 -27.91
N LEU D 4 6.87 3.19 -10.57
CA LEU D 4 6.48 3.50 -11.95
C LEU D 4 7.01 4.88 -12.38
N ILE D 5 6.81 5.89 -11.53
CA ILE D 5 7.30 7.24 -11.80
C ILE D 5 8.81 7.25 -11.65
N PRO D 6 9.57 7.50 -12.72
CA PRO D 6 11.02 7.47 -12.60
C PRO D 6 11.55 8.67 -11.82
N THR D 7 12.74 8.49 -11.27
CA THR D 7 13.47 9.56 -10.60
C THR D 7 14.60 9.97 -11.52
N VAL D 8 14.82 11.27 -11.66
CA VAL D 8 15.83 11.78 -12.55
C VAL D 8 16.98 12.30 -11.73
N ILE D 9 18.19 12.00 -12.18
CA ILE D 9 19.41 12.48 -11.56
C ILE D 9 19.97 13.56 -12.46
N GLU D 10 20.23 14.74 -11.89
CA GLU D 10 20.71 15.87 -12.65
C GLU D 10 22.01 16.34 -12.04
N THR D 11 23.05 16.44 -12.88
CA THR D 11 24.35 16.88 -12.40
C THR D 11 24.25 18.28 -11.79
N THR D 12 25.33 18.68 -11.12
CA THR D 12 25.37 19.98 -10.45
C THR D 12 24.30 20.07 -9.37
N GLU D 16 23.78 18.10 -6.53
CA GLU D 16 23.44 16.88 -5.80
C GLU D 16 21.96 16.84 -5.46
N ARG D 17 21.11 16.78 -6.49
CA ARG D 17 19.67 16.73 -6.30
C ARG D 17 19.04 15.60 -7.12
N ALA D 18 18.04 14.96 -6.52
CA ALA D 18 17.28 13.88 -7.14
C ALA D 18 15.80 14.26 -7.07
N TYR D 19 15.10 14.17 -8.19
CA TYR D 19 13.68 14.49 -8.24
C TYR D 19 12.90 13.40 -8.95
N ASP D 20 11.64 13.24 -8.55
CA ASP D 20 10.72 12.54 -9.42
C ASP D 20 10.45 13.41 -10.64
N ILE D 21 10.11 12.75 -11.76
CA ILE D 21 10.09 13.46 -13.04
C ILE D 21 9.11 14.62 -13.02
N TYR D 22 8.01 14.49 -12.28
CA TYR D 22 7.00 15.56 -12.30
C TYR D 22 7.44 16.73 -11.43
N SER D 23 8.10 16.47 -10.31
CA SER D 23 8.66 17.60 -9.56
C SER D 23 9.73 18.33 -10.37
N ARG D 24 10.47 17.59 -11.20
CA ARG D 24 11.45 18.23 -12.08
C ARG D 24 10.76 19.11 -13.13
N LEU D 25 9.63 18.64 -13.68
CA LEU D 25 8.88 19.45 -14.64
C LEU D 25 8.44 20.78 -14.02
N LEU D 26 7.95 20.73 -12.77
CA LEU D 26 7.48 21.94 -12.12
C LEU D 26 8.61 22.96 -11.94
N LYS D 27 9.84 22.48 -11.75
CA LYS D 27 10.99 23.38 -11.66
C LYS D 27 11.15 24.19 -12.94
N ASP D 28 10.66 23.69 -14.06
CA ASP D 28 10.62 24.42 -15.32
C ASP D 28 9.27 25.08 -15.57
N ARG D 29 8.45 25.24 -14.53
CA ARG D 29 7.15 25.91 -14.62
C ARG D 29 6.19 25.14 -15.54
N ILE D 30 6.34 23.82 -15.61
CA ILE D 30 5.46 22.96 -16.39
C ILE D 30 4.59 22.17 -15.41
N ILE D 31 3.28 22.21 -15.63
CA ILE D 31 2.32 21.48 -14.83
C ILE D 31 1.68 20.43 -15.72
N MET D 32 1.56 19.20 -15.22
CA MET D 32 1.01 18.08 -15.98
C MET D 32 -0.43 17.84 -15.57
N LEU D 33 -1.37 18.08 -16.48
CA LEU D 33 -2.77 17.68 -16.30
C LEU D 33 -2.97 16.43 -17.15
N GLY D 34 -2.60 15.29 -16.59
CA GLY D 34 -2.57 14.06 -17.37
C GLY D 34 -3.42 12.93 -16.84
N SER D 35 -4.54 13.25 -16.21
CA SER D 35 -5.45 12.25 -15.69
C SER D 35 -6.87 12.80 -15.70
N GLN D 36 -7.81 11.94 -15.33
CA GLN D 36 -9.19 12.37 -15.13
C GLN D 36 -9.24 13.45 -14.06
N ILE D 37 -10.09 14.45 -14.25
CA ILE D 37 -10.14 15.62 -13.38
C ILE D 37 -11.16 15.39 -12.27
N ASP D 38 -10.68 15.14 -11.06
CA ASP D 38 -11.52 15.12 -9.87
C ASP D 38 -11.07 16.27 -8.95
N ASP D 39 -11.70 16.34 -7.77
CA ASP D 39 -11.38 17.42 -6.84
C ASP D 39 -9.91 17.38 -6.43
N ASN D 40 -9.37 16.18 -6.19
CA ASN D 40 -7.98 16.09 -5.78
C ASN D 40 -7.06 16.61 -6.88
N VAL D 41 -7.32 16.24 -8.14
CA VAL D 41 -6.49 16.70 -9.24
C VAL D 41 -6.56 18.21 -9.37
N ALA D 42 -7.76 18.78 -9.25
CA ALA D 42 -7.90 20.23 -9.36
C ALA D 42 -7.21 20.94 -8.20
N ASN D 43 -7.39 20.44 -6.97
CA ASN D 43 -6.79 21.11 -5.83
C ASN D 43 -5.27 21.15 -5.93
N SER D 44 -4.66 20.05 -6.40
CA SER D 44 -3.21 20.03 -6.59
C SER D 44 -2.78 21.01 -7.68
N ILE D 45 -3.51 21.05 -8.79
CA ILE D 45 -3.12 21.93 -9.89
C ILE D 45 -3.31 23.39 -9.49
N VAL D 46 -4.38 23.70 -8.77
CA VAL D 46 -4.56 25.05 -8.27
C VAL D 46 -3.37 25.43 -7.37
N SER D 47 -2.96 24.51 -6.49
CA SER D 47 -1.85 24.80 -5.60
C SER D 47 -0.56 25.02 -6.38
N GLN D 48 -0.34 24.23 -7.44
CA GLN D 48 0.86 24.41 -8.23
C GLN D 48 0.86 25.76 -8.93
N LEU D 49 -0.30 26.17 -9.44
CA LEU D 49 -0.38 27.46 -10.12
C LEU D 49 -0.05 28.60 -9.17
N LEU D 50 -0.57 28.55 -7.95
CA LEU D 50 -0.28 29.61 -6.99
C LEU D 50 1.19 29.57 -6.57
N PHE D 51 1.77 28.37 -6.44
CA PHE D 51 3.17 28.28 -6.07
C PHE D 51 4.06 28.88 -7.16
N LEU D 52 3.75 28.60 -8.42
CA LEU D 52 4.56 29.15 -9.51
C LEU D 52 4.44 30.66 -9.57
N GLN D 53 3.23 31.19 -9.32
CA GLN D 53 3.09 32.65 -9.34
C GLN D 53 3.88 33.30 -8.20
N ALA D 54 3.90 32.65 -7.03
CA ALA D 54 4.64 33.18 -5.90
C ALA D 54 6.14 33.19 -6.17
N GLN D 55 6.63 32.23 -6.95
CA GLN D 55 8.05 32.22 -7.30
C GLN D 55 8.37 33.32 -8.32
N ASP D 56 7.46 33.56 -9.26
CA ASP D 56 7.68 34.56 -10.30
C ASP D 56 6.34 34.94 -10.91
N SER D 57 5.94 36.20 -10.75
CA SER D 57 4.64 36.68 -11.18
C SER D 57 4.58 37.11 -12.63
N GLU D 58 5.70 37.06 -13.37
CA GLU D 58 5.68 37.47 -14.77
C GLU D 58 6.14 36.40 -15.75
N LYS D 59 6.80 35.34 -15.29
CA LYS D 59 7.24 34.27 -16.19
C LYS D 59 6.08 33.37 -16.57
N ASP D 60 6.06 32.94 -17.84
CA ASP D 60 4.97 32.09 -18.31
C ASP D 60 4.96 30.77 -17.55
N ILE D 61 3.77 30.18 -17.48
CA ILE D 61 3.56 28.84 -16.95
C ILE D 61 3.05 27.99 -18.10
N TYR D 62 3.36 26.69 -18.05
CA TYR D 62 3.07 25.78 -19.15
C TYR D 62 2.21 24.63 -18.63
N LEU D 63 1.04 24.45 -19.23
CA LEU D 63 0.10 23.43 -18.78
C LEU D 63 -0.02 22.35 -19.85
N TYR D 64 0.48 21.16 -19.55
CA TYR D 64 0.39 20.00 -20.43
C TYR D 64 -0.92 19.28 -20.17
N ILE D 65 -1.69 19.03 -21.23
CA ILE D 65 -3.02 18.45 -21.11
C ILE D 65 -3.06 17.16 -21.92
N ASN D 66 -3.25 16.05 -21.22
CA ASN D 66 -3.57 14.75 -21.81
C ASN D 66 -4.60 14.12 -20.85
N SER D 67 -5.86 14.49 -21.02
CA SER D 67 -6.87 14.19 -20.02
C SER D 67 -8.24 13.96 -20.66
N PRO D 68 -9.02 13.01 -20.17
CA PRO D 68 -10.39 12.82 -20.67
C PRO D 68 -11.40 13.77 -20.07
N GLY D 69 -10.99 14.68 -19.19
CA GLY D 69 -11.94 15.57 -18.55
C GLY D 69 -12.38 15.01 -17.22
N GLY D 70 -13.55 15.39 -16.73
CA GLY D 70 -14.05 14.92 -15.46
C GLY D 70 -15.04 15.93 -14.87
N SER D 71 -14.94 16.15 -13.56
CA SER D 71 -15.87 17.01 -12.85
C SER D 71 -15.82 18.44 -13.39
N VAL D 72 -17.00 19.02 -13.60
CA VAL D 72 -17.07 20.38 -14.14
C VAL D 72 -16.63 21.41 -13.11
N THR D 73 -17.09 21.26 -11.86
CA THR D 73 -16.69 22.23 -10.84
C THR D 73 -15.19 22.14 -10.57
N ALA D 74 -14.63 20.93 -10.57
CA ALA D 74 -13.20 20.81 -10.41
C ALA D 74 -12.47 21.48 -11.56
N GLY D 75 -12.98 21.34 -12.79
CA GLY D 75 -12.37 22.01 -13.91
C GLY D 75 -12.46 23.52 -13.79
N PHE D 76 -13.56 24.03 -13.25
CA PHE D 76 -13.69 25.46 -13.08
C PHE D 76 -12.77 25.97 -11.97
N ALA D 77 -12.48 25.15 -10.96
CA ALA D 77 -11.47 25.54 -9.98
C ALA D 77 -10.14 25.83 -10.65
N ILE D 78 -9.75 25.00 -11.63
CA ILE D 78 -8.52 25.24 -12.37
C ILE D 78 -8.68 26.45 -13.28
N TYR D 79 -9.81 26.57 -13.96
CA TYR D 79 -10.04 27.67 -14.88
C TYR D 79 -9.95 29.02 -14.16
N ASP D 80 -10.63 29.15 -13.03
CA ASP D 80 -10.63 30.43 -12.33
C ASP D 80 -9.23 30.76 -11.79
N THR D 81 -8.46 29.76 -11.40
CA THR D 81 -7.11 30.04 -10.93
C THR D 81 -6.23 30.53 -12.07
N ILE D 82 -6.40 29.94 -13.26
CA ILE D 82 -5.65 30.40 -14.42
C ILE D 82 -5.96 31.87 -14.69
N GLN D 83 -7.25 32.22 -14.73
CA GLN D 83 -7.61 33.60 -15.03
C GLN D 83 -7.19 34.55 -13.92
N HIS D 84 -7.05 34.05 -12.69
CA HIS D 84 -6.76 34.93 -11.57
C HIS D 84 -5.28 35.33 -11.50
N ILE D 85 -4.36 34.39 -11.77
CA ILE D 85 -2.95 34.68 -11.59
C ILE D 85 -2.45 35.61 -12.71
N LYS D 86 -1.33 36.28 -12.44
CA LYS D 86 -0.75 37.26 -13.36
C LYS D 86 -0.04 36.61 -14.54
N PRO D 87 0.78 35.57 -14.33
CA PRO D 87 1.53 35.00 -15.44
C PRO D 87 0.59 34.44 -16.50
N ASP D 88 1.03 34.49 -17.76
CA ASP D 88 0.35 33.80 -18.83
C ASP D 88 0.45 32.29 -18.62
N VAL D 89 -0.64 31.58 -18.91
CA VAL D 89 -0.65 30.12 -18.82
C VAL D 89 -0.80 29.58 -20.23
N GLN D 90 0.26 29.03 -20.77
CA GLN D 90 0.20 28.41 -22.06
C GLN D 90 -0.41 27.01 -21.92
N THR D 91 -1.08 26.52 -22.94
CA THR D 91 -1.67 25.18 -22.93
C THR D 91 -1.27 24.43 -24.19
N ILE D 92 -1.09 23.12 -24.05
CA ILE D 92 -0.81 22.27 -25.20
C ILE D 92 -1.51 20.93 -24.98
N CYS D 93 -2.22 20.48 -26.01
CA CYS D 93 -2.86 19.18 -26.00
C CYS D 93 -1.88 18.16 -26.54
N ILE D 94 -1.52 17.18 -25.71
CA ILE D 94 -0.71 16.05 -26.12
C ILE D 94 -1.57 14.80 -25.97
N GLY D 95 -1.66 14.01 -27.03
CA GLY D 95 -2.49 12.83 -26.98
C GLY D 95 -3.97 13.13 -27.15
N MET D 96 -4.67 13.45 -26.07
N MET D 96 -4.66 13.47 -26.07
CA MET D 96 -6.10 13.70 -26.13
CA MET D 96 -6.10 13.72 -26.14
C MET D 96 -6.48 14.76 -25.11
C MET D 96 -6.49 14.76 -25.10
N ALA D 97 -7.45 15.60 -25.46
CA ALA D 97 -8.07 16.54 -24.52
C ALA D 97 -9.57 16.52 -24.78
N ALA D 98 -10.34 16.02 -23.81
CA ALA D 98 -11.79 15.91 -23.93
C ALA D 98 -12.46 16.50 -22.70
N SER D 99 -13.74 16.85 -22.85
CA SER D 99 -14.61 17.32 -21.75
C SER D 99 -13.93 18.55 -21.13
N MET D 100 -13.82 18.64 -19.80
CA MET D 100 -13.16 19.80 -19.19
C MET D 100 -11.71 19.93 -19.61
N GLY D 101 -11.11 18.85 -20.12
CA GLY D 101 -9.75 18.95 -20.61
C GLY D 101 -9.63 19.90 -21.78
N SER D 102 -10.55 19.78 -22.75
CA SER D 102 -10.53 20.69 -23.89
C SER D 102 -10.98 22.10 -23.50
N PHE D 103 -11.89 22.20 -22.53
CA PHE D 103 -12.28 23.51 -22.01
C PHE D 103 -11.06 24.25 -21.44
N LEU D 104 -10.23 23.55 -20.67
CA LEU D 104 -9.05 24.18 -20.12
C LEU D 104 -8.00 24.46 -21.19
N LEU D 105 -7.93 23.64 -22.23
CA LEU D 105 -7.02 23.91 -23.34
C LEU D 105 -7.36 25.24 -24.00
N ALA D 106 -8.65 25.48 -24.27
CA ALA D 106 -9.08 26.73 -24.89
C ALA D 106 -8.99 27.92 -23.94
N ALA D 107 -8.75 27.69 -22.66
CA ALA D 107 -8.68 28.74 -21.66
C ALA D 107 -7.25 29.27 -21.47
N GLY D 108 -6.27 28.75 -22.20
CA GLY D 108 -4.91 29.25 -22.08
C GLY D 108 -4.79 30.67 -22.61
N ALA D 109 -3.63 31.27 -22.35
CA ALA D 109 -3.39 32.64 -22.79
C ALA D 109 -3.53 32.74 -24.29
N LYS D 110 -4.23 33.79 -24.75
CA LYS D 110 -4.49 33.94 -26.18
C LYS D 110 -3.18 34.01 -26.96
N GLY D 111 -3.10 33.19 -28.02
CA GLY D 111 -1.89 33.06 -28.80
C GLY D 111 -0.90 32.02 -28.29
N LYS D 112 -1.15 31.44 -27.11
CA LYS D 112 -0.24 30.46 -26.52
C LYS D 112 -0.97 29.17 -26.19
N ARG D 113 -1.94 28.80 -27.02
CA ARG D 113 -2.66 27.53 -26.91
C ARG D 113 -2.28 26.66 -28.10
N PHE D 114 -1.73 25.49 -27.83
CA PHE D 114 -1.15 24.65 -28.88
C PHE D 114 -1.72 23.23 -28.83
N ALA D 115 -1.38 22.47 -29.86
CA ALA D 115 -1.63 21.03 -29.89
C ALA D 115 -0.57 20.37 -30.76
N LEU D 116 -0.12 19.21 -30.33
CA LEU D 116 0.79 18.44 -31.16
C LEU D 116 0.04 17.94 -32.39
N PRO D 117 0.77 17.61 -33.46
CA PRO D 117 0.09 17.37 -34.75
C PRO D 117 -0.95 16.26 -34.71
N ASN D 118 -0.72 15.18 -33.98
CA ASN D 118 -1.64 14.06 -33.98
C ASN D 118 -2.53 14.03 -32.75
N ALA D 119 -2.55 15.11 -31.97
CA ALA D 119 -3.41 15.17 -30.80
C ALA D 119 -4.89 15.30 -31.21
N GLU D 120 -5.75 14.85 -30.30
CA GLU D 120 -7.19 14.84 -30.52
C GLU D 120 -7.89 15.73 -29.50
N VAL D 121 -8.88 16.48 -29.98
CA VAL D 121 -9.67 17.35 -29.12
C VAL D 121 -11.14 16.96 -29.24
N MET D 122 -11.81 16.86 -28.11
CA MET D 122 -13.20 16.44 -28.08
C MET D 122 -14.02 17.44 -27.28
N ILE D 123 -15.16 17.86 -27.83
CA ILE D 123 -16.09 18.74 -27.13
C ILE D 123 -17.46 18.06 -27.07
N HIS D 124 -18.18 18.32 -25.99
CA HIS D 124 -19.47 17.71 -25.73
C HIS D 124 -20.15 18.50 -24.64
N GLN D 125 -21.43 18.18 -24.38
CA GLN D 125 -22.17 18.81 -23.31
C GLN D 125 -21.97 18.05 -21.99
N PRO D 126 -22.20 18.71 -20.86
CA PRO D 126 -21.96 18.05 -19.56
C PRO D 126 -22.88 16.87 -19.33
N LEU D 127 -22.45 15.98 -18.41
CA LEU D 127 -23.18 14.80 -18.03
C LEU D 127 -23.56 14.87 -16.55
N GLY D 128 -24.63 14.18 -16.19
CA GLY D 128 -25.09 14.18 -14.82
C GLY D 128 -26.16 13.12 -14.60
N GLY D 129 -26.78 13.21 -13.41
CA GLY D 129 -27.82 12.27 -13.04
C GLY D 129 -28.80 12.91 -12.09
N ALA D 130 -29.92 12.21 -11.88
CA ALA D 130 -30.98 12.71 -11.00
C ALA D 130 -31.96 11.58 -10.67
N GLN D 131 -32.16 11.34 -9.38
CA GLN D 131 -33.05 10.29 -8.90
C GLN D 131 -33.87 10.79 -7.71
N GLY D 132 -35.18 10.64 -7.79
CA GLY D 132 -36.02 11.05 -6.68
C GLY D 132 -37.37 11.56 -7.11
N GLN D 133 -37.91 12.48 -6.32
CA GLN D 133 -39.19 13.10 -6.60
C GLN D 133 -39.11 13.99 -7.83
N ALA D 134 -40.27 14.29 -8.41
CA ALA D 134 -40.32 15.12 -9.62
C ALA D 134 -39.66 16.47 -9.40
N THR D 135 -39.91 17.10 -8.24
CA THR D 135 -39.30 18.40 -7.97
C THR D 135 -37.79 18.29 -7.78
N GLU D 136 -37.30 17.14 -7.28
CA GLU D 136 -35.86 16.95 -7.16
C GLU D 136 -35.21 16.81 -8.53
N ILE D 137 -35.86 16.06 -9.44
CA ILE D 137 -35.33 15.93 -10.79
C ILE D 137 -35.36 17.28 -11.51
N GLU D 138 -36.38 18.09 -11.23
CA GLU D 138 -36.42 19.43 -11.82
C GLU D 138 -35.26 20.28 -11.32
N ILE D 139 -34.94 20.19 -10.04
CA ILE D 139 -33.80 20.94 -9.51
C ILE D 139 -32.51 20.51 -10.21
N ALA D 140 -32.33 19.19 -10.36
CA ALA D 140 -31.11 18.69 -10.98
C ALA D 140 -31.01 19.10 -12.44
N ALA D 141 -32.14 19.07 -13.15
CA ALA D 141 -32.15 19.45 -14.56
C ALA D 141 -31.85 20.93 -14.73
N ASN D 142 -32.46 21.80 -13.91
CA ASN D 142 -32.17 23.22 -14.03
C ASN D 142 -30.70 23.50 -13.78
N HIS D 143 -30.09 22.79 -12.83
CA HIS D 143 -28.68 23.00 -12.51
C HIS D 143 -27.79 22.56 -13.67
N ILE D 144 -28.11 21.49 -14.38
CA ILE D 144 -27.21 21.06 -15.44
C ILE D 144 -27.28 22.01 -16.65
N LEU D 145 -28.47 22.52 -16.94
CA LEU D 145 -28.60 23.46 -18.05
C LEU D 145 -27.87 24.79 -17.78
N LYS D 146 -27.93 25.25 -16.55
CA LYS D 146 -27.18 26.44 -16.19
C LYS D 146 -25.71 26.20 -16.43
N THR D 147 -25.23 25.05 -16.00
CA THR D 147 -23.82 24.74 -16.15
C THR D 147 -23.45 24.72 -17.63
N ARG D 148 -24.29 24.13 -18.45
CA ARG D 148 -24.03 24.13 -19.89
C ARG D 148 -23.96 25.53 -20.48
N GLU D 149 -24.89 26.39 -20.11
CA GLU D 149 -24.84 27.77 -20.55
C GLU D 149 -23.54 28.43 -20.15
N LYS D 150 -23.16 28.27 -18.90
CA LYS D 150 -21.90 28.84 -18.46
C LYS D 150 -20.75 28.37 -19.33
N LEU D 151 -20.67 27.06 -19.55
CA LEU D 151 -19.55 26.52 -20.31
C LEU D 151 -19.60 27.01 -21.73
N ASN D 152 -20.78 27.02 -22.31
CA ASN D 152 -20.97 27.45 -23.68
C ASN D 152 -20.63 28.93 -23.85
N ARG D 153 -21.07 29.77 -22.91
CA ARG D 153 -20.79 31.19 -23.01
C ARG D 153 -19.28 31.45 -22.96
N ILE D 154 -18.59 30.79 -22.03
CA ILE D 154 -17.14 30.95 -21.95
C ILE D 154 -16.48 30.37 -23.19
N LEU D 155 -16.93 29.20 -23.65
CA LEU D 155 -16.35 28.63 -24.86
C LEU D 155 -16.53 29.58 -26.04
N SER D 156 -17.68 30.25 -26.11
CA SER D 156 -17.90 31.22 -27.18
C SER D 156 -16.90 32.37 -27.12
N GLU D 157 -16.67 32.91 -25.91
CA GLU D 157 -15.72 34.00 -25.76
C GLU D 157 -14.29 33.56 -26.07
N ARG D 158 -13.94 32.31 -25.78
CA ARG D 158 -12.58 31.83 -25.96
C ARG D 158 -12.28 31.44 -27.41
N THR D 159 -13.30 31.02 -28.16
CA THR D 159 -13.10 30.56 -29.53
C THR D 159 -13.49 31.59 -30.59
N GLY D 160 -14.38 32.52 -30.25
CA GLY D 160 -14.96 33.42 -31.24
C GLY D 160 -16.20 32.90 -31.92
N GLN D 161 -16.59 31.64 -31.69
CA GLN D 161 -17.83 31.11 -32.27
C GLN D 161 -19.04 31.59 -31.48
N SER D 162 -20.17 31.66 -32.17
CA SER D 162 -21.41 32.07 -31.51
C SER D 162 -21.87 30.99 -30.53
N ILE D 163 -22.69 31.42 -29.56
CA ILE D 163 -23.22 30.48 -28.58
C ILE D 163 -24.10 29.44 -29.28
N GLU D 164 -24.81 29.85 -30.33
CA GLU D 164 -25.67 28.92 -31.05
C GLU D 164 -24.87 27.80 -31.70
N LYS D 165 -23.75 28.15 -32.34
CA LYS D 165 -22.91 27.12 -32.96
C LYS D 165 -22.29 26.20 -31.91
N ILE D 166 -21.85 26.76 -30.77
CA ILE D 166 -21.29 25.92 -29.72
C ILE D 166 -22.33 24.94 -29.20
N GLN D 167 -23.57 25.39 -29.08
CA GLN D 167 -24.63 24.52 -28.58
C GLN D 167 -24.88 23.37 -29.54
N LYS D 168 -24.91 23.68 -30.85
CA LYS D 168 -25.13 22.66 -31.86
C LYS D 168 -23.96 21.69 -31.94
N ASP D 169 -22.73 22.21 -31.88
CA ASP D 169 -21.58 21.35 -32.07
C ASP D 169 -21.27 20.46 -30.87
N THR D 170 -21.84 20.75 -29.71
CA THR D 170 -21.63 19.94 -28.51
C THR D 170 -22.83 19.10 -28.14
N ASP D 171 -23.88 19.09 -28.95
CA ASP D 171 -25.04 18.25 -28.63
C ASP D 171 -24.63 16.79 -28.55
N ARG D 172 -23.73 16.36 -29.42
CA ARG D 172 -23.19 15.02 -29.42
C ARG D 172 -21.67 15.07 -29.33
N ASP D 173 -21.06 13.92 -29.05
CA ASP D 173 -19.61 13.82 -29.00
C ASP D 173 -19.03 14.30 -30.32
N ASN D 174 -18.13 15.28 -30.25
CA ASN D 174 -17.54 15.89 -31.44
C ASN D 174 -16.03 15.79 -31.35
N PHE D 175 -15.42 14.99 -32.24
CA PHE D 175 -13.97 14.81 -32.28
C PHE D 175 -13.35 15.75 -33.29
N LEU D 176 -12.23 16.38 -32.91
CA LEU D 176 -11.53 17.32 -33.76
C LEU D 176 -10.06 16.95 -33.87
N THR D 177 -9.51 17.09 -35.06
CA THR D 177 -8.06 16.99 -35.21
C THR D 177 -7.42 18.26 -34.68
N ALA D 178 -6.09 18.26 -34.61
CA ALA D 178 -5.38 19.47 -34.17
C ALA D 178 -5.68 20.65 -35.09
N GLU D 179 -5.59 20.43 -36.41
CA GLU D 179 -5.89 21.49 -37.37
C GLU D 179 -7.33 21.96 -37.23
N GLU D 180 -8.26 21.02 -37.04
CA GLU D 180 -9.66 21.42 -36.87
C GLU D 180 -9.85 22.21 -35.59
N ALA D 181 -9.09 21.94 -34.56
CA ALA D 181 -9.20 22.72 -33.36
C ALA D 181 -8.73 24.18 -33.56
N LYS D 182 -7.71 24.40 -34.39
CA LYS D 182 -7.24 25.73 -34.68
C LYS D 182 -8.29 26.47 -35.47
N GLU D 183 -8.82 25.82 -36.50
CA GLU D 183 -9.87 26.42 -37.30
C GLU D 183 -11.10 26.78 -36.47
N TYR D 184 -11.37 26.01 -35.43
CA TYR D 184 -12.51 26.29 -34.58
C TYR D 184 -12.22 27.39 -33.60
N GLY D 185 -10.95 27.64 -33.35
CA GLY D 185 -10.61 28.64 -32.34
C GLY D 185 -10.32 28.10 -30.95
N LEU D 186 -10.27 26.77 -30.79
CA LEU D 186 -9.93 26.21 -29.49
C LEU D 186 -8.44 26.31 -29.17
N ILE D 187 -7.58 26.31 -30.20
CA ILE D 187 -6.14 26.48 -30.05
C ILE D 187 -5.69 27.53 -31.05
N ASP D 188 -4.46 28.00 -30.88
CA ASP D 188 -3.88 29.01 -31.76
C ASP D 188 -2.90 28.45 -32.77
N GLU D 189 -2.21 27.36 -32.44
CA GLU D 189 -1.18 26.83 -33.33
C GLU D 189 -1.05 25.33 -33.18
N VAL D 190 -0.78 24.67 -34.30
CA VAL D 190 -0.35 23.28 -34.30
C VAL D 190 1.17 23.29 -34.22
N MET D 191 1.71 22.82 -33.08
CA MET D 191 3.15 22.81 -32.86
C MET D 191 3.83 21.82 -33.79
N VAL D 192 4.68 22.32 -34.66
CA VAL D 192 5.35 21.49 -35.62
C VAL D 192 6.70 21.07 -35.13
N PRO D 193 7.32 20.11 -35.80
CA PRO D 193 8.58 19.58 -35.31
C PRO D 193 9.76 20.56 -35.20
N GLU D 194 10.40 20.64 -34.02
CA GLU D 194 11.74 21.22 -33.93
C GLU D 194 12.55 20.55 -35.02
N THR D 195 13.22 21.35 -35.83
CA THR D 195 13.91 20.78 -36.97
C THR D 195 12.90 19.91 -37.73
N LYS D 196 13.10 18.59 -37.78
CA LYS D 196 12.20 17.68 -38.49
C LYS D 196 11.23 18.40 -39.41
N ASN E 3 0.26 11.63 -11.32
CA ASN E 3 -1.05 11.73 -10.70
C ASN E 3 -0.95 12.09 -9.22
N LEU E 4 0.26 11.97 -8.67
CA LEU E 4 0.50 12.21 -7.26
C LEU E 4 0.84 13.67 -7.00
N ILE E 5 1.00 14.01 -5.72
CA ILE E 5 1.35 15.36 -5.27
C ILE E 5 2.82 15.64 -5.57
N PRO E 6 3.12 16.65 -6.40
CA PRO E 6 4.52 16.97 -6.67
C PRO E 6 5.17 17.59 -5.45
N THR E 7 6.50 17.51 -5.41
CA THR E 7 7.29 18.06 -4.33
C THR E 7 8.06 19.29 -4.78
N VAL E 8 8.06 20.33 -3.93
CA VAL E 8 8.77 21.58 -4.18
C VAL E 8 9.89 21.70 -3.15
N ILE E 9 11.03 22.22 -3.58
CA ILE E 9 12.19 22.40 -2.71
C ILE E 9 12.37 23.88 -2.39
N GLU E 10 12.54 24.19 -1.11
CA GLU E 10 12.71 25.57 -0.64
C GLU E 10 13.98 25.65 0.20
N THR E 11 14.71 26.75 0.04
CA THR E 11 16.02 26.93 0.65
C THR E 11 15.90 27.89 1.84
N THR E 12 16.37 27.44 3.00
CA THR E 12 16.45 28.25 4.20
C THR E 12 17.91 28.68 4.42
N ASN E 13 18.25 29.05 5.65
CA ASN E 13 19.63 29.38 6.01
C ASN E 13 20.34 28.12 6.49
N ARG E 14 21.44 27.78 5.82
CA ARG E 14 22.24 26.60 6.14
C ARG E 14 21.42 25.32 6.14
N GLY E 15 20.31 25.29 5.41
CA GLY E 15 19.47 24.11 5.33
C GLY E 15 18.42 24.27 4.26
N GLU E 16 17.91 23.14 3.80
CA GLU E 16 16.86 23.12 2.79
C GLU E 16 15.64 22.35 3.29
N ARG E 17 14.51 22.62 2.67
CA ARG E 17 13.25 21.95 2.99
C ARG E 17 12.60 21.42 1.73
N ALA E 18 11.95 20.27 1.87
CA ALA E 18 11.24 19.61 0.78
C ALA E 18 9.79 19.51 1.21
N TYR E 19 8.89 19.94 0.34
CA TYR E 19 7.47 19.93 0.68
C TYR E 19 6.68 19.24 -0.42
N ASP E 20 5.65 18.52 0.00
CA ASP E 20 4.55 18.24 -0.89
C ASP E 20 3.76 19.53 -1.07
N ILE E 21 3.06 19.65 -2.20
CA ILE E 21 2.48 20.95 -2.54
C ILE E 21 1.52 21.41 -1.45
N TYR E 22 0.85 20.48 -0.76
CA TYR E 22 -0.11 20.86 0.26
C TYR E 22 0.58 21.29 1.55
N SER E 23 1.68 20.63 1.92
CA SER E 23 2.47 21.09 3.04
C SER E 23 3.10 22.46 2.75
N ARG E 24 3.42 22.71 1.48
CA ARG E 24 3.93 24.03 1.12
C ARG E 24 2.85 25.08 1.35
N LEU E 25 1.60 24.76 1.04
CA LEU E 25 0.51 25.69 1.31
C LEU E 25 0.48 26.06 2.79
N LEU E 26 0.65 25.06 3.67
CA LEU E 26 0.58 25.34 5.10
C LEU E 26 1.67 26.32 5.53
N LYS E 27 2.85 26.27 4.88
CA LYS E 27 3.90 27.21 5.22
C LYS E 27 3.46 28.65 5.00
N ASP E 28 2.51 28.87 4.08
CA ASP E 28 1.95 30.20 3.86
C ASP E 28 0.64 30.39 4.62
N ARG E 29 0.37 29.56 5.62
CA ARG E 29 -0.83 29.67 6.45
C ARG E 29 -2.11 29.40 5.65
N ILE E 30 -2.01 28.55 4.63
CA ILE E 30 -3.16 28.16 3.82
C ILE E 30 -3.50 26.72 4.17
N ILE E 31 -4.78 26.48 4.47
CA ILE E 31 -5.29 25.14 4.77
C ILE E 31 -6.25 24.74 3.66
N MET E 32 -6.11 23.50 3.18
CA MET E 32 -6.88 23.00 2.05
C MET E 32 -8.01 22.12 2.58
N LEU E 33 -9.25 22.60 2.42
CA LEU E 33 -10.45 21.79 2.68
C LEU E 33 -10.98 21.38 1.31
N GLY E 34 -10.39 20.31 0.77
CA GLY E 34 -10.66 19.91 -0.59
C GLY E 34 -11.14 18.47 -0.75
N SER E 35 -11.88 17.97 0.24
CA SER E 35 -12.43 16.62 0.15
C SER E 35 -13.70 16.56 0.99
N GLN E 36 -14.37 15.41 0.93
CA GLN E 36 -15.51 15.17 1.79
C GLN E 36 -15.09 15.26 3.25
N ILE E 37 -15.95 15.84 4.08
CA ILE E 37 -15.63 16.12 5.47
C ILE E 37 -16.04 14.93 6.33
N ASP E 38 -15.06 14.16 6.78
CA ASP E 38 -15.26 13.14 7.80
C ASP E 38 -14.43 13.52 9.03
N ASP E 39 -14.44 12.65 10.04
CA ASP E 39 -13.72 12.97 11.28
C ASP E 39 -12.23 13.13 11.02
N ASN E 40 -11.66 12.29 10.14
CA ASN E 40 -10.23 12.39 9.86
C ASN E 40 -9.88 13.73 9.23
N VAL E 41 -10.71 14.21 8.29
CA VAL E 41 -10.48 15.51 7.69
C VAL E 41 -10.61 16.61 8.75
N ALA E 42 -11.66 16.52 9.57
CA ALA E 42 -11.88 17.56 10.56
C ALA E 42 -10.74 17.61 11.57
N ASN E 43 -10.29 16.44 12.05
CA ASN E 43 -9.21 16.41 13.04
C ASN E 43 -7.92 16.98 12.46
N SER E 44 -7.63 16.69 11.19
CA SER E 44 -6.44 17.24 10.58
C SER E 44 -6.55 18.76 10.45
N ILE E 45 -7.71 19.26 10.03
CA ILE E 45 -7.86 20.69 9.87
C ILE E 45 -7.85 21.38 11.23
N VAL E 46 -8.49 20.78 12.25
CA VAL E 46 -8.45 21.36 13.58
C VAL E 46 -6.99 21.44 14.06
N SER E 47 -6.21 20.40 13.84
CA SER E 47 -4.81 20.44 14.26
C SER E 47 -4.05 21.51 13.51
N GLN E 48 -4.33 21.67 12.21
CA GLN E 48 -3.65 22.70 11.43
C GLN E 48 -3.99 24.10 11.93
N LEU E 49 -5.26 24.33 12.28
CA LEU E 49 -5.66 25.65 12.78
C LEU E 49 -4.95 25.98 14.08
N LEU E 50 -4.87 25.00 14.99
CA LEU E 50 -4.21 25.23 16.27
C LEU E 50 -2.70 25.42 16.08
N PHE E 51 -2.11 24.70 15.13
CA PHE E 51 -0.69 24.88 14.86
C PHE E 51 -0.39 26.25 14.30
N LEU E 52 -1.24 26.73 13.38
CA LEU E 52 -1.01 28.04 12.78
C LEU E 52 -1.16 29.14 13.83
N GLN E 53 -2.14 29.01 14.73
CA GLN E 53 -2.28 30.01 15.79
C GLN E 53 -1.08 29.98 16.72
N ALA E 54 -0.53 28.80 17.01
CA ALA E 54 0.63 28.71 17.88
C ALA E 54 1.86 29.37 17.25
N GLN E 55 1.98 29.31 15.92
CA GLN E 55 3.11 29.96 15.24
C GLN E 55 2.95 31.48 15.23
N ASP E 56 1.73 31.96 15.06
CA ASP E 56 1.47 33.40 15.03
C ASP E 56 0.00 33.61 15.31
N SER E 57 -0.31 34.24 16.45
CA SER E 57 -1.69 34.41 16.88
C SER E 57 -2.36 35.64 16.27
N GLU E 58 -1.64 36.43 15.46
CA GLU E 58 -2.21 37.65 14.88
C GLU E 58 -2.27 37.64 13.36
N LYS E 59 -1.50 36.78 12.69
CA LYS E 59 -1.54 36.73 11.24
C LYS E 59 -2.79 35.98 10.76
N ASP E 60 -3.39 36.49 9.69
CA ASP E 60 -4.59 35.87 9.15
C ASP E 60 -4.28 34.44 8.72
N ILE E 61 -5.32 33.61 8.69
CA ILE E 61 -5.27 32.25 8.16
C ILE E 61 -6.19 32.18 6.95
N TYR E 62 -5.84 31.32 5.99
CA TYR E 62 -6.57 31.22 4.73
C TYR E 62 -7.07 29.80 4.54
N LEU E 63 -8.39 29.65 4.45
CA LEU E 63 -9.03 28.33 4.34
C LEU E 63 -9.59 28.20 2.93
N TYR E 64 -8.97 27.33 2.13
CA TYR E 64 -9.43 27.05 0.78
C TYR E 64 -10.47 25.93 0.83
N ILE E 65 -11.63 26.17 0.21
CA ILE E 65 -12.77 25.26 0.30
C ILE E 65 -13.16 24.81 -1.10
N ASN E 66 -12.98 23.50 -1.37
CA ASN E 66 -13.52 22.82 -2.54
C ASN E 66 -14.00 21.46 -2.04
N SER E 67 -15.23 21.43 -1.50
CA SER E 67 -15.72 20.27 -0.77
C SER E 67 -17.23 20.08 -0.95
N PRO E 68 -17.70 18.85 -1.10
CA PRO E 68 -19.15 18.60 -1.15
C PRO E 68 -19.81 18.54 0.22
N GLY E 69 -19.05 18.76 1.30
CA GLY E 69 -19.61 18.68 2.64
C GLY E 69 -19.40 17.32 3.25
N GLY E 70 -20.24 16.96 4.20
CA GLY E 70 -20.14 15.67 4.86
C GLY E 70 -20.73 15.74 6.27
N SER E 71 -20.04 15.06 7.19
CA SER E 71 -20.54 14.93 8.56
C SER E 71 -20.71 16.30 9.21
N VAL E 72 -21.86 16.49 9.86
CA VAL E 72 -22.18 17.76 10.49
C VAL E 72 -21.32 17.97 11.73
N THR E 73 -21.15 16.92 12.54
CA THR E 73 -20.34 17.06 13.75
C THR E 73 -18.87 17.32 13.40
N ALA E 74 -18.36 16.67 12.36
CA ALA E 74 -16.99 16.97 11.94
C ALA E 74 -16.87 18.41 11.47
N GLY E 75 -17.88 18.89 10.74
CA GLY E 75 -17.88 20.28 10.32
C GLY E 75 -17.94 21.25 11.48
N PHE E 76 -18.68 20.90 12.54
CA PHE E 76 -18.75 21.79 13.71
C PHE E 76 -17.45 21.78 14.50
N ALA E 77 -16.70 20.68 14.47
CA ALA E 77 -15.37 20.69 15.06
C ALA E 77 -14.49 21.75 14.40
N ILE E 78 -14.59 21.88 13.08
CA ILE E 78 -13.85 22.93 12.38
C ILE E 78 -14.45 24.29 12.68
N TYR E 79 -15.79 24.39 12.66
CA TYR E 79 -16.44 25.68 12.90
C TYR E 79 -16.07 26.24 14.27
N ASP E 80 -16.17 25.42 15.32
CA ASP E 80 -15.89 25.92 16.67
C ASP E 80 -14.41 26.24 16.85
N THR E 81 -13.52 25.52 16.17
CA THR E 81 -12.10 25.83 16.27
C THR E 81 -11.78 27.15 15.59
N ILE E 82 -12.43 27.42 14.44
CA ILE E 82 -12.23 28.71 13.78
C ILE E 82 -12.67 29.83 14.71
N GLN E 83 -13.86 29.71 15.29
CA GLN E 83 -14.36 30.76 16.17
C GLN E 83 -13.57 30.86 17.46
N HIS E 84 -12.89 29.78 17.86
CA HIS E 84 -12.18 29.81 19.13
C HIS E 84 -10.85 30.55 19.01
N ILE E 85 -10.11 30.34 17.91
CA ILE E 85 -8.78 30.91 17.79
C ILE E 85 -8.87 32.43 17.54
N LYS E 86 -7.76 33.11 17.83
CA LYS E 86 -7.67 34.57 17.73
C LYS E 86 -7.54 35.05 16.29
N PRO E 87 -6.68 34.44 15.47
CA PRO E 87 -6.48 34.96 14.10
C PRO E 87 -7.77 34.91 13.30
N ASP E 88 -7.92 35.87 12.40
CA ASP E 88 -8.99 35.83 11.41
C ASP E 88 -8.76 34.67 10.45
N VAL E 89 -9.83 33.98 10.09
CA VAL E 89 -9.77 32.88 9.13
C VAL E 89 -10.53 33.34 7.89
N GLN E 90 -9.79 33.60 6.84
CA GLN E 90 -10.40 33.94 5.58
C GLN E 90 -10.84 32.68 4.85
N THR E 91 -11.91 32.77 4.07
CA THR E 91 -12.41 31.64 3.31
C THR E 91 -12.62 32.05 1.85
N ILE E 92 -12.40 31.10 0.95
CA ILE E 92 -12.67 31.28 -0.47
C ILE E 92 -13.19 29.96 -1.02
N CYS E 93 -14.27 30.04 -1.78
CA CYS E 93 -14.82 28.88 -2.46
C CYS E 93 -14.17 28.76 -3.84
N ILE E 94 -13.44 27.66 -4.05
CA ILE E 94 -12.87 27.32 -5.33
C ILE E 94 -13.56 26.05 -5.82
N GLY E 95 -14.10 26.09 -7.03
CA GLY E 95 -14.83 24.94 -7.52
C GLY E 95 -16.22 24.82 -6.94
N MET E 96 -16.37 24.19 -5.77
CA MET E 96 -17.69 23.94 -5.21
C MET E 96 -17.62 23.93 -3.69
N ALA E 97 -18.68 24.46 -3.07
CA ALA E 97 -18.86 24.35 -1.62
C ALA E 97 -20.31 23.99 -1.35
N ALA E 98 -20.55 22.78 -0.85
CA ALA E 98 -21.91 22.32 -0.57
C ALA E 98 -21.97 21.76 0.85
N SER E 99 -23.19 21.67 1.37
CA SER E 99 -23.46 21.03 2.66
C SER E 99 -22.62 21.75 3.73
N MET E 100 -21.91 21.02 4.59
CA MET E 100 -21.09 21.68 5.59
C MET E 100 -19.99 22.53 4.95
N GLY E 101 -19.68 22.27 3.67
CA GLY E 101 -18.69 23.08 2.99
C GLY E 101 -19.13 24.53 2.87
N SER E 102 -20.36 24.75 2.42
CA SER E 102 -20.87 26.11 2.34
C SER E 102 -21.08 26.71 3.72
N PHE E 103 -21.38 25.87 4.71
CA PHE E 103 -21.55 26.35 6.07
C PHE E 103 -20.24 26.93 6.59
N LEU E 104 -19.12 26.24 6.32
CA LEU E 104 -17.83 26.74 6.76
C LEU E 104 -17.37 27.94 5.93
N LEU E 105 -17.73 27.98 4.65
CA LEU E 105 -17.42 29.15 3.84
C LEU E 105 -18.04 30.41 4.44
N ALA E 106 -19.31 30.32 4.83
CA ALA E 106 -20.01 31.45 5.45
C ALA E 106 -19.50 31.74 6.84
N ALA E 107 -18.68 30.86 7.42
CA ALA E 107 -18.19 31.02 8.78
C ALA E 107 -16.87 31.78 8.84
N GLY E 108 -16.32 32.20 7.70
CA GLY E 108 -15.07 32.94 7.70
C GLY E 108 -15.21 34.33 8.33
N ALA E 109 -14.06 34.97 8.55
CA ALA E 109 -14.06 36.29 9.16
C ALA E 109 -14.87 37.25 8.30
N LYS E 110 -15.76 38.00 8.95
CA LYS E 110 -16.65 38.92 8.24
C LYS E 110 -15.83 39.91 7.42
N GLY E 111 -16.20 40.04 6.14
CA GLY E 111 -15.45 40.85 5.20
C GLY E 111 -14.33 40.11 4.50
N LYS E 112 -14.04 38.87 4.89
CA LYS E 112 -12.95 38.09 4.31
C LYS E 112 -13.45 36.73 3.83
N ARG E 113 -14.67 36.69 3.32
CA ARG E 113 -15.25 35.49 2.71
C ARG E 113 -15.40 35.73 1.22
N PHE E 114 -14.78 34.88 0.41
CA PHE E 114 -14.67 35.10 -1.03
C PHE E 114 -15.15 33.87 -1.80
N ALA E 115 -15.29 34.07 -3.12
CA ALA E 115 -15.52 32.97 -4.05
C ALA E 115 -15.00 33.40 -5.41
N LEU E 116 -14.36 32.48 -6.12
CA LEU E 116 -13.94 32.78 -7.47
C LEU E 116 -15.17 32.87 -8.37
N PRO E 117 -15.05 33.55 -9.52
CA PRO E 117 -16.25 33.92 -10.28
C PRO E 117 -17.14 32.76 -10.66
N ASN E 118 -16.57 31.61 -11.02
CA ASN E 118 -17.35 30.50 -11.53
C ASN E 118 -17.59 29.41 -10.48
N ALA E 119 -17.25 29.66 -9.23
CA ALA E 119 -17.49 28.70 -8.16
C ALA E 119 -18.97 28.60 -7.84
N GLU E 120 -19.37 27.45 -7.30
CA GLU E 120 -20.76 27.15 -6.99
C GLU E 120 -20.93 26.94 -5.50
N VAL E 121 -22.04 27.45 -4.96
CA VAL E 121 -22.38 27.28 -3.56
C VAL E 121 -23.76 26.64 -3.48
N MET E 122 -23.89 25.60 -2.67
CA MET E 122 -25.17 24.94 -2.49
C MET E 122 -25.50 24.82 -1.01
N ILE E 123 -26.75 25.12 -0.66
CA ILE E 123 -27.22 24.98 0.72
C ILE E 123 -28.40 24.01 0.76
N HIS E 124 -28.52 23.31 1.88
CA HIS E 124 -29.57 22.31 2.06
C HIS E 124 -29.67 21.97 3.54
N GLN E 125 -30.71 21.19 3.88
CA GLN E 125 -30.88 20.70 5.25
C GLN E 125 -30.11 19.40 5.46
N PRO E 126 -29.80 19.09 6.72
CA PRO E 126 -29.00 17.88 6.99
C PRO E 126 -29.73 16.61 6.60
N LEU E 127 -28.96 15.55 6.41
CA LEU E 127 -29.46 14.23 6.05
C LEU E 127 -29.10 13.24 7.15
N GLY E 128 -29.89 12.15 7.21
CA GLY E 128 -29.65 11.15 8.22
C GLY E 128 -30.45 9.89 7.96
N GLY E 129 -30.43 8.98 8.94
CA GLY E 129 -31.14 7.73 8.85
C GLY E 129 -31.58 7.25 10.21
N ALA E 130 -32.46 6.25 10.19
CA ALA E 130 -33.03 5.69 11.42
C ALA E 130 -33.73 4.37 11.12
N GLN E 131 -33.35 3.32 11.84
CA GLN E 131 -33.97 2.01 11.69
C GLN E 131 -34.12 1.38 13.06
N GLY E 132 -35.34 0.91 13.37
CA GLY E 132 -35.59 0.26 14.64
C GLY E 132 -36.98 0.45 15.19
N GLN E 133 -37.09 0.44 16.52
CA GLN E 133 -38.38 0.62 17.17
C GLN E 133 -38.89 2.05 16.97
N ALA E 134 -40.20 2.22 17.16
CA ALA E 134 -40.79 3.54 16.97
C ALA E 134 -40.12 4.58 17.85
N THR E 135 -39.83 4.23 19.10
CA THR E 135 -39.21 5.20 19.99
C THR E 135 -37.77 5.52 19.56
N GLU E 136 -37.07 4.57 18.95
CA GLU E 136 -35.74 4.87 18.45
C GLU E 136 -35.81 5.81 17.25
N ILE E 137 -36.83 5.65 16.40
CA ILE E 137 -36.98 6.55 15.26
C ILE E 137 -37.29 7.97 15.74
N GLU E 138 -38.11 8.09 16.79
CA GLU E 138 -38.43 9.40 17.35
C GLU E 138 -37.17 10.08 17.89
N ILE E 139 -36.31 9.34 18.58
CA ILE E 139 -35.07 9.92 19.10
C ILE E 139 -34.22 10.45 17.96
N ALA E 140 -34.09 9.68 16.88
CA ALA E 140 -33.29 10.09 15.73
C ALA E 140 -33.90 11.31 15.05
N ALA E 141 -35.24 11.35 14.96
CA ALA E 141 -35.90 12.50 14.35
C ALA E 141 -35.71 13.76 15.19
N ASN E 142 -35.88 13.64 16.52
CA ASN E 142 -35.68 14.79 17.39
C ASN E 142 -34.25 15.30 17.29
N HIS E 143 -33.29 14.39 17.20
CA HIS E 143 -31.89 14.81 17.16
C HIS E 143 -31.57 15.53 15.86
N ILE E 144 -31.98 14.97 14.72
CA ILE E 144 -31.65 15.60 13.45
C ILE E 144 -32.40 16.92 13.29
N LEU E 145 -33.60 17.03 13.85
CA LEU E 145 -34.32 18.29 13.79
C LEU E 145 -33.65 19.35 14.65
N LYS E 146 -33.15 18.96 15.82
CA LYS E 146 -32.36 19.88 16.63
C LYS E 146 -31.14 20.35 15.86
N THR E 147 -30.52 19.46 15.12
CA THR E 147 -29.33 19.82 14.41
C THR E 147 -29.62 20.84 13.33
N ARG E 148 -30.74 20.71 12.66
CA ARG E 148 -31.09 21.65 11.60
C ARG E 148 -31.37 23.04 12.15
N GLU E 149 -32.00 23.09 13.32
CA GLU E 149 -32.27 24.38 13.95
C GLU E 149 -31.00 25.05 14.38
N LYS E 150 -30.11 24.30 15.00
CA LYS E 150 -28.83 24.85 15.37
C LYS E 150 -28.18 25.41 14.15
N LEU E 151 -28.19 24.63 13.09
CA LEU E 151 -27.49 25.04 11.87
C LEU E 151 -28.13 26.28 11.28
N ASN E 152 -29.46 26.35 11.26
CA ASN E 152 -30.14 27.49 10.66
C ASN E 152 -29.92 28.76 11.46
N ARG E 153 -29.96 28.66 12.79
CA ARG E 153 -29.74 29.85 13.62
C ARG E 153 -28.36 30.42 13.37
N ILE E 154 -27.33 29.58 13.34
CA ILE E 154 -25.99 30.08 13.06
C ILE E 154 -25.91 30.67 11.66
N LEU E 155 -26.50 29.97 10.68
CA LEU E 155 -26.54 30.50 9.33
C LEU E 155 -27.24 31.86 9.29
N SER E 156 -28.27 32.03 10.11
CA SER E 156 -28.96 33.32 10.18
C SER E 156 -28.03 34.43 10.66
N GLU E 157 -27.25 34.17 11.70
CA GLU E 157 -26.35 35.20 12.22
C GLU E 157 -25.26 35.55 11.21
N ARG E 158 -24.80 34.56 10.43
CA ARG E 158 -23.68 34.76 9.52
C ARG E 158 -24.09 35.43 8.22
N THR E 159 -25.35 35.25 7.79
CA THR E 159 -25.80 35.81 6.52
C THR E 159 -26.64 37.07 6.68
N GLY E 160 -27.26 37.27 7.83
CA GLY E 160 -28.20 38.36 8.01
C GLY E 160 -29.63 38.05 7.60
N GLN E 161 -29.87 36.89 7.00
CA GLN E 161 -31.22 36.48 6.65
C GLN E 161 -31.93 35.91 7.87
N SER E 162 -33.26 36.01 7.86
CA SER E 162 -34.04 35.49 8.97
C SER E 162 -34.01 33.98 8.99
N ILE E 163 -34.28 33.41 10.17
CA ILE E 163 -34.33 31.96 10.27
C ILE E 163 -35.45 31.41 9.39
N GLU E 164 -36.55 32.14 9.26
CA GLU E 164 -37.67 31.69 8.43
C GLU E 164 -37.26 31.61 6.96
N LYS E 165 -36.51 32.56 6.45
CA LYS E 165 -36.04 32.43 5.08
C LYS E 165 -35.06 31.25 4.89
N ILE E 166 -34.16 31.05 5.84
CA ILE E 166 -33.19 29.98 5.76
C ILE E 166 -33.88 28.63 5.70
N GLN E 167 -34.98 28.49 6.43
CA GLN E 167 -35.71 27.24 6.44
C GLN E 167 -36.27 26.95 5.09
N LYS E 168 -36.89 27.94 4.49
CA LYS E 168 -37.50 27.76 3.19
C LYS E 168 -36.48 27.53 2.09
N ASP E 169 -35.40 28.26 2.13
CA ASP E 169 -34.43 28.16 1.09
C ASP E 169 -33.53 26.94 1.21
N THR E 170 -33.53 26.27 2.34
CA THR E 170 -32.76 25.04 2.49
C THR E 170 -33.64 23.80 2.54
N ASP E 171 -34.95 23.94 2.33
CA ASP E 171 -35.84 22.78 2.32
C ASP E 171 -35.45 21.79 1.23
N ARG E 172 -35.05 22.30 0.07
CA ARG E 172 -34.56 21.49 -1.04
C ARG E 172 -33.17 21.97 -1.44
N ASP E 173 -32.49 21.17 -2.27
CA ASP E 173 -31.18 21.54 -2.76
C ASP E 173 -31.24 22.88 -3.49
N ASN E 174 -30.44 23.84 -3.06
CA ASN E 174 -30.43 25.19 -3.61
C ASN E 174 -29.03 25.54 -4.07
N PHE E 175 -28.86 25.69 -5.38
CA PHE E 175 -27.59 26.07 -5.98
C PHE E 175 -27.55 27.56 -6.20
N LEU E 176 -26.45 28.20 -5.82
CA LEU E 176 -26.25 29.63 -5.99
C LEU E 176 -24.95 29.86 -6.72
N THR E 177 -24.96 30.87 -7.59
CA THR E 177 -23.73 31.35 -8.21
C THR E 177 -22.92 32.17 -7.19
N ALA E 178 -21.70 32.50 -7.59
CA ALA E 178 -20.85 33.32 -6.72
C ALA E 178 -21.50 34.66 -6.41
N GLU E 179 -22.05 35.34 -7.43
CA GLU E 179 -22.74 36.61 -7.17
C GLU E 179 -23.95 36.40 -6.28
N GLU E 180 -24.73 35.36 -6.53
CA GLU E 180 -25.90 35.09 -5.70
C GLU E 180 -25.50 34.78 -4.26
N ALA E 181 -24.34 34.14 -4.06
CA ALA E 181 -23.90 33.87 -2.70
C ALA E 181 -23.55 35.17 -1.98
N LYS E 182 -23.01 36.15 -2.70
CA LYS E 182 -22.75 37.46 -2.11
C LYS E 182 -24.05 38.19 -1.78
N GLU E 183 -25.01 38.19 -2.70
CA GLU E 183 -26.29 38.83 -2.39
C GLU E 183 -26.99 38.13 -1.24
N TYR E 184 -26.81 36.80 -1.13
CA TYR E 184 -27.40 36.07 -0.02
C TYR E 184 -26.70 36.36 1.31
N GLY E 185 -25.43 36.76 1.27
CA GLY E 185 -24.67 37.01 2.48
C GLY E 185 -23.79 35.87 2.95
N LEU E 186 -23.64 34.81 2.14
CA LEU E 186 -22.73 33.73 2.50
C LEU E 186 -21.27 34.11 2.30
N ILE E 187 -20.99 35.00 1.35
CA ILE E 187 -19.65 35.52 1.11
C ILE E 187 -19.76 37.05 1.03
N ASP E 188 -18.61 37.69 1.10
CA ASP E 188 -18.55 39.15 1.06
C ASP E 188 -18.15 39.71 -0.30
N GLU E 189 -17.35 38.98 -1.07
CA GLU E 189 -16.88 39.50 -2.34
C GLU E 189 -16.62 38.37 -3.31
N VAL E 190 -16.86 38.66 -4.60
CA VAL E 190 -16.45 37.78 -5.68
C VAL E 190 -15.03 38.20 -6.08
N MET E 191 -14.07 37.33 -5.81
CA MET E 191 -12.66 37.62 -6.10
C MET E 191 -12.48 37.71 -7.61
N VAL E 192 -12.14 38.90 -8.10
CA VAL E 192 -11.88 39.07 -9.56
C VAL E 192 -10.39 38.80 -9.84
N PRO E 193 -9.98 38.52 -11.10
CA PRO E 193 -8.58 38.29 -11.42
C PRO E 193 -7.72 39.51 -11.11
N GLU E 194 -6.47 39.28 -10.71
CA GLU E 194 -5.55 40.39 -10.35
C GLU E 194 -5.33 41.28 -11.59
N THR E 195 -5.04 40.68 -12.74
CA THR E 195 -4.79 41.44 -13.97
C THR E 195 -5.62 40.85 -15.10
N LEU F 4 -2.24 13.18 2.65
CA LEU F 4 -3.41 13.67 3.37
C LEU F 4 -3.00 14.45 4.62
N ILE F 5 -2.28 13.78 5.52
CA ILE F 5 -1.77 14.42 6.73
C ILE F 5 -0.61 15.34 6.35
N PRO F 6 -0.71 16.64 6.59
CA PRO F 6 0.37 17.55 6.22
C PRO F 6 1.59 17.36 7.11
N THR F 7 2.74 17.77 6.57
CA THR F 7 4.01 17.74 7.29
C THR F 7 4.41 19.17 7.65
N VAL F 8 4.85 19.38 8.90
CA VAL F 8 5.34 20.68 9.34
C VAL F 8 6.84 20.55 9.56
N ILE F 9 7.59 21.50 9.01
CA ILE F 9 9.04 21.56 9.16
C ILE F 9 9.41 22.79 9.96
N GLU F 10 10.26 22.62 10.95
CA GLU F 10 10.67 23.72 11.81
C GLU F 10 12.19 23.74 11.90
N THR F 11 12.78 24.90 11.67
CA THR F 11 14.20 25.07 11.93
C THR F 11 14.44 25.03 13.42
N THR F 12 15.24 24.06 13.87
CA THR F 12 15.47 23.81 15.28
C THR F 12 16.94 24.01 15.60
N ASN F 13 17.33 23.61 16.81
CA ASN F 13 18.73 23.72 17.23
C ASN F 13 19.60 22.75 16.46
N ARG F 14 19.14 21.50 16.32
CA ARG F 14 19.89 20.47 15.59
C ARG F 14 19.48 20.39 14.12
N GLY F 15 18.88 21.45 13.58
CA GLY F 15 18.64 21.57 12.16
C GLY F 15 17.19 21.31 11.78
N GLU F 16 16.93 21.28 10.48
CA GLU F 16 15.59 21.06 9.97
C GLU F 16 14.98 19.76 10.50
N ARG F 17 13.81 19.86 11.13
CA ARG F 17 13.15 18.69 11.67
C ARG F 17 11.71 18.66 11.23
N ALA F 18 11.25 17.51 10.75
CA ALA F 18 9.90 17.41 10.21
C ALA F 18 8.96 16.53 11.00
N TYR F 19 7.75 17.01 11.15
CA TYR F 19 6.71 16.26 11.84
C TYR F 19 5.47 16.19 10.97
N ASP F 20 4.74 15.09 11.10
CA ASP F 20 3.33 15.10 10.70
C ASP F 20 2.53 15.86 11.74
N ILE F 21 1.39 16.40 11.32
CA ILE F 21 0.67 17.33 12.18
C ILE F 21 0.29 16.67 13.50
N TYR F 22 0.03 15.36 13.47
CA TYR F 22 -0.39 14.74 14.72
C TYR F 22 0.80 14.53 15.65
N SER F 23 1.95 14.14 15.10
CA SER F 23 3.15 14.06 15.93
C SER F 23 3.54 15.44 16.45
N ARG F 24 3.27 16.50 15.69
CA ARG F 24 3.53 17.85 16.19
C ARG F 24 2.66 18.17 17.39
N LEU F 25 1.39 17.76 17.37
CA LEU F 25 0.54 17.94 18.53
C LEU F 25 1.10 17.23 19.75
N LEU F 26 1.60 16.00 19.57
CA LEU F 26 2.12 15.25 20.70
C LEU F 26 3.32 15.93 21.34
N LYS F 27 4.14 16.62 20.55
CA LYS F 27 5.28 17.33 21.12
C LYS F 27 4.81 18.39 22.12
N ASP F 28 3.60 18.90 21.97
CA ASP F 28 3.01 19.81 22.94
C ASP F 28 2.13 19.09 23.96
N ARG F 29 2.30 17.77 24.10
CA ARG F 29 1.56 16.98 25.07
C ARG F 29 0.07 16.94 24.78
N ILE F 30 -0.29 16.99 23.50
CA ILE F 30 -1.67 16.87 23.04
C ILE F 30 -1.84 15.50 22.39
N ILE F 31 -2.84 14.74 22.82
CA ILE F 31 -3.15 13.42 22.27
C ILE F 31 -4.49 13.50 21.57
N MET F 32 -4.56 12.96 20.36
CA MET F 32 -5.75 13.01 19.52
C MET F 32 -6.48 11.67 19.60
N LEU F 33 -7.66 11.67 20.22
CA LEU F 33 -8.57 10.53 20.17
C LEU F 33 -9.66 10.87 19.16
N GLY F 34 -9.36 10.68 17.88
CA GLY F 34 -10.23 11.16 16.83
C GLY F 34 -10.74 10.10 15.89
N SER F 35 -10.95 8.90 16.41
CA SER F 35 -11.45 7.82 15.57
C SER F 35 -12.22 6.84 16.45
N GLN F 36 -12.81 5.85 15.80
CA GLN F 36 -13.43 4.75 16.51
C GLN F 36 -12.38 4.06 17.39
N ILE F 37 -12.80 3.68 18.58
CA ILE F 37 -11.87 3.13 19.57
C ILE F 37 -11.80 1.63 19.39
N ASP F 38 -10.68 1.14 18.85
CA ASP F 38 -10.36 -0.28 18.84
C ASP F 38 -9.10 -0.50 19.66
N ASP F 39 -8.63 -1.74 19.70
CA ASP F 39 -7.46 -2.05 20.50
C ASP F 39 -6.24 -1.29 20.01
N ASN F 40 -6.07 -1.18 18.69
CA ASN F 40 -4.90 -0.47 18.17
C ASN F 40 -4.91 0.99 18.58
N VAL F 41 -6.08 1.65 18.53
CA VAL F 41 -6.17 3.04 18.95
C VAL F 41 -5.87 3.16 20.45
N ALA F 42 -6.43 2.25 21.26
CA ALA F 42 -6.20 2.31 22.69
C ALA F 42 -4.73 2.08 23.04
N ASN F 43 -4.11 1.07 22.43
CA ASN F 43 -2.71 0.79 22.74
C ASN F 43 -1.81 1.96 22.37
N SER F 44 -2.10 2.63 21.25
CA SER F 44 -1.29 3.79 20.90
C SER F 44 -1.49 4.90 21.92
N ILE F 45 -2.72 5.14 22.35
CA ILE F 45 -2.97 6.20 23.31
C ILE F 45 -2.36 5.86 24.67
N VAL F 46 -2.41 4.59 25.07
CA VAL F 46 -1.76 4.18 26.32
C VAL F 46 -0.26 4.47 26.24
N SER F 47 0.37 4.18 25.11
CA SER F 47 1.81 4.42 24.97
C SER F 47 2.15 5.90 25.01
N GLN F 48 1.30 6.74 24.40
CA GLN F 48 1.54 8.19 24.42
C GLN F 48 1.42 8.75 25.84
N LEU F 49 0.42 8.28 26.59
CA LEU F 49 0.26 8.77 27.97
C LEU F 49 1.46 8.42 28.83
N LEU F 50 1.97 7.19 28.69
CA LEU F 50 3.15 6.81 29.47
C LEU F 50 4.38 7.57 29.00
N PHE F 51 4.50 7.81 27.70
CA PHE F 51 5.63 8.57 27.18
C PHE F 51 5.60 10.01 27.69
N LEU F 52 4.43 10.64 27.70
CA LEU F 52 4.35 12.01 28.19
C LEU F 52 4.68 12.07 29.67
N GLN F 53 4.21 11.10 30.46
CA GLN F 53 4.54 11.11 31.89
C GLN F 53 6.03 10.91 32.12
N ALA F 54 6.68 10.08 31.30
CA ALA F 54 8.13 9.90 31.43
C ALA F 54 8.88 11.16 31.07
N GLN F 55 8.35 11.98 30.16
CA GLN F 55 8.99 13.24 29.83
C GLN F 55 8.83 14.26 30.96
N ASP F 56 7.66 14.27 31.60
CA ASP F 56 7.38 15.21 32.67
C ASP F 56 6.20 14.67 33.47
N SER F 57 6.44 14.34 34.73
CA SER F 57 5.42 13.70 35.54
C SER F 57 4.47 14.69 36.21
N GLU F 58 4.68 15.99 36.03
CA GLU F 58 3.83 16.99 36.67
C GLU F 58 3.11 17.89 35.68
N LYS F 59 3.55 17.96 34.43
CA LYS F 59 2.89 18.82 33.45
C LYS F 59 1.60 18.19 32.95
N ASP F 60 0.58 19.03 32.78
CA ASP F 60 -0.72 18.56 32.33
C ASP F 60 -0.60 17.90 30.96
N ILE F 61 -1.54 16.99 30.69
CA ILE F 61 -1.70 16.35 29.39
C ILE F 61 -3.08 16.72 28.84
N TYR F 62 -3.17 16.79 27.52
CA TYR F 62 -4.39 17.26 26.86
C TYR F 62 -4.88 16.20 25.87
N LEU F 63 -6.10 15.70 26.10
CA LEU F 63 -6.69 14.65 25.28
C LEU F 63 -7.86 15.23 24.49
N TYR F 64 -7.68 15.32 23.18
CA TYR F 64 -8.73 15.79 22.27
C TYR F 64 -9.62 14.63 21.85
N ILE F 65 -10.93 14.79 22.00
CA ILE F 65 -11.87 13.70 21.78
C ILE F 65 -12.85 14.12 20.68
N ASN F 66 -12.79 13.45 19.55
CA ASN F 66 -13.79 13.51 18.49
C ASN F 66 -13.94 12.07 18.00
N SER F 67 -14.77 11.30 18.71
CA SER F 67 -14.85 9.86 18.51
C SER F 67 -16.25 9.34 18.79
N PRO F 68 -16.74 8.40 17.97
CA PRO F 68 -18.04 7.77 18.25
C PRO F 68 -17.96 6.67 19.30
N GLY F 69 -16.79 6.41 19.87
CA GLY F 69 -16.65 5.33 20.82
C GLY F 69 -16.12 4.06 20.18
N GLY F 70 -16.43 2.92 20.77
CA GLY F 70 -15.98 1.64 20.27
C GLY F 70 -15.88 0.62 21.37
N SER F 71 -14.84 -0.20 21.35
CA SER F 71 -14.71 -1.31 22.28
C SER F 71 -14.66 -0.83 23.73
N VAL F 72 -15.43 -1.50 24.60
CA VAL F 72 -15.48 -1.09 25.99
C VAL F 72 -14.16 -1.40 26.68
N THR F 73 -13.58 -2.57 26.42
CA THR F 73 -12.31 -2.91 27.03
C THR F 73 -11.20 -1.99 26.53
N ALA F 74 -11.22 -1.62 25.24
CA ALA F 74 -10.22 -0.68 24.73
C ALA F 74 -10.35 0.67 25.42
N GLY F 75 -11.57 1.13 25.64
CA GLY F 75 -11.76 2.40 26.33
C GLY F 75 -11.26 2.35 27.75
N PHE F 76 -11.43 1.21 28.42
CA PHE F 76 -10.96 1.08 29.80
C PHE F 76 -9.44 1.01 29.87
N ALA F 77 -8.79 0.48 28.84
CA ALA F 77 -7.32 0.56 28.81
C ALA F 77 -6.86 2.00 28.89
N ILE F 78 -7.52 2.90 28.17
CA ILE F 78 -7.19 4.32 28.25
C ILE F 78 -7.61 4.88 29.60
N TYR F 79 -8.81 4.52 30.07
CA TYR F 79 -9.29 5.05 31.33
C TYR F 79 -8.33 4.72 32.46
N ASP F 80 -7.93 3.45 32.58
CA ASP F 80 -7.07 3.05 33.69
C ASP F 80 -5.68 3.68 33.58
N THR F 81 -5.20 3.92 32.36
CA THR F 81 -3.92 4.57 32.20
C THR F 81 -3.99 6.03 32.62
N ILE F 82 -5.11 6.69 32.32
CA ILE F 82 -5.29 8.07 32.77
C ILE F 82 -5.26 8.13 34.29
N GLN F 83 -6.00 7.25 34.96
CA GLN F 83 -6.06 7.30 36.42
C GLN F 83 -4.74 6.91 37.06
N HIS F 84 -3.92 6.12 36.36
CA HIS F 84 -2.69 5.63 36.96
C HIS F 84 -1.59 6.69 36.95
N ILE F 85 -1.46 7.46 35.86
CA ILE F 85 -0.34 8.40 35.76
C ILE F 85 -0.55 9.60 36.67
N LYS F 86 0.56 10.28 36.98
CA LYS F 86 0.57 11.42 37.91
C LYS F 86 0.00 12.68 37.27
N PRO F 87 0.40 13.04 36.05
CA PRO F 87 -0.09 14.30 35.47
C PRO F 87 -1.60 14.31 35.35
N ASP F 88 -2.17 15.51 35.51
CA ASP F 88 -3.58 15.71 35.19
C ASP F 88 -3.77 15.55 33.68
N VAL F 89 -4.88 14.91 33.30
CA VAL F 89 -5.23 14.74 31.90
C VAL F 89 -6.49 15.56 31.63
N GLN F 90 -6.35 16.59 30.85
CA GLN F 90 -7.50 17.35 30.46
C GLN F 90 -8.19 16.71 29.28
N THR F 91 -9.49 16.89 29.20
CA THR F 91 -10.28 16.34 28.10
C THR F 91 -11.12 17.45 27.49
N ILE F 92 -11.31 17.38 26.17
CA ILE F 92 -12.20 18.31 25.47
C ILE F 92 -12.88 17.53 24.36
N CYS F 93 -14.19 17.71 24.24
CA CYS F 93 -14.98 17.14 23.16
C CYS F 93 -15.04 18.16 22.04
N ILE F 94 -14.54 17.79 20.85
CA ILE F 94 -14.70 18.64 19.67
C ILE F 94 -15.60 17.87 18.69
N GLY F 95 -16.66 18.52 18.23
CA GLY F 95 -17.57 17.86 17.32
C GLY F 95 -18.52 16.91 18.02
N MET F 96 -18.02 15.74 18.41
CA MET F 96 -18.87 14.72 18.99
C MET F 96 -18.07 13.77 19.87
N ALA F 97 -18.69 13.35 20.96
CA ALA F 97 -18.15 12.30 21.83
C ALA F 97 -19.32 11.42 22.24
N ALA F 98 -19.32 10.18 21.76
CA ALA F 98 -20.41 9.25 22.04
C ALA F 98 -19.84 7.94 22.55
N SER F 99 -20.70 7.18 23.23
CA SER F 99 -20.39 5.83 23.72
C SER F 99 -19.13 5.92 24.59
N MET F 100 -18.13 5.08 24.39
CA MET F 100 -16.92 5.14 25.19
C MET F 100 -16.19 6.48 25.04
N GLY F 101 -16.47 7.22 23.97
CA GLY F 101 -15.87 8.55 23.83
C GLY F 101 -16.31 9.50 24.92
N SER F 102 -17.62 9.51 25.21
CA SER F 102 -18.11 10.40 26.27
C SER F 102 -17.73 9.88 27.65
N PHE F 103 -17.53 8.56 27.78
CA PHE F 103 -17.01 8.03 29.04
C PHE F 103 -15.60 8.56 29.32
N LEU F 104 -14.74 8.58 28.31
CA LEU F 104 -13.39 9.10 28.52
C LEU F 104 -13.39 10.62 28.68
N LEU F 105 -14.33 11.31 28.05
CA LEU F 105 -14.47 12.75 28.27
C LEU F 105 -14.76 13.06 29.73
N ALA F 106 -15.69 12.31 30.34
CA ALA F 106 -16.01 12.49 31.75
C ALA F 106 -14.90 12.00 32.68
N ALA F 107 -13.92 11.27 32.15
CA ALA F 107 -12.86 10.70 32.97
C ALA F 107 -11.66 11.63 33.15
N GLY F 108 -11.70 12.83 32.57
CA GLY F 108 -10.62 13.78 32.72
C GLY F 108 -10.52 14.36 34.12
N ALA F 109 -9.43 15.08 34.36
CA ALA F 109 -9.21 15.69 35.66
C ALA F 109 -10.37 16.61 36.02
N LYS F 110 -10.82 16.53 37.27
CA LYS F 110 -11.94 17.34 37.73
C LYS F 110 -11.62 18.82 37.56
N GLY F 111 -12.54 19.55 36.96
CA GLY F 111 -12.34 20.95 36.64
C GLY F 111 -11.64 21.20 35.32
N LYS F 112 -11.16 20.15 34.65
CA LYS F 112 -10.43 20.29 33.39
C LYS F 112 -11.07 19.43 32.31
N ARG F 113 -12.40 19.31 32.34
CA ARG F 113 -13.17 18.62 31.31
C ARG F 113 -13.99 19.66 30.56
N PHE F 114 -13.76 19.76 29.25
CA PHE F 114 -14.32 20.83 28.44
C PHE F 114 -15.05 20.28 27.23
N ALA F 115 -15.78 21.17 26.57
CA ALA F 115 -16.40 20.88 25.28
C ALA F 115 -16.56 22.19 24.52
N LEU F 116 -16.31 22.15 23.22
CA LEU F 116 -16.53 23.33 22.40
C LEU F 116 -18.02 23.62 22.33
N PRO F 117 -18.38 24.86 22.02
CA PRO F 117 -19.80 25.27 22.19
C PRO F 117 -20.78 24.43 21.40
N ASN F 118 -20.43 24.00 20.19
CA ASN F 118 -21.35 23.26 19.34
C ASN F 118 -21.06 21.77 19.32
N ALA F 119 -20.20 21.26 20.19
CA ALA F 119 -19.93 19.83 20.24
C ALA F 119 -21.13 19.08 20.83
N GLU F 120 -21.23 17.80 20.51
CA GLU F 120 -22.32 16.95 20.95
C GLU F 120 -21.80 15.83 21.82
N VAL F 121 -22.54 15.52 22.89
CA VAL F 121 -22.20 14.43 23.79
C VAL F 121 -23.36 13.45 23.80
N MET F 122 -23.04 12.17 23.65
CA MET F 122 -24.06 11.12 23.65
C MET F 122 -23.71 10.05 24.66
N ILE F 123 -24.71 9.57 25.38
CA ILE F 123 -24.53 8.49 26.34
C ILE F 123 -25.55 7.40 26.04
N HIS F 124 -25.17 6.16 26.32
CA HIS F 124 -26.03 5.01 26.04
C HIS F 124 -25.49 3.81 26.80
N GLN F 125 -26.25 2.73 26.76
CA GLN F 125 -25.78 1.48 27.37
C GLN F 125 -24.96 0.68 26.38
N PRO F 126 -24.09 -0.22 26.86
CA PRO F 126 -23.22 -0.95 25.94
C PRO F 126 -24.00 -1.86 25.00
N LEU F 127 -23.34 -2.21 23.89
CA LEU F 127 -23.90 -3.09 22.87
C LEU F 127 -23.06 -4.35 22.76
N GLY F 128 -23.69 -5.43 22.30
CA GLY F 128 -23.01 -6.69 22.15
C GLY F 128 -23.85 -7.69 21.39
N GLY F 129 -23.37 -8.93 21.37
CA GLY F 129 -24.06 -10.00 20.69
C GLY F 129 -23.76 -11.33 21.36
N ALA F 130 -24.53 -12.34 20.98
CA ALA F 130 -24.39 -13.67 21.55
C ALA F 130 -25.16 -14.68 20.71
N GLN F 131 -24.49 -15.73 20.25
CA GLN F 131 -25.14 -16.76 19.46
C GLN F 131 -24.62 -18.13 19.88
N GLY F 132 -25.55 -19.04 20.17
CA GLY F 132 -25.19 -20.39 20.56
C GLY F 132 -26.18 -21.08 21.49
N GLN F 133 -25.67 -21.96 22.34
CA GLN F 133 -26.53 -22.67 23.29
C GLN F 133 -27.07 -21.68 24.33
N ALA F 134 -28.13 -22.09 25.01
CA ALA F 134 -28.74 -21.23 26.02
C ALA F 134 -27.72 -20.83 27.09
N THR F 135 -26.86 -21.76 27.51
CA THR F 135 -25.89 -21.40 28.55
C THR F 135 -24.85 -20.41 28.03
N GLU F 136 -24.53 -20.46 26.73
CA GLU F 136 -23.60 -19.47 26.19
C GLU F 136 -24.25 -18.09 26.16
N ILE F 137 -25.51 -18.02 25.75
CA ILE F 137 -26.19 -16.73 25.76
C ILE F 137 -26.32 -16.20 27.17
N GLU F 138 -26.48 -17.09 28.16
CA GLU F 138 -26.53 -16.65 29.55
C GLU F 138 -25.18 -16.06 29.97
N ILE F 139 -24.08 -16.71 29.57
CA ILE F 139 -22.76 -16.19 29.93
C ILE F 139 -22.57 -14.80 29.33
N ALA F 140 -22.92 -14.64 28.05
CA ALA F 140 -22.77 -13.35 27.40
C ALA F 140 -23.67 -12.29 28.02
N ALA F 141 -24.90 -12.67 28.38
CA ALA F 141 -25.81 -11.72 29.00
C ALA F 141 -25.29 -11.26 30.36
N ASN F 142 -24.80 -12.20 31.18
CA ASN F 142 -24.27 -11.83 32.48
C ASN F 142 -23.07 -10.89 32.33
N HIS F 143 -22.21 -11.16 31.35
CA HIS F 143 -21.02 -10.33 31.20
C HIS F 143 -21.37 -8.91 30.77
N ILE F 144 -22.24 -8.77 29.77
CA ILE F 144 -22.58 -7.43 29.30
C ILE F 144 -23.35 -6.67 30.36
N LEU F 145 -24.16 -7.36 31.16
CA LEU F 145 -24.87 -6.68 32.24
C LEU F 145 -23.90 -6.25 33.34
N LYS F 146 -22.91 -7.08 33.65
CA LYS F 146 -21.86 -6.69 34.58
C LYS F 146 -21.12 -5.46 34.06
N THR F 147 -20.81 -5.45 32.77
CA THR F 147 -20.07 -4.34 32.18
C THR F 147 -20.84 -3.04 32.31
N ARG F 148 -22.17 -3.09 32.13
CA ARG F 148 -22.97 -1.88 32.28
C ARG F 148 -22.94 -1.38 33.71
N GLU F 149 -23.10 -2.27 34.69
CA GLU F 149 -23.04 -1.86 36.08
C GLU F 149 -21.72 -1.17 36.38
N LYS F 150 -20.62 -1.74 35.89
CA LYS F 150 -19.30 -1.15 36.11
C LYS F 150 -19.24 0.26 35.50
N LEU F 151 -19.66 0.38 34.24
CA LEU F 151 -19.67 1.68 33.57
C LEU F 151 -20.55 2.68 34.32
N ASN F 152 -21.74 2.24 34.76
CA ASN F 152 -22.65 3.16 35.42
C ASN F 152 -22.09 3.65 36.75
N ARG F 153 -21.38 2.78 37.47
CA ARG F 153 -20.82 3.18 38.76
C ARG F 153 -19.80 4.30 38.59
N ILE F 154 -18.85 4.13 37.66
CA ILE F 154 -17.84 5.15 37.44
C ILE F 154 -18.48 6.44 36.94
N LEU F 155 -19.43 6.31 36.01
CA LEU F 155 -20.15 7.49 35.54
C LEU F 155 -20.82 8.21 36.69
N SER F 156 -21.34 7.46 37.66
CA SER F 156 -21.93 8.10 38.83
C SER F 156 -20.87 8.88 39.59
N GLU F 157 -19.69 8.28 39.79
CA GLU F 157 -18.62 8.95 40.51
C GLU F 157 -18.13 10.19 39.78
N ARG F 158 -18.09 10.14 38.44
CA ARG F 158 -17.50 11.23 37.66
C ARG F 158 -18.44 12.41 37.50
N THR F 159 -19.75 12.16 37.50
CA THR F 159 -20.72 13.22 37.27
C THR F 159 -21.41 13.69 38.54
N GLY F 160 -21.48 12.86 39.57
CA GLY F 160 -22.26 13.16 40.76
C GLY F 160 -23.70 12.71 40.69
N GLN F 161 -24.15 12.20 39.56
CA GLN F 161 -25.51 11.68 39.45
C GLN F 161 -25.59 10.28 40.07
N SER F 162 -26.78 9.94 40.56
CA SER F 162 -27.00 8.63 41.15
C SER F 162 -26.95 7.54 40.09
N ILE F 163 -26.69 6.31 40.54
CA ILE F 163 -26.68 5.18 39.61
C ILE F 163 -28.06 4.98 38.99
N GLU F 164 -29.13 5.28 39.74
CA GLU F 164 -30.48 5.12 39.21
C GLU F 164 -30.72 6.03 38.02
N LYS F 165 -30.33 7.31 38.16
CA LYS F 165 -30.52 8.25 37.06
C LYS F 165 -29.68 7.88 35.86
N ILE F 166 -28.45 7.41 36.09
CA ILE F 166 -27.60 7.00 34.98
C ILE F 166 -28.26 5.88 34.20
N GLN F 167 -28.94 4.96 34.91
CA GLN F 167 -29.58 3.83 34.24
C GLN F 167 -30.71 4.30 33.33
N LYS F 168 -31.53 5.25 33.81
CA LYS F 168 -32.63 5.73 32.98
C LYS F 168 -32.12 6.53 31.79
N ASP F 169 -31.14 7.39 32.02
CA ASP F 169 -30.69 8.30 30.97
C ASP F 169 -29.86 7.60 29.90
N THR F 170 -29.37 6.39 30.17
CA THR F 170 -28.61 5.63 29.18
C THR F 170 -29.39 4.44 28.64
N ASP F 171 -30.66 4.28 29.05
CA ASP F 171 -31.45 3.17 28.54
C ASP F 171 -31.60 3.27 27.02
N ARG F 172 -31.75 4.50 26.51
CA ARG F 172 -31.79 4.77 25.09
C ARG F 172 -30.73 5.80 24.73
N ASP F 173 -30.48 5.95 23.43
CA ASP F 173 -29.54 6.96 22.96
C ASP F 173 -29.98 8.33 23.46
N ASN F 174 -29.09 9.02 24.18
CA ASN F 174 -29.37 10.31 24.78
C ASN F 174 -28.36 11.34 24.26
N PHE F 175 -28.83 12.31 23.48
CA PHE F 175 -27.99 13.36 22.94
C PHE F 175 -28.05 14.58 23.86
N LEU F 176 -26.89 15.16 24.14
CA LEU F 176 -26.80 16.33 25.00
C LEU F 176 -26.00 17.41 24.30
N THR F 177 -26.42 18.66 24.48
CA THR F 177 -25.62 19.79 24.04
C THR F 177 -24.43 19.97 24.98
N ALA F 178 -23.53 20.88 24.60
CA ALA F 178 -22.39 21.17 25.46
C ALA F 178 -22.87 21.67 26.82
N GLU F 179 -23.80 22.62 26.82
CA GLU F 179 -24.33 23.16 28.07
C GLU F 179 -25.02 22.07 28.87
N GLU F 180 -25.82 21.22 28.22
CA GLU F 180 -26.49 20.14 28.92
C GLU F 180 -25.49 19.17 29.54
N ALA F 181 -24.36 18.96 28.86
CA ALA F 181 -23.37 18.02 29.34
C ALA F 181 -22.78 18.57 30.60
N LYS F 182 -22.37 19.83 30.55
CA LYS F 182 -21.85 20.48 31.73
C LYS F 182 -22.85 20.32 32.84
N GLU F 183 -24.12 20.56 32.53
CA GLU F 183 -25.16 20.42 33.53
C GLU F 183 -25.15 19.04 34.15
N TYR F 184 -25.05 18.01 33.32
CA TYR F 184 -25.10 16.64 33.85
C TYR F 184 -23.87 16.31 34.67
N GLY F 185 -22.79 17.08 34.50
CA GLY F 185 -21.56 16.75 35.20
C GLY F 185 -20.57 15.95 34.39
N LEU F 186 -20.82 15.75 33.10
CA LEU F 186 -19.89 15.04 32.24
C LEU F 186 -18.68 15.89 31.91
N ILE F 187 -18.86 17.21 31.87
CA ILE F 187 -17.77 18.15 31.66
C ILE F 187 -17.88 19.24 32.71
N ASP F 188 -16.78 19.95 32.94
CA ASP F 188 -16.77 20.97 34.01
C ASP F 188 -17.11 22.36 33.44
N GLU F 189 -16.69 22.66 32.21
CA GLU F 189 -16.92 24.01 31.66
C GLU F 189 -17.01 23.97 30.12
N VAL F 190 -17.92 24.75 29.54
CA VAL F 190 -18.01 24.84 28.04
C VAL F 190 -17.01 25.93 27.61
N MET F 191 -16.08 25.59 26.71
CA MET F 191 -15.05 26.53 26.31
C MET F 191 -15.60 27.57 25.40
N VAL F 192 -15.57 28.80 25.86
CA VAL F 192 -16.09 29.90 25.09
C VAL F 192 -15.04 30.50 24.25
N PRO F 193 -15.44 31.09 23.13
CA PRO F 193 -14.43 31.55 22.20
C PRO F 193 -13.27 32.31 22.84
N GLU F 194 -12.05 31.83 22.62
CA GLU F 194 -10.86 32.57 22.98
C GLU F 194 -11.05 33.96 22.48
N THR F 195 -11.14 34.92 23.41
CA THR F 195 -11.34 36.34 23.03
C THR F 195 -12.33 36.42 21.89
N ASN G 3 -2.97 1.84 11.78
CA ASN G 3 -3.19 3.08 12.52
C ASN G 3 -2.09 4.10 12.23
N LEU G 4 -2.37 5.37 12.54
CA LEU G 4 -1.35 6.42 12.44
C LEU G 4 -0.56 6.42 13.75
N ILE G 5 0.57 5.71 13.72
CA ILE G 5 1.44 5.63 14.89
C ILE G 5 2.23 6.92 14.99
N PRO G 6 2.04 7.70 16.05
CA PRO G 6 2.78 8.97 16.17
C PRO G 6 4.28 8.72 16.29
N THR G 7 5.04 9.76 15.96
CA THR G 7 6.49 9.75 16.03
C THR G 7 6.93 10.70 17.15
N VAL G 8 7.82 10.22 18.01
CA VAL G 8 8.40 11.04 19.07
C VAL G 8 9.88 11.27 18.75
N ILE G 9 10.38 12.43 19.17
CA ILE G 9 11.76 12.84 18.92
C ILE G 9 12.45 12.97 20.26
N GLU G 10 13.36 12.04 20.55
CA GLU G 10 14.10 12.04 21.82
C GLU G 10 13.17 12.14 23.03
N GLY G 15 19.12 13.86 22.64
CA GLY G 15 20.07 13.61 21.57
C GLY G 15 19.51 13.90 20.19
N GLU G 16 19.59 12.90 19.29
CA GLU G 16 19.09 13.04 17.92
C GLU G 16 18.57 11.67 17.47
N ARG G 17 17.35 11.34 17.93
CA ARG G 17 16.72 10.09 17.57
C ARG G 17 15.21 10.28 17.49
N ALA G 18 14.62 9.88 16.36
CA ALA G 18 13.18 9.91 16.18
C ALA G 18 12.67 8.49 16.00
N TYR G 19 11.67 8.11 16.79
CA TYR G 19 11.16 6.75 16.77
C TYR G 19 9.64 6.77 16.85
N ASP G 20 9.01 5.78 16.21
CA ASP G 20 7.59 5.55 16.43
C ASP G 20 7.37 5.17 17.89
N ILE G 21 6.14 5.39 18.36
CA ILE G 21 5.88 5.31 19.80
C ILE G 21 6.18 3.91 20.34
N TYR G 22 6.02 2.88 19.51
CA TYR G 22 6.25 1.52 19.97
C TYR G 22 7.74 1.21 20.06
N SER G 23 8.54 1.69 19.11
CA SER G 23 9.98 1.53 19.21
C SER G 23 10.55 2.28 20.41
N ARG G 24 9.96 3.42 20.76
CA ARG G 24 10.38 4.12 21.97
C ARG G 24 10.10 3.28 23.21
N LEU G 25 8.98 2.57 23.22
CA LEU G 25 8.69 1.66 24.33
C LEU G 25 9.79 0.64 24.52
N LEU G 26 10.26 0.03 23.43
CA LEU G 26 11.30 -0.99 23.53
C LEU G 26 12.57 -0.44 24.16
N LYS G 27 12.85 0.85 23.98
CA LYS G 27 14.04 1.43 24.61
C LYS G 27 13.96 1.37 26.12
N ASP G 28 12.75 1.33 26.68
CA ASP G 28 12.55 1.14 28.11
C ASP G 28 12.29 -0.33 28.47
N ARG G 29 12.60 -1.25 27.56
CA ARG G 29 12.43 -2.68 27.80
C ARG G 29 10.96 -3.09 27.95
N ILE G 30 10.07 -2.31 27.34
CA ILE G 30 8.63 -2.60 27.33
C ILE G 30 8.27 -3.17 25.97
N ILE G 31 7.60 -4.32 25.97
CA ILE G 31 7.11 -4.97 24.75
C ILE G 31 5.58 -4.93 24.78
N MET G 32 4.98 -4.57 23.65
CA MET G 32 3.53 -4.43 23.56
C MET G 32 2.95 -5.66 22.87
N LEU G 33 2.11 -6.41 23.58
CA LEU G 33 1.33 -7.49 22.99
C LEU G 33 -0.11 -7.00 22.92
N GLY G 34 -0.41 -6.29 21.83
CA GLY G 34 -1.64 -5.53 21.74
C GLY G 34 -2.50 -5.89 20.55
N SER G 35 -2.37 -7.12 20.05
CA SER G 35 -3.20 -7.56 18.93
C SER G 35 -3.46 -9.05 19.07
N GLN G 36 -4.32 -9.56 18.18
CA GLN G 36 -4.49 -11.00 18.06
C GLN G 36 -3.14 -11.66 17.85
N ILE G 37 -2.97 -12.85 18.41
CA ILE G 37 -1.68 -13.54 18.40
C ILE G 37 -1.64 -14.47 17.19
N ASP G 38 -0.81 -14.13 16.21
CA ASP G 38 -0.51 -15.01 15.10
C ASP G 38 1.01 -15.21 15.04
N ASP G 39 1.46 -15.98 14.04
CA ASP G 39 2.87 -16.29 13.94
C ASP G 39 3.71 -15.02 13.79
N ASN G 40 3.22 -14.07 12.99
CA ASN G 40 3.95 -12.82 12.78
C ASN G 40 4.18 -12.08 14.09
N VAL G 41 3.10 -11.95 14.89
CA VAL G 41 3.21 -11.27 16.19
C VAL G 41 4.15 -12.03 17.12
N ALA G 42 4.01 -13.36 17.16
CA ALA G 42 4.86 -14.16 18.05
C ALA G 42 6.32 -14.03 17.66
N ASN G 43 6.63 -14.16 16.36
CA ASN G 43 8.02 -14.09 15.93
C ASN G 43 8.65 -12.73 16.27
N SER G 44 7.88 -11.64 16.17
CA SER G 44 8.41 -10.34 16.52
C SER G 44 8.66 -10.22 18.02
N ILE G 45 7.75 -10.77 18.83
CA ILE G 45 7.92 -10.65 20.27
C ILE G 45 9.07 -11.53 20.74
N VAL G 46 9.19 -12.74 20.18
CA VAL G 46 10.34 -13.57 20.51
C VAL G 46 11.63 -12.83 20.18
N SER G 47 11.71 -12.21 19.01
CA SER G 47 12.90 -11.46 18.65
C SER G 47 13.15 -10.32 19.64
N GLN G 48 12.10 -9.58 20.00
CA GLN G 48 12.27 -8.47 20.92
C GLN G 48 12.80 -8.95 22.28
N LEU G 49 12.25 -10.06 22.78
CA LEU G 49 12.72 -10.61 24.05
C LEU G 49 14.20 -10.96 23.99
N LEU G 50 14.63 -11.62 22.90
CA LEU G 50 16.04 -11.99 22.78
C LEU G 50 16.91 -10.76 22.64
N PHE G 51 16.43 -9.75 21.89
CA PHE G 51 17.20 -8.52 21.76
C PHE G 51 17.37 -7.85 23.11
N LEU G 52 16.30 -7.75 23.91
CA LEU G 52 16.40 -7.09 25.19
C LEU G 52 17.37 -7.81 26.13
N GLN G 53 17.35 -9.15 26.11
CA GLN G 53 18.27 -9.89 26.95
C GLN G 53 19.72 -9.67 26.51
N ALA G 54 19.95 -9.57 25.20
CA ALA G 54 21.29 -9.30 24.68
C ALA G 54 21.79 -7.93 25.11
N GLN G 55 20.88 -6.96 25.24
CA GLN G 55 21.25 -5.65 25.75
C GLN G 55 21.61 -5.72 27.22
N ASP G 56 20.84 -6.47 28.01
CA ASP G 56 21.07 -6.58 29.44
C ASP G 56 20.38 -7.83 29.94
N SER G 57 21.17 -8.80 30.38
CA SER G 57 20.63 -10.08 30.81
C SER G 57 20.13 -10.08 32.25
N GLU G 58 20.17 -8.92 32.93
CA GLU G 58 19.71 -8.84 34.31
C GLU G 58 18.52 -7.92 34.52
N LYS G 59 18.39 -6.85 33.74
CA LYS G 59 17.30 -5.92 33.93
C LYS G 59 15.97 -6.56 33.53
N ASP G 60 14.93 -6.27 34.32
CA ASP G 60 13.61 -6.81 34.05
C ASP G 60 13.11 -6.33 32.70
N ILE G 61 12.25 -7.15 32.10
CA ILE G 61 11.50 -6.81 30.90
C ILE G 61 10.04 -6.69 31.29
N TYR G 62 9.28 -5.90 30.52
CA TYR G 62 7.89 -5.61 30.83
C TYR G 62 7.02 -5.93 29.61
N LEU G 63 6.04 -6.79 29.78
CA LEU G 63 5.16 -7.21 28.69
C LEU G 63 3.77 -6.66 28.95
N TYR G 64 3.35 -5.69 28.15
CA TYR G 64 1.99 -5.15 28.19
C TYR G 64 1.09 -6.04 27.35
N ILE G 65 -0.08 -6.40 27.88
CA ILE G 65 -0.97 -7.34 27.20
C ILE G 65 -2.35 -6.73 27.10
N ASN G 66 -2.81 -6.52 25.85
CA ASN G 66 -4.17 -6.11 25.54
C ASN G 66 -4.52 -6.87 24.26
N SER G 67 -4.96 -8.11 24.43
CA SER G 67 -5.04 -9.04 23.30
C SER G 67 -6.16 -10.05 23.50
N PRO G 68 -6.90 -10.37 22.44
CA PRO G 68 -7.90 -11.43 22.52
C PRO G 68 -7.32 -12.83 22.46
N GLY G 69 -6.00 -12.97 22.36
CA GLY G 69 -5.40 -14.27 22.17
C GLY G 69 -5.25 -14.61 20.70
N GLY G 70 -5.23 -15.91 20.43
CA GLY G 70 -5.04 -16.40 19.08
C GLY G 70 -4.47 -17.80 19.01
N SER G 71 -3.59 -18.04 18.04
CA SER G 71 -3.01 -19.36 17.84
C SER G 71 -2.30 -19.85 19.09
N VAL G 72 -2.52 -21.12 19.43
CA VAL G 72 -1.92 -21.68 20.64
C VAL G 72 -0.42 -21.86 20.44
N THR G 73 0.00 -22.37 19.28
CA THR G 73 1.44 -22.55 19.04
C THR G 73 2.17 -21.22 19.01
N ALA G 74 1.55 -20.18 18.46
CA ALA G 74 2.18 -18.86 18.48
C ALA G 74 2.34 -18.36 19.91
N GLY G 75 1.32 -18.56 20.74
CA GLY G 75 1.43 -18.15 22.13
C GLY G 75 2.53 -18.90 22.85
N PHE G 76 2.72 -20.18 22.54
CA PHE G 76 3.76 -20.95 23.22
C PHE G 76 5.16 -20.53 22.76
N ALA G 77 5.30 -20.09 21.52
CA ALA G 77 6.57 -19.50 21.11
C ALA G 77 6.98 -18.38 22.07
N ILE G 78 6.04 -17.47 22.36
CA ILE G 78 6.32 -16.43 23.36
C ILE G 78 6.53 -17.04 24.73
N TYR G 79 5.63 -17.93 25.16
CA TYR G 79 5.75 -18.52 26.49
C TYR G 79 7.14 -19.11 26.72
N ASP G 80 7.59 -19.97 25.79
CA ASP G 80 8.87 -20.65 25.98
C ASP G 80 10.04 -19.68 25.95
N THR G 81 9.94 -18.63 25.12
CA THR G 81 11.02 -17.65 25.11
C THR G 81 11.08 -16.89 26.43
N ILE G 82 9.91 -16.57 27.02
CA ILE G 82 9.88 -15.92 28.32
C ILE G 82 10.62 -16.76 29.35
N GLN G 83 10.30 -18.06 29.43
CA GLN G 83 10.92 -18.91 30.44
C GLN G 83 12.38 -19.22 30.10
N HIS G 84 12.77 -19.12 28.83
CA HIS G 84 14.16 -19.43 28.50
C HIS G 84 15.11 -18.33 28.97
N ILE G 85 14.77 -17.06 28.71
CA ILE G 85 15.71 -15.97 28.96
C ILE G 85 15.89 -15.76 30.46
N LYS G 86 17.00 -15.10 30.82
CA LYS G 86 17.37 -14.89 32.22
C LYS G 86 16.57 -13.77 32.88
N PRO G 87 16.42 -12.61 32.24
CA PRO G 87 15.69 -11.51 32.89
C PRO G 87 14.29 -11.96 33.30
N ASP G 88 13.82 -11.38 34.42
CA ASP G 88 12.41 -11.50 34.77
C ASP G 88 11.56 -10.76 33.74
N VAL G 89 10.42 -11.32 33.40
CA VAL G 89 9.45 -10.68 32.50
C VAL G 89 8.20 -10.39 33.32
N GLN G 90 7.92 -9.14 33.52
CA GLN G 90 6.70 -8.77 34.20
C GLN G 90 5.58 -8.70 33.18
N THR G 91 4.37 -8.92 33.64
CA THR G 91 3.21 -8.85 32.76
C THR G 91 2.15 -7.97 33.40
N ILE G 92 1.36 -7.32 32.55
CA ILE G 92 0.24 -6.53 33.04
C ILE G 92 -0.87 -6.59 32.02
N CYS G 93 -2.08 -6.84 32.48
CA CYS G 93 -3.24 -6.83 31.61
C CYS G 93 -3.78 -5.41 31.53
N ILE G 94 -3.79 -4.87 30.32
CA ILE G 94 -4.37 -3.58 30.01
C ILE G 94 -5.59 -3.86 29.15
N GLY G 95 -6.76 -3.37 29.59
CA GLY G 95 -7.97 -3.59 28.81
C GLY G 95 -8.54 -4.98 28.93
N MET G 96 -8.00 -5.92 28.16
N MET G 96 -8.00 -5.93 28.17
CA MET G 96 -8.50 -7.30 28.17
CA MET G 96 -8.49 -7.30 28.20
C MET G 96 -7.37 -8.25 27.79
C MET G 96 -7.38 -8.26 27.80
N ALA G 97 -7.33 -9.41 28.46
CA ALA G 97 -6.45 -10.51 28.08
C ALA G 97 -7.29 -11.78 28.01
N ALA G 98 -7.45 -12.33 26.81
CA ALA G 98 -8.23 -13.55 26.64
C ALA G 98 -7.41 -14.60 25.92
N SER G 99 -7.85 -15.86 26.04
CA SER G 99 -7.25 -16.96 25.25
C SER G 99 -5.75 -17.02 25.61
N MET G 100 -4.86 -17.18 24.63
CA MET G 100 -3.43 -17.18 24.91
C MET G 100 -2.96 -15.87 25.53
N GLY G 101 -3.75 -14.81 25.45
CA GLY G 101 -3.36 -13.56 26.10
C GLY G 101 -3.40 -13.67 27.61
N SER G 102 -4.41 -14.34 28.14
CA SER G 102 -4.47 -14.50 29.58
C SER G 102 -3.49 -15.59 30.04
N PHE G 103 -3.25 -16.59 29.19
CA PHE G 103 -2.23 -17.59 29.48
C PHE G 103 -0.87 -16.94 29.65
N LEU G 104 -0.49 -16.06 28.71
CA LEU G 104 0.78 -15.35 28.82
C LEU G 104 0.82 -14.39 30.00
N LEU G 105 -0.32 -13.76 30.33
CA LEU G 105 -0.37 -12.93 31.52
C LEU G 105 0.04 -13.72 32.75
N ALA G 106 -0.48 -14.94 32.87
CA ALA G 106 -0.17 -15.83 33.99
C ALA G 106 1.25 -16.40 33.91
N ALA G 107 1.94 -16.24 32.78
CA ALA G 107 3.29 -16.74 32.59
C ALA G 107 4.36 -15.76 33.04
N GLY G 108 3.99 -14.59 33.55
CA GLY G 108 4.99 -13.65 34.01
C GLY G 108 5.73 -14.14 35.25
N ALA G 109 6.85 -13.47 35.55
CA ALA G 109 7.61 -13.83 36.74
C ALA G 109 6.74 -13.72 37.99
N LYS G 110 6.73 -14.77 38.81
CA LYS G 110 5.84 -14.78 39.96
C LYS G 110 6.11 -13.57 40.85
N GLY G 111 5.05 -12.90 41.27
CA GLY G 111 5.15 -11.68 42.02
C GLY G 111 5.17 -10.41 41.18
N LYS G 112 5.29 -10.55 39.85
CA LYS G 112 5.36 -9.40 38.96
C LYS G 112 4.30 -9.50 37.86
N ARG G 113 3.16 -10.12 38.15
CA ARG G 113 2.03 -10.17 37.23
C ARG G 113 0.94 -9.25 37.75
N PHE G 114 0.49 -8.32 36.91
CA PHE G 114 -0.40 -7.24 37.32
C PHE G 114 -1.58 -7.10 36.36
N ALA G 115 -2.61 -6.41 36.82
CA ALA G 115 -3.68 -5.94 35.94
C ALA G 115 -4.13 -4.57 36.43
N LEU G 116 -4.56 -3.74 35.49
CA LEU G 116 -5.14 -2.46 35.85
C LEU G 116 -6.53 -2.70 36.44
N PRO G 117 -7.02 -1.79 37.29
CA PRO G 117 -8.21 -2.09 38.09
C PRO G 117 -9.40 -2.55 37.27
N ASN G 118 -9.62 -1.96 36.10
CA ASN G 118 -10.80 -2.26 35.30
C ASN G 118 -10.53 -3.19 34.13
N ALA G 119 -9.34 -3.79 34.07
CA ALA G 119 -9.05 -4.76 33.04
C ALA G 119 -9.86 -6.04 33.24
N GLU G 120 -10.09 -6.77 32.15
CA GLU G 120 -10.80 -8.05 32.16
C GLU G 120 -9.86 -9.16 31.72
N VAL G 121 -10.08 -10.35 32.27
CA VAL G 121 -9.34 -11.55 31.91
C VAL G 121 -10.34 -12.64 31.59
N MET G 122 -10.12 -13.38 30.50
CA MET G 122 -11.00 -14.47 30.13
C MET G 122 -10.17 -15.74 29.94
N ILE G 123 -10.63 -16.84 30.52
CA ILE G 123 -10.02 -18.15 30.32
C ILE G 123 -11.06 -19.08 29.71
N HIS G 124 -10.59 -20.04 28.92
CA HIS G 124 -11.49 -20.98 28.24
C HIS G 124 -10.64 -22.02 27.54
N GLN G 125 -11.30 -23.05 27.02
CA GLN G 125 -10.58 -24.13 26.37
C GLN G 125 -10.27 -23.78 24.92
N PRO G 126 -9.31 -24.46 24.32
CA PRO G 126 -8.89 -24.10 22.96
C PRO G 126 -9.95 -24.46 21.94
N LEU G 127 -9.90 -23.75 20.81
CA LEU G 127 -10.83 -23.96 19.71
C LEU G 127 -10.08 -24.57 18.53
N GLY G 128 -10.78 -25.39 17.77
CA GLY G 128 -10.16 -26.03 16.64
C GLY G 128 -11.21 -26.53 15.65
N GLY G 129 -10.75 -27.36 14.72
CA GLY G 129 -11.63 -27.92 13.72
C GLY G 129 -11.07 -29.20 13.14
N ALA G 130 -11.90 -29.86 12.34
CA ALA G 130 -11.53 -31.12 11.68
C ALA G 130 -12.60 -31.56 10.70
N GLN G 131 -12.20 -31.74 9.43
CA GLN G 131 -13.16 -32.15 8.38
C GLN G 131 -12.55 -33.26 7.52
N GLY G 132 -13.20 -34.42 7.44
CA GLY G 132 -12.69 -35.51 6.58
C GLY G 132 -13.09 -36.88 7.10
N GLN G 133 -12.26 -37.89 6.89
CA GLN G 133 -12.55 -39.25 7.31
C GLN G 133 -12.57 -39.37 8.83
N ALA G 134 -13.30 -40.40 9.31
CA ALA G 134 -13.34 -40.69 10.74
C ALA G 134 -11.94 -40.66 11.36
N THR G 135 -10.96 -41.31 10.73
CA THR G 135 -9.65 -41.37 11.37
C THR G 135 -8.97 -40.01 11.38
N GLU G 136 -9.28 -39.16 10.40
CA GLU G 136 -8.73 -37.81 10.38
C GLU G 136 -9.35 -36.96 11.49
N ILE G 137 -10.67 -37.12 11.71
CA ILE G 137 -11.33 -36.40 12.79
CA ILE G 137 -11.32 -36.39 12.78
C ILE G 137 -10.78 -36.83 14.14
N GLU G 138 -10.53 -38.13 14.31
CA GLU G 138 -9.98 -38.61 15.56
C GLU G 138 -8.59 -38.04 15.81
N ILE G 139 -7.79 -37.91 14.75
CA ILE G 139 -6.45 -37.35 14.91
C ILE G 139 -6.52 -35.92 15.40
N ALA G 140 -7.39 -35.11 14.76
CA ALA G 140 -7.54 -33.72 15.17
C ALA G 140 -8.12 -33.61 16.57
N ALA G 141 -9.02 -34.51 16.97
CA ALA G 141 -9.57 -34.46 18.32
C ALA G 141 -8.51 -34.79 19.36
N ASN G 142 -7.76 -35.89 19.13
CA ASN G 142 -6.71 -36.25 20.09
C ASN G 142 -5.70 -35.12 20.23
N HIS G 143 -5.38 -34.45 19.14
CA HIS G 143 -4.38 -33.39 19.19
C HIS G 143 -4.87 -32.19 19.99
N ILE G 144 -6.11 -31.75 19.75
CA ILE G 144 -6.59 -30.59 20.48
C ILE G 144 -6.86 -30.94 21.95
N LEU G 145 -7.16 -32.20 22.25
CA LEU G 145 -7.30 -32.60 23.65
C LEU G 145 -5.94 -32.63 24.35
N LYS G 146 -4.92 -33.15 23.67
CA LYS G 146 -3.57 -33.07 24.20
C LYS G 146 -3.16 -31.62 24.41
N THR G 147 -3.52 -30.73 23.48
CA THR G 147 -3.21 -29.31 23.65
C THR G 147 -3.87 -28.73 24.90
N ARG G 148 -5.14 -29.08 25.14
CA ARG G 148 -5.83 -28.54 26.30
C ARG G 148 -5.20 -29.03 27.60
N GLU G 149 -4.80 -30.30 27.64
CA GLU G 149 -4.10 -30.82 28.82
C GLU G 149 -2.79 -30.08 29.05
N LYS G 150 -2.04 -29.82 27.99
CA LYS G 150 -0.79 -29.07 28.14
C LYS G 150 -1.06 -27.69 28.72
N LEU G 151 -2.12 -27.02 28.25
CA LEU G 151 -2.45 -25.69 28.75
C LEU G 151 -2.93 -25.74 30.20
N ASN G 152 -3.79 -26.71 30.53
CA ASN G 152 -4.33 -26.83 31.88
C ASN G 152 -3.25 -27.22 32.87
N ARG G 153 -2.31 -28.07 32.45
CA ARG G 153 -1.20 -28.42 33.32
C ARG G 153 -0.41 -27.18 33.72
N ILE G 154 -0.01 -26.37 32.74
CA ILE G 154 0.78 -25.18 33.03
C ILE G 154 -0.03 -24.18 33.83
N LEU G 155 -1.29 -23.93 33.44
CA LEU G 155 -2.12 -23.00 34.20
C LEU G 155 -2.22 -23.43 35.66
N SER G 156 -2.32 -24.73 35.88
CA SER G 156 -2.41 -25.24 37.25
C SER G 156 -1.14 -24.91 38.02
N GLU G 157 0.02 -25.09 37.38
CA GLU G 157 1.28 -24.80 38.06
C GLU G 157 1.39 -23.31 38.40
N ARG G 158 0.99 -22.44 37.48
CA ARG G 158 1.23 -21.01 37.66
C ARG G 158 0.16 -20.32 38.50
N THR G 159 -1.03 -20.91 38.63
CA THR G 159 -2.07 -20.32 39.49
C THR G 159 -2.12 -20.96 40.87
N GLY G 160 -1.76 -22.23 40.99
CA GLY G 160 -1.97 -22.96 42.21
C GLY G 160 -3.25 -23.78 42.27
N GLN G 161 -4.13 -23.65 41.29
CA GLN G 161 -5.33 -24.46 41.25
C GLN G 161 -5.02 -25.88 40.79
N SER G 162 -5.85 -26.82 41.21
CA SER G 162 -5.74 -28.18 40.70
C SER G 162 -6.05 -28.22 39.20
N ILE G 163 -5.52 -29.24 38.54
CA ILE G 163 -5.81 -29.43 37.12
C ILE G 163 -7.30 -29.67 36.90
N GLU G 164 -7.96 -30.35 37.84
CA GLU G 164 -9.39 -30.59 37.70
C GLU G 164 -10.19 -29.29 37.82
N LYS G 165 -9.78 -28.39 38.72
CA LYS G 165 -10.45 -27.10 38.81
C LYS G 165 -10.27 -26.29 37.53
N ILE G 166 -9.05 -26.24 37.00
CA ILE G 166 -8.82 -25.53 35.76
C ILE G 166 -9.70 -26.09 34.65
N GLN G 167 -9.78 -27.41 34.55
CA GLN G 167 -10.61 -28.04 33.54
C GLN G 167 -12.05 -27.57 33.65
N LYS G 168 -12.57 -27.49 34.88
CA LYS G 168 -13.96 -27.11 35.10
C LYS G 168 -14.20 -25.64 34.80
N ASP G 169 -13.25 -24.77 35.18
CA ASP G 169 -13.45 -23.34 35.03
C ASP G 169 -13.25 -22.86 33.60
N THR G 170 -12.62 -23.66 32.74
CA THR G 170 -12.39 -23.28 31.36
C THR G 170 -13.32 -23.99 30.40
N ASP G 171 -14.25 -24.81 30.90
CA ASP G 171 -15.17 -25.51 30.02
C ASP G 171 -15.95 -24.52 29.16
N ARG G 172 -16.39 -23.41 29.74
CA ARG G 172 -17.05 -22.35 29.01
C ARG G 172 -16.28 -21.05 29.19
N ASP G 173 -16.61 -20.07 28.35
CA ASP G 173 -16.05 -18.74 28.50
C ASP G 173 -16.24 -18.26 29.93
N ASN G 174 -15.14 -17.84 30.57
CA ASN G 174 -15.12 -17.43 31.97
C ASN G 174 -14.50 -16.05 32.10
N PHE G 175 -15.33 -15.03 32.37
CA PHE G 175 -14.87 -13.65 32.47
C PHE G 175 -14.52 -13.32 33.92
N LEU G 176 -13.32 -12.78 34.13
CA LEU G 176 -12.82 -12.46 35.46
C LEU G 176 -12.47 -10.99 35.56
N THR G 177 -12.79 -10.37 36.70
CA THR G 177 -12.30 -9.04 37.02
C THR G 177 -10.83 -9.12 37.43
N ALA G 178 -10.19 -7.95 37.54
CA ALA G 178 -8.80 -7.92 37.97
C ALA G 178 -8.64 -8.53 39.36
N GLU G 179 -9.49 -8.10 40.31
CA GLU G 179 -9.44 -8.67 41.65
C GLU G 179 -9.65 -10.18 41.62
N GLU G 180 -10.58 -10.66 40.78
CA GLU G 180 -10.83 -12.10 40.71
C GLU G 180 -9.64 -12.83 40.09
N ALA G 181 -9.00 -12.21 39.11
CA ALA G 181 -7.81 -12.83 38.52
C ALA G 181 -6.71 -13.01 39.56
N LYS G 182 -6.60 -12.07 40.49
CA LYS G 182 -5.63 -12.21 41.57
C LYS G 182 -6.05 -13.33 42.51
N GLU G 183 -7.31 -13.32 42.95
CA GLU G 183 -7.81 -14.38 43.81
C GLU G 183 -7.64 -15.75 43.18
N TYR G 184 -7.73 -15.81 41.85
CA TYR G 184 -7.60 -17.06 41.11
C TYR G 184 -6.14 -17.49 40.96
N GLY G 185 -5.19 -16.58 41.12
CA GLY G 185 -3.79 -16.87 40.94
C GLY G 185 -3.23 -16.57 39.57
N LEU G 186 -4.01 -15.91 38.70
CA LEU G 186 -3.52 -15.56 37.37
C LEU G 186 -2.56 -14.37 37.41
N ILE G 187 -2.81 -13.42 38.32
CA ILE G 187 -1.91 -12.31 38.57
C ILE G 187 -1.62 -12.25 40.06
N ASP G 188 -0.64 -11.41 40.42
CA ASP G 188 -0.24 -11.25 41.81
C ASP G 188 -0.81 -10.01 42.48
N GLU G 189 -1.10 -8.96 41.70
CA GLU G 189 -1.54 -7.72 42.33
C GLU G 189 -2.32 -6.89 41.33
N VAL G 190 -3.34 -6.20 41.82
CA VAL G 190 -4.09 -5.23 41.03
C VAL G 190 -3.37 -3.88 41.16
N MET G 191 -2.81 -3.40 40.07
CA MET G 191 -2.03 -2.17 40.11
C MET G 191 -2.95 -0.97 40.28
N VAL G 192 -2.88 -0.32 41.43
CA VAL G 192 -3.80 0.78 41.76
C VAL G 192 -3.07 2.11 41.58
N PRO G 193 -3.79 3.22 41.44
CA PRO G 193 -3.13 4.51 41.25
C PRO G 193 -2.43 4.95 42.53
N GLU G 194 -1.14 5.29 42.40
CA GLU G 194 -0.39 5.87 43.52
C GLU G 194 -0.65 7.37 43.67
N THR G 195 -1.45 7.95 42.78
CA THR G 195 -1.97 9.29 42.93
C THR G 195 -3.44 9.20 43.35
N LYS G 196 -4.20 10.28 43.13
CA LYS G 196 -5.62 10.27 43.45
C LYS G 196 -6.32 9.13 42.73
#